data_4R57
#
_entry.id   4R57
#
_cell.length_a   176.732
_cell.length_b   176.732
_cell.length_c   67.045
_cell.angle_alpha   90.00
_cell.angle_beta   90.00
_cell.angle_gamma   120.00
#
_symmetry.space_group_name_H-M   'P 3'
#
loop_
_entity.id
_entity.type
_entity.pdbx_description
1 polymer 'Spermidine n1-acetyltransferase'
2 non-polymer 'ACETYL COENZYME *A'
3 non-polymer 'TETRAETHYLENE GLYCOL'
4 non-polymer DI(HYDROXYETHYL)ETHER
5 water water
#
_entity_poly.entity_id   1
_entity_poly.type   'polypeptide(L)'
_entity_poly.pdbx_seq_one_letter_code
;SNAMNSQLTLRALERGDLRFIHNLNNNRNIMSYWFEEPYESFDELEELYNKHIHDNAERRFVVEDAQKNLIGLVELIEIN
YIHRSAEFQIIIAPEHQGKGFARTLINRALDYSFTILNLHKIYLHVAVENPKAVHLYEECGFVEEGHLVEEFFINGRYQD
VKRMYILQSKYLNRSE
;
_entity_poly.pdbx_strand_id   A,B,C,D,E,F,G,H,I,J,K,L
#
loop_
_chem_comp.id
_chem_comp.type
_chem_comp.name
_chem_comp.formula
ACO non-polymer 'ACETYL COENZYME *A' 'C23 H38 N7 O17 P3 S'
PEG non-polymer DI(HYDROXYETHYL)ETHER 'C4 H10 O3'
PG4 non-polymer 'TETRAETHYLENE GLYCOL' 'C8 H18 O5'
#
# COMPACT_ATOMS: atom_id res chain seq x y z
N ASN A 5 -17.24 -29.19 3.87
CA ASN A 5 -18.39 -28.43 3.33
C ASN A 5 -19.16 -27.71 4.45
N SER A 6 -20.49 -27.57 4.30
CA SER A 6 -21.37 -26.89 5.28
C SER A 6 -21.60 -27.72 6.54
N GLN A 7 -21.29 -29.02 6.48
CA GLN A 7 -21.41 -29.94 7.62
C GLN A 7 -20.48 -29.52 8.77
N LEU A 8 -19.28 -29.07 8.42
CA LEU A 8 -18.13 -29.13 9.31
C LEU A 8 -18.17 -28.06 10.39
N THR A 9 -17.84 -28.47 11.62
CA THR A 9 -17.82 -27.58 12.79
C THR A 9 -16.60 -27.84 13.66
N LEU A 10 -16.11 -26.78 14.32
CA LEU A 10 -15.11 -26.88 15.37
C LEU A 10 -15.85 -26.76 16.72
N ARG A 11 -15.43 -27.56 17.72
CA ARG A 11 -15.84 -27.42 19.12
C ARG A 11 -14.64 -27.66 20.06
N ALA A 12 -14.77 -27.20 21.29
CA ALA A 12 -13.75 -27.36 22.30
C ALA A 12 -13.26 -28.81 22.37
N LEU A 13 -11.98 -28.93 22.70
CA LEU A 13 -11.36 -30.21 22.82
C LEU A 13 -11.80 -30.85 24.13
N GLU A 14 -12.31 -32.08 24.09
CA GLU A 14 -12.82 -32.79 25.30
C GLU A 14 -11.96 -34.00 25.66
N ARG A 15 -12.19 -34.54 26.84
CA ARG A 15 -11.38 -35.63 27.40
C ARG A 15 -11.56 -36.91 26.59
N GLY A 16 -12.79 -37.19 26.18
CA GLY A 16 -13.10 -38.31 25.33
C GLY A 16 -12.57 -38.20 23.92
N ASP A 17 -11.91 -37.08 23.58
CA ASP A 17 -11.26 -36.87 22.26
C ASP A 17 -9.80 -37.29 22.34
N LEU A 18 -9.27 -37.52 23.53
CA LEU A 18 -7.82 -37.73 23.68
C LEU A 18 -7.29 -39.01 23.01
N ARG A 19 -8.09 -40.06 22.89
CA ARG A 19 -7.63 -41.22 22.12
C ARG A 19 -7.27 -40.79 20.71
N PHE A 20 -8.16 -40.08 20.08
CA PHE A 20 -7.93 -39.54 18.74
C PHE A 20 -6.75 -38.56 18.68
N ILE A 21 -6.60 -37.74 19.70
CA ILE A 21 -5.46 -36.84 19.76
C ILE A 21 -4.15 -37.65 19.87
N HIS A 22 -4.07 -38.53 20.86
CA HIS A 22 -2.91 -39.39 21.11
C HIS A 22 -2.44 -40.14 19.87
N ASN A 23 -3.38 -40.72 19.15
CA ASN A 23 -3.18 -41.35 17.85
C ASN A 23 -2.34 -40.39 17.02
N LEU A 24 -2.91 -39.20 16.75
CA LEU A 24 -2.21 -38.18 15.95
C LEU A 24 -0.85 -37.73 16.56
N ASN A 25 -0.73 -37.69 17.87
CA ASN A 25 0.48 -37.15 18.45
C ASN A 25 1.63 -38.13 18.48
N ASN A 26 1.36 -39.41 18.23
CA ASN A 26 2.44 -40.38 18.01
C ASN A 26 2.63 -40.68 16.52
N ASN A 27 1.87 -40.02 15.65
CA ASN A 27 2.12 -40.18 14.22
C ASN A 27 3.32 -39.34 13.71
N ARG A 28 4.34 -40.03 13.24
CA ARG A 28 5.48 -39.36 12.66
C ARG A 28 5.19 -38.47 11.46
N ASN A 29 4.66 -39.04 10.38
N ASN A 29 4.65 -39.06 10.40
CA ASN A 29 4.49 -38.24 9.16
CA ASN A 29 4.42 -38.32 9.16
C ASN A 29 3.35 -37.22 9.27
C ASN A 29 3.42 -37.18 9.33
N ILE A 30 2.63 -37.25 10.40
CA ILE A 30 1.69 -36.18 10.78
C ILE A 30 2.42 -35.16 11.65
N MET A 31 3.00 -35.62 12.75
CA MET A 31 3.68 -34.72 13.69
C MET A 31 4.79 -33.90 13.03
N SER A 32 5.36 -34.42 11.94
CA SER A 32 6.48 -33.73 11.29
C SER A 32 6.14 -32.32 10.83
N TYR A 33 4.89 -32.06 10.47
CA TYR A 33 4.51 -30.72 9.95
C TYR A 33 3.99 -29.74 11.02
N TRP A 34 3.96 -30.21 12.26
CA TRP A 34 3.80 -29.37 13.44
C TRP A 34 5.14 -29.20 14.16
N PHE A 35 6.21 -29.71 13.59
CA PHE A 35 7.55 -29.52 14.15
C PHE A 35 7.70 -30.11 15.53
N GLU A 36 7.05 -31.26 15.70
CA GLU A 36 6.79 -31.84 17.03
C GLU A 36 7.29 -33.29 17.12
N GLU A 37 7.94 -33.65 18.22
CA GLU A 37 8.41 -35.04 18.36
C GLU A 37 7.22 -36.02 18.46
N PRO A 38 7.21 -37.10 17.64
CA PRO A 38 6.06 -38.05 17.66
C PRO A 38 6.15 -39.11 18.76
N TYR A 39 6.12 -38.64 20.00
CA TYR A 39 6.32 -39.48 21.18
C TYR A 39 5.46 -38.88 22.28
N GLU A 40 4.42 -39.56 22.73
CA GLU A 40 3.64 -39.02 23.87
C GLU A 40 2.73 -40.05 24.56
N SER A 41 3.05 -40.38 25.80
CA SER A 41 2.24 -41.33 26.63
C SER A 41 0.77 -40.91 26.56
N PHE A 42 -0.19 -41.83 26.61
CA PHE A 42 -1.55 -41.33 26.85
C PHE A 42 -1.54 -40.51 28.16
N ASP A 43 -0.63 -40.82 29.07
CA ASP A 43 -0.61 -40.15 30.36
C ASP A 43 -0.06 -38.75 30.39
N GLU A 44 0.93 -38.49 29.53
CA GLU A 44 1.45 -37.18 29.35
C GLU A 44 0.43 -36.33 28.61
N LEU A 45 -0.32 -36.91 27.67
CA LEU A 45 -1.46 -36.19 27.02
C LEU A 45 -2.45 -35.72 28.08
N GLU A 46 -2.92 -36.65 28.89
CA GLU A 46 -3.92 -36.33 29.90
C GLU A 46 -3.44 -35.19 30.82
N GLU A 47 -2.22 -35.27 31.36
CA GLU A 47 -1.66 -34.17 32.22
C GLU A 47 -1.60 -32.84 31.48
N LEU A 48 -1.01 -32.85 30.28
CA LEU A 48 -0.95 -31.69 29.41
C LEU A 48 -2.31 -31.16 28.95
N TYR A 49 -3.32 -32.01 29.01
CA TYR A 49 -4.65 -31.55 28.72
C TYR A 49 -5.16 -30.87 29.99
N ASN A 50 -5.00 -31.54 31.13
CA ASN A 50 -5.31 -30.91 32.41
C ASN A 50 -4.56 -29.54 32.53
N LYS A 51 -3.29 -29.49 32.11
CA LYS A 51 -2.56 -28.22 32.15
C LYS A 51 -3.33 -27.15 31.40
N HIS A 52 -3.67 -27.43 30.15
CA HIS A 52 -3.97 -26.33 29.24
C HIS A 52 -5.44 -25.91 29.10
N ILE A 53 -6.36 -26.66 29.75
CA ILE A 53 -7.75 -26.21 29.96
C ILE A 53 -7.77 -24.78 30.46
N HIS A 54 -7.13 -24.57 31.61
CA HIS A 54 -7.18 -23.28 32.25
C HIS A 54 -6.46 -22.18 31.45
N ASP A 55 -5.46 -22.58 30.63
CA ASP A 55 -4.57 -21.67 29.87
C ASP A 55 -5.32 -20.84 28.83
N ASN A 56 -5.67 -19.64 29.28
CA ASN A 56 -6.29 -18.57 28.49
C ASN A 56 -5.55 -18.24 27.20
N ALA A 57 -4.28 -18.65 27.11
CA ALA A 57 -3.46 -18.35 25.94
C ALA A 57 -3.67 -19.39 24.87
N GLU A 58 -4.56 -20.34 25.10
CA GLU A 58 -4.80 -21.29 24.02
C GLU A 58 -6.22 -21.77 23.93
N ARG A 59 -6.60 -22.11 22.72
CA ARG A 59 -7.85 -22.74 22.39
C ARG A 59 -7.60 -23.93 21.43
N ARG A 60 -7.99 -25.13 21.80
CA ARG A 60 -7.89 -26.28 20.91
C ARG A 60 -9.25 -26.78 20.56
N PHE A 61 -9.43 -27.07 19.30
CA PHE A 61 -10.69 -27.36 18.69
C PHE A 61 -10.59 -28.71 17.96
N VAL A 62 -11.57 -29.59 18.14
CA VAL A 62 -11.73 -30.73 17.22
C VAL A 62 -12.82 -30.36 16.22
N VAL A 63 -12.59 -30.78 14.98
CA VAL A 63 -13.54 -30.65 13.89
C VAL A 63 -14.31 -31.93 13.82
N GLU A 64 -15.62 -31.84 13.55
CA GLU A 64 -16.46 -33.00 13.34
C GLU A 64 -17.26 -32.83 12.03
N ASP A 65 -17.50 -33.92 11.30
CA ASP A 65 -18.40 -33.87 10.14
C ASP A 65 -19.85 -34.00 10.64
N ALA A 66 -20.82 -34.04 9.72
CA ALA A 66 -22.22 -34.11 10.11
C ALA A 66 -22.54 -35.32 10.98
N GLN A 67 -21.75 -36.39 10.84
CA GLN A 67 -21.94 -37.64 11.59
C GLN A 67 -21.03 -37.77 12.81
N LYS A 68 -20.35 -36.70 13.19
CA LYS A 68 -19.48 -36.65 14.38
C LYS A 68 -18.27 -37.61 14.30
N ASN A 69 -17.74 -37.78 13.09
CA ASN A 69 -16.44 -38.40 12.90
C ASN A 69 -15.40 -37.29 13.06
N LEU A 70 -14.36 -37.64 13.82
CA LEU A 70 -13.27 -36.71 14.14
C LEU A 70 -12.48 -36.55 12.86
N ILE A 71 -12.43 -35.33 12.38
CA ILE A 71 -11.91 -35.04 11.07
C ILE A 71 -10.51 -34.45 11.19
N GLY A 72 -10.28 -33.66 12.24
CA GLY A 72 -9.02 -33.06 12.49
C GLY A 72 -8.93 -32.23 13.77
N LEU A 73 -7.90 -31.41 13.83
CA LEU A 73 -7.61 -30.61 14.98
C LEU A 73 -7.32 -29.25 14.46
N VAL A 74 -7.93 -28.24 15.05
CA VAL A 74 -7.57 -26.85 14.78
C VAL A 74 -7.15 -26.25 16.13
N GLU A 75 -6.08 -25.47 16.11
CA GLU A 75 -5.59 -24.85 17.33
C GLU A 75 -5.25 -23.43 17.02
N LEU A 76 -5.47 -22.56 18.01
CA LEU A 76 -4.96 -21.19 18.05
C LEU A 76 -4.11 -21.12 19.30
N ILE A 77 -2.80 -20.93 19.18
CA ILE A 77 -1.93 -21.00 20.39
C ILE A 77 -1.10 -19.71 20.51
N GLU A 78 -0.29 -19.60 21.58
CA GLU A 78 0.32 -18.31 22.00
C GLU A 78 -0.56 -17.01 21.95
N ILE A 79 -1.84 -17.11 22.26
CA ILE A 79 -2.74 -15.92 22.12
C ILE A 79 -2.35 -14.84 23.13
N ASN A 80 -1.82 -13.70 22.64
CA ASN A 80 -1.42 -12.60 23.51
C ASN A 80 -2.44 -11.46 23.46
N TYR A 81 -2.89 -10.98 24.61
CA TYR A 81 -4.07 -10.13 24.61
C TYR A 81 -3.77 -8.62 24.54
N ILE A 82 -2.49 -8.26 24.65
CA ILE A 82 -1.94 -6.94 24.40
C ILE A 82 -1.73 -6.82 22.86
N HIS A 83 -0.89 -7.69 22.29
CA HIS A 83 -0.57 -7.62 20.86
C HIS A 83 -1.66 -8.19 19.95
N ARG A 84 -2.50 -9.08 20.48
CA ARG A 84 -3.70 -9.56 19.77
C ARG A 84 -3.30 -10.34 18.54
N SER A 85 -2.30 -11.18 18.74
CA SER A 85 -1.81 -12.11 17.77
C SER A 85 -1.93 -13.46 18.39
N ALA A 86 -2.03 -14.47 17.52
CA ALA A 86 -1.94 -15.90 17.93
C ALA A 86 -1.46 -16.71 16.74
N GLU A 87 -0.83 -17.86 17.02
CA GLU A 87 -0.35 -18.82 16.02
C GLU A 87 -1.42 -19.86 15.74
N PHE A 88 -1.63 -20.14 14.47
CA PHE A 88 -2.57 -21.12 14.00
C PHE A 88 -1.82 -22.37 13.50
N GLN A 89 -2.40 -23.54 13.83
CA GLN A 89 -1.88 -24.84 13.45
C GLN A 89 -3.07 -25.83 13.30
N ILE A 90 -3.08 -26.64 12.23
CA ILE A 90 -4.19 -27.54 11.92
C ILE A 90 -3.66 -28.90 11.50
N ILE A 91 -4.47 -29.91 11.74
CA ILE A 91 -4.24 -31.26 11.21
C ILE A 91 -5.58 -31.81 10.75
N ILE A 92 -5.62 -32.31 9.51
CA ILE A 92 -6.69 -33.24 9.10
C ILE A 92 -6.20 -34.69 9.18
N ALA A 93 -6.89 -35.50 9.97
CA ALA A 93 -6.67 -36.95 10.01
C ALA A 93 -6.31 -37.52 8.64
N PRO A 94 -5.30 -38.40 8.57
CA PRO A 94 -4.94 -39.01 7.28
C PRO A 94 -6.15 -39.51 6.41
N GLU A 95 -7.04 -40.31 6.99
CA GLU A 95 -8.18 -40.85 6.22
C GLU A 95 -9.23 -39.81 5.76
N HIS A 96 -9.03 -38.52 6.11
CA HIS A 96 -9.90 -37.43 5.60
C HIS A 96 -9.19 -36.35 4.79
N GLN A 97 -7.94 -36.57 4.37
CA GLN A 97 -7.29 -35.57 3.50
C GLN A 97 -7.79 -35.71 2.03
N GLY A 98 -7.51 -34.72 1.19
CA GLY A 98 -7.93 -34.78 -0.23
C GLY A 98 -9.43 -34.68 -0.50
N LYS A 99 -10.17 -34.08 0.43
CA LYS A 99 -11.62 -33.97 0.29
C LYS A 99 -12.05 -32.54 -0.08
N GLY A 100 -11.11 -31.60 0.01
CA GLY A 100 -11.43 -30.18 -0.19
C GLY A 100 -11.79 -29.48 1.11
N PHE A 101 -11.43 -30.12 2.24
CA PHE A 101 -11.78 -29.63 3.59
C PHE A 101 -10.96 -28.44 4.10
N ALA A 102 -9.76 -28.27 3.56
CA ALA A 102 -8.74 -27.47 4.19
C ALA A 102 -9.17 -26.03 4.36
N ARG A 103 -9.64 -25.40 3.29
CA ARG A 103 -10.02 -23.98 3.34
C ARG A 103 -11.15 -23.70 4.34
N THR A 104 -12.07 -24.64 4.47
CA THR A 104 -13.24 -24.48 5.35
C THR A 104 -12.73 -24.36 6.77
N LEU A 105 -11.77 -25.20 7.14
CA LEU A 105 -11.27 -25.25 8.50
C LEU A 105 -10.30 -24.13 8.84
N ILE A 106 -9.50 -23.72 7.86
CA ILE A 106 -8.69 -22.51 8.02
C ILE A 106 -9.68 -21.34 8.23
N ASN A 107 -10.72 -21.26 7.39
CA ASN A 107 -11.74 -20.19 7.47
C ASN A 107 -12.40 -20.12 8.83
N ARG A 108 -12.68 -21.30 9.40
CA ARG A 108 -13.20 -21.37 10.77
C ARG A 108 -12.25 -20.88 11.82
N ALA A 109 -10.96 -21.15 11.66
CA ALA A 109 -9.88 -20.64 12.53
C ALA A 109 -9.91 -19.14 12.55
N LEU A 110 -9.89 -18.57 11.34
CA LEU A 110 -9.94 -17.11 11.19
C LEU A 110 -11.28 -16.55 11.70
N ASP A 111 -12.39 -17.22 11.45
CA ASP A 111 -13.66 -16.71 11.97
C ASP A 111 -13.59 -16.57 13.48
N TYR A 112 -13.13 -17.61 14.14
CA TYR A 112 -13.08 -17.62 15.59
C TYR A 112 -12.16 -16.52 16.15
N SER A 113 -11.00 -16.41 15.52
CA SER A 113 -9.94 -15.44 15.88
C SER A 113 -10.43 -14.04 15.75
N PHE A 114 -11.22 -13.80 14.73
CA PHE A 114 -11.55 -12.42 14.38
C PHE A 114 -12.92 -11.96 14.83
N THR A 115 -13.85 -12.89 14.89
CA THR A 115 -15.22 -12.55 15.28
C THR A 115 -15.52 -12.90 16.72
N ILE A 116 -14.78 -13.85 17.30
CA ILE A 116 -14.95 -14.17 18.72
C ILE A 116 -13.80 -13.58 19.54
N LEU A 117 -12.58 -14.03 19.33
CA LEU A 117 -11.48 -13.57 20.18
C LEU A 117 -11.02 -12.16 19.88
N ASN A 118 -11.44 -11.61 18.73
CA ASN A 118 -11.21 -10.22 18.48
C ASN A 118 -9.70 -10.03 18.42
N LEU A 119 -9.06 -10.91 17.64
CA LEU A 119 -7.62 -10.80 17.36
C LEU A 119 -7.35 -9.91 16.15
N HIS A 120 -6.13 -9.36 16.10
CA HIS A 120 -5.66 -8.48 15.01
C HIS A 120 -4.81 -9.26 13.99
N LYS A 121 -4.01 -10.19 14.46
CA LYS A 121 -3.14 -10.91 13.54
C LYS A 121 -3.15 -12.38 13.83
N ILE A 122 -3.23 -13.21 12.78
CA ILE A 122 -3.04 -14.64 12.96
C ILE A 122 -1.85 -15.00 12.10
N TYR A 123 -0.89 -15.75 12.66
CA TYR A 123 0.26 -16.22 11.94
C TYR A 123 0.39 -17.75 12.03
N LEU A 124 1.14 -18.34 11.10
CA LEU A 124 1.49 -19.79 11.15
C LEU A 124 2.94 -20.03 10.69
N HIS A 125 3.40 -21.25 10.90
CA HIS A 125 4.69 -21.74 10.39
C HIS A 125 4.36 -22.97 9.58
N VAL A 126 4.92 -23.06 8.37
CA VAL A 126 4.69 -24.14 7.41
C VAL A 126 6.03 -24.45 6.75
N ALA A 127 6.27 -25.73 6.51
CA ALA A 127 7.56 -26.18 6.00
C ALA A 127 7.69 -25.74 4.54
N VAL A 128 8.88 -25.30 4.14
CA VAL A 128 9.05 -24.89 2.75
C VAL A 128 9.03 -26.13 1.83
N GLU A 129 9.00 -27.33 2.40
CA GLU A 129 8.92 -28.54 1.59
C GLU A 129 7.55 -29.18 1.68
N ASN A 130 6.57 -28.40 2.14
CA ASN A 130 5.16 -28.77 2.13
C ASN A 130 4.44 -27.71 1.27
N PRO A 131 4.72 -27.70 -0.05
CA PRO A 131 4.16 -26.67 -0.93
C PRO A 131 2.69 -26.44 -0.72
N LYS A 132 1.92 -27.52 -0.75
CA LYS A 132 0.47 -27.34 -0.88
C LYS A 132 -0.19 -27.08 0.47
N ALA A 133 0.57 -27.08 1.55
CA ALA A 133 0.09 -26.40 2.73
C ALA A 133 0.33 -24.92 2.47
N VAL A 134 1.53 -24.58 1.98
CA VAL A 134 1.88 -23.16 1.67
C VAL A 134 0.87 -22.51 0.73
N HIS A 135 0.41 -23.27 -0.27
N HIS A 135 0.40 -23.22 -0.30
CA HIS A 135 -0.52 -22.78 -1.28
CA HIS A 135 -0.54 -22.61 -1.25
C HIS A 135 -1.99 -22.63 -0.81
C HIS A 135 -2.02 -22.60 -0.81
N LEU A 136 -2.46 -23.50 0.08
CA LEU A 136 -3.82 -23.35 0.68
C LEU A 136 -3.94 -22.11 1.57
N TYR A 137 -2.84 -21.78 2.23
CA TYR A 137 -2.78 -20.65 3.13
C TYR A 137 -2.86 -19.41 2.29
N GLU A 138 -2.09 -19.36 1.21
CA GLU A 138 -2.21 -18.27 0.25
C GLU A 138 -3.67 -18.01 -0.16
N GLU A 139 -4.36 -19.04 -0.62
CA GLU A 139 -5.76 -18.88 -1.04
C GLU A 139 -6.75 -18.49 0.07
N CYS A 140 -6.33 -18.62 1.33
CA CYS A 140 -7.09 -18.11 2.45
C CYS A 140 -6.66 -16.68 2.87
N GLY A 141 -5.65 -16.10 2.21
CA GLY A 141 -5.19 -14.71 2.47
C GLY A 141 -3.85 -14.53 3.19
N PHE A 142 -3.21 -15.63 3.55
CA PHE A 142 -1.95 -15.58 4.30
C PHE A 142 -0.82 -15.17 3.34
N VAL A 143 0.05 -14.30 3.81
CA VAL A 143 1.18 -13.85 2.99
C VAL A 143 2.44 -14.09 3.83
N GLU A 144 3.54 -14.34 3.13
CA GLU A 144 4.80 -14.65 3.77
C GLU A 144 5.35 -13.37 4.36
N GLU A 145 5.75 -13.40 5.64
CA GLU A 145 6.49 -12.29 6.32
C GLU A 145 7.95 -12.69 6.62
N GLY A 146 8.29 -13.97 6.42
CA GLY A 146 9.64 -14.46 6.76
C GLY A 146 9.95 -15.89 6.33
N HIS A 147 11.23 -16.16 6.07
CA HIS A 147 11.76 -17.48 5.67
C HIS A 147 12.77 -17.90 6.75
N LEU A 148 12.35 -18.77 7.67
CA LEU A 148 13.20 -19.08 8.80
C LEU A 148 14.24 -20.11 8.43
N VAL A 149 15.50 -19.68 8.37
CA VAL A 149 16.57 -20.48 7.78
C VAL A 149 16.97 -21.54 8.79
N GLU A 150 16.81 -22.81 8.39
CA GLU A 150 17.28 -23.97 9.13
C GLU A 150 16.69 -24.02 10.55
N GLU A 151 15.36 -23.88 10.66
CA GLU A 151 14.71 -23.57 11.93
C GLU A 151 14.48 -24.78 12.78
N PHE A 152 14.08 -25.88 12.14
CA PHE A 152 13.83 -27.11 12.83
C PHE A 152 14.63 -28.24 12.21
N PHE A 153 15.08 -29.20 13.06
CA PHE A 153 15.58 -30.52 12.63
C PHE A 153 14.36 -31.45 12.49
N ILE A 154 14.18 -31.96 11.30
CA ILE A 154 13.09 -32.85 10.99
C ILE A 154 13.56 -33.87 9.97
N ASN A 155 13.44 -35.14 10.31
CA ASN A 155 13.80 -36.24 9.40
C ASN A 155 15.24 -36.23 8.97
N GLY A 156 16.15 -36.03 9.93
CA GLY A 156 17.56 -36.13 9.65
C GLY A 156 18.24 -34.85 9.20
N ARG A 157 17.50 -33.74 9.10
CA ARG A 157 18.10 -32.47 8.68
C ARG A 157 17.33 -31.21 9.08
N TYR A 158 18.07 -30.09 9.03
CA TYR A 158 17.58 -28.77 9.37
C TYR A 158 16.83 -28.30 8.19
N GLN A 159 15.61 -27.89 8.40
CA GLN A 159 14.74 -27.46 7.35
C GLN A 159 14.24 -26.02 7.52
N ASP A 160 13.87 -25.38 6.41
CA ASP A 160 13.39 -24.02 6.39
C ASP A 160 11.90 -23.96 6.39
N VAL A 161 11.39 -23.06 7.20
CA VAL A 161 9.98 -22.83 7.31
C VAL A 161 9.61 -21.40 6.97
N LYS A 162 8.42 -21.23 6.44
CA LYS A 162 7.80 -19.98 6.14
C LYS A 162 7.03 -19.46 7.31
N ARG A 163 7.13 -18.18 7.61
CA ARG A 163 6.24 -17.57 8.56
C ARG A 163 5.24 -16.80 7.73
N MET A 164 3.94 -17.01 7.98
CA MET A 164 2.89 -16.40 7.14
C MET A 164 1.80 -15.79 8.02
N TYR A 165 1.08 -14.80 7.50
CA TYR A 165 0.15 -14.05 8.37
C TYR A 165 -1.03 -13.42 7.69
N ILE A 166 -2.05 -13.16 8.47
CA ILE A 166 -3.23 -12.53 7.95
C ILE A 166 -3.77 -11.64 9.07
N LEU A 167 -4.12 -10.39 8.74
CA LEU A 167 -4.68 -9.42 9.69
C LEU A 167 -6.20 -9.51 9.79
N GLN A 168 -6.73 -9.00 10.91
CA GLN A 168 -8.16 -8.96 11.16
C GLN A 168 -8.86 -8.14 10.08
N SER A 169 -8.38 -6.91 9.87
CA SER A 169 -9.09 -6.03 8.92
C SER A 169 -9.19 -6.67 7.51
N LYS A 170 -8.10 -7.27 7.04
CA LYS A 170 -8.10 -7.88 5.72
C LYS A 170 -9.10 -9.03 5.65
N TYR A 171 -9.03 -9.94 6.63
CA TYR A 171 -9.93 -11.06 6.65
C TYR A 171 -11.38 -10.57 6.54
N LEU A 172 -11.75 -9.66 7.44
CA LEU A 172 -13.16 -9.28 7.64
C LEU A 172 -13.76 -8.33 6.58
N ASN A 173 -12.99 -7.89 5.58
CA ASN A 173 -13.53 -6.98 4.52
C ASN A 173 -13.00 -7.24 3.10
N ARG A 174 -12.88 -8.51 2.72
CA ARG A 174 -12.39 -8.88 1.39
C ARG A 174 -13.44 -9.67 0.58
N ASN B 5 36.39 -3.44 28.01
CA ASN B 5 36.73 -4.13 26.71
C ASN B 5 36.67 -5.67 26.87
N SER B 6 37.74 -6.27 27.38
CA SER B 6 37.72 -7.67 27.83
C SER B 6 37.42 -7.62 29.32
N GLN B 7 37.08 -6.42 29.77
CA GLN B 7 36.78 -6.09 31.13
C GLN B 7 35.31 -6.36 31.49
N LEU B 8 34.58 -7.06 30.62
CA LEU B 8 33.15 -7.38 30.87
C LEU B 8 33.01 -8.85 31.21
N THR B 9 32.38 -9.16 32.33
CA THR B 9 32.13 -10.55 32.73
C THR B 9 30.66 -10.82 32.51
N LEU B 10 30.33 -12.01 32.06
CA LEU B 10 28.94 -12.45 32.15
C LEU B 10 28.86 -13.54 33.21
N ARG B 11 27.76 -13.55 33.96
CA ARG B 11 27.55 -14.54 35.00
C ARG B 11 26.05 -14.72 35.25
N ALA B 12 25.69 -15.80 35.92
CA ALA B 12 24.28 -16.13 36.24
C ALA B 12 23.63 -15.06 37.12
N LEU B 13 22.35 -14.80 36.86
CA LEU B 13 21.63 -13.77 37.59
C LEU B 13 21.36 -14.35 38.96
N GLU B 14 21.68 -13.60 40.01
N GLU B 14 21.69 -13.61 40.01
CA GLU B 14 21.46 -14.01 41.39
CA GLU B 14 21.40 -14.03 41.38
C GLU B 14 20.32 -13.16 42.00
C GLU B 14 20.26 -13.20 41.96
N ARG B 15 19.81 -13.61 43.14
CA ARG B 15 18.76 -12.92 43.87
C ARG B 15 19.11 -11.43 44.16
N GLY B 16 20.38 -11.15 44.39
CA GLY B 16 20.84 -9.78 44.66
C GLY B 16 20.93 -8.86 43.44
N ASP B 17 20.64 -9.39 42.27
CA ASP B 17 20.58 -8.58 41.08
C ASP B 17 19.13 -8.16 40.81
N LEU B 18 18.19 -8.62 41.64
CA LEU B 18 16.74 -8.39 41.36
C LEU B 18 16.23 -6.94 41.47
N ARG B 19 16.69 -6.18 42.46
N ARG B 19 16.66 -6.14 42.43
CA ARG B 19 16.38 -4.76 42.50
CA ARG B 19 16.25 -4.72 42.40
C ARG B 19 16.79 -4.14 41.16
C ARG B 19 16.83 -4.03 41.16
N PHE B 20 17.96 -4.52 40.66
CA PHE B 20 18.44 -4.03 39.40
C PHE B 20 17.55 -4.49 38.23
N ILE B 21 17.20 -5.77 38.18
CA ILE B 21 16.35 -6.27 37.10
C ILE B 21 14.97 -5.58 37.15
N HIS B 22 14.35 -5.64 38.31
CA HIS B 22 13.12 -4.86 38.57
C HIS B 22 13.08 -3.41 38.02
N ASN B 23 14.05 -2.59 38.40
CA ASN B 23 14.13 -1.24 37.87
C ASN B 23 14.09 -1.20 36.33
N LEU B 24 14.77 -2.14 35.70
CA LEU B 24 14.76 -2.22 34.23
C LEU B 24 13.37 -2.71 33.72
N ASN B 25 12.79 -3.65 34.43
CA ASN B 25 11.49 -4.19 34.02
C ASN B 25 10.30 -3.21 34.23
N ASN B 26 10.57 -2.05 34.83
CA ASN B 26 9.58 -1.02 34.94
C ASN B 26 9.98 0.25 34.22
N ASN B 27 11.01 0.20 33.37
CA ASN B 27 11.33 1.33 32.51
C ASN B 27 10.63 1.08 31.19
N ARG B 28 9.75 1.99 30.81
CA ARG B 28 8.95 1.81 29.60
C ARG B 28 9.84 1.97 28.39
N ASN B 29 10.68 2.99 28.38
CA ASN B 29 11.56 3.20 27.25
C ASN B 29 12.40 1.92 27.00
N ILE B 30 13.01 1.35 28.03
CA ILE B 30 13.88 0.17 27.87
C ILE B 30 13.07 -1.06 27.41
N MET B 31 11.99 -1.34 28.12
CA MET B 31 11.08 -2.46 27.85
C MET B 31 10.33 -2.39 26.51
N SER B 32 10.25 -1.20 25.94
CA SER B 32 9.65 -1.05 24.62
C SER B 32 10.42 -1.91 23.65
N TYR B 33 11.74 -1.84 23.73
CA TYR B 33 12.60 -2.57 22.80
C TYR B 33 12.57 -4.09 22.98
N TRP B 34 11.78 -4.54 23.92
CA TRP B 34 11.69 -5.93 24.22
C TRP B 34 10.29 -6.44 23.99
N PHE B 35 9.40 -5.56 23.63
CA PHE B 35 8.05 -5.92 23.25
C PHE B 35 7.23 -6.41 24.43
N GLU B 36 7.18 -5.58 25.46
CA GLU B 36 7.14 -5.97 26.84
C GLU B 36 6.42 -4.99 27.77
N GLU B 37 5.45 -5.45 28.56
CA GLU B 37 4.74 -4.48 29.39
C GLU B 37 5.61 -3.97 30.53
N PRO B 38 5.70 -2.64 30.71
CA PRO B 38 6.59 -2.07 31.75
C PRO B 38 5.95 -2.01 33.14
N TYR B 39 5.46 -3.16 33.60
CA TYR B 39 4.85 -3.23 34.91
C TYR B 39 5.23 -4.58 35.56
N GLU B 40 5.85 -4.51 36.73
CA GLU B 40 6.27 -5.71 37.41
C GLU B 40 6.60 -5.38 38.85
N SER B 41 5.73 -5.78 39.76
CA SER B 41 5.98 -5.63 41.18
C SER B 41 7.22 -6.49 41.54
N PHE B 42 7.91 -6.17 42.63
CA PHE B 42 9.12 -6.92 42.98
C PHE B 42 8.81 -8.39 43.25
N ASP B 43 7.63 -8.61 43.80
CA ASP B 43 7.22 -9.90 44.31
C ASP B 43 6.99 -10.84 43.17
N GLU B 44 6.50 -10.24 42.07
CA GLU B 44 6.20 -10.97 40.86
C GLU B 44 7.49 -11.35 40.17
N LEU B 45 8.44 -10.41 40.10
CA LEU B 45 9.79 -10.74 39.61
C LEU B 45 10.41 -11.89 40.42
N GLU B 46 10.40 -11.82 41.75
CA GLU B 46 11.05 -12.86 42.56
C GLU B 46 10.34 -14.22 42.42
N GLU B 47 9.02 -14.22 42.20
CA GLU B 47 8.31 -15.46 41.86
C GLU B 47 8.74 -16.00 40.50
N LEU B 48 8.97 -15.11 39.53
CA LEU B 48 9.40 -15.53 38.20
C LEU B 48 10.82 -16.07 38.20
N TYR B 49 11.68 -15.43 39.00
CA TYR B 49 13.04 -15.88 39.21
C TYR B 49 13.04 -17.23 39.88
N ASN B 50 12.30 -17.36 40.98
CA ASN B 50 12.13 -18.64 41.67
C ASN B 50 11.68 -19.74 40.70
N LYS B 51 10.83 -19.39 39.74
CA LYS B 51 10.38 -20.36 38.72
C LYS B 51 11.50 -20.81 37.76
N HIS B 52 12.15 -19.85 37.13
CA HIS B 52 13.15 -20.15 36.09
C HIS B 52 14.46 -20.70 36.65
N ILE B 53 14.63 -20.56 37.96
CA ILE B 53 15.58 -21.33 38.75
C ILE B 53 15.68 -22.76 38.23
N HIS B 54 14.55 -23.32 37.78
CA HIS B 54 14.50 -24.68 37.28
C HIS B 54 14.03 -24.84 35.82
N ASP B 55 14.33 -23.86 34.96
CA ASP B 55 13.98 -24.00 33.57
C ASP B 55 15.30 -24.14 32.79
N ASN B 56 15.63 -25.37 32.41
CA ASN B 56 16.79 -25.66 31.55
C ASN B 56 16.66 -25.07 30.14
N ALA B 57 15.44 -24.62 29.86
CA ALA B 57 15.10 -23.85 28.65
C ALA B 57 15.42 -22.35 28.68
N GLU B 58 15.99 -21.84 29.80
CA GLU B 58 16.37 -20.44 29.85
C GLU B 58 17.63 -20.12 30.70
N ARG B 59 18.37 -19.10 30.25
CA ARG B 59 19.57 -18.62 30.92
C ARG B 59 19.57 -17.16 30.92
N ARG B 60 19.84 -16.61 32.11
CA ARG B 60 19.84 -15.19 32.32
C ARG B 60 21.19 -14.79 32.92
N PHE B 61 21.79 -13.73 32.35
CA PHE B 61 23.14 -13.29 32.65
C PHE B 61 23.17 -11.83 33.02
N VAL B 62 23.80 -11.50 34.15
CA VAL B 62 24.09 -10.08 34.39
C VAL B 62 25.44 -9.80 33.78
N VAL B 63 25.61 -8.60 33.28
CA VAL B 63 26.87 -8.15 32.79
C VAL B 63 27.56 -7.37 33.88
N GLU B 64 28.82 -7.68 34.18
CA GLU B 64 29.59 -6.85 35.10
C GLU B 64 30.89 -6.32 34.51
N ASP B 65 31.31 -5.14 34.93
CA ASP B 65 32.65 -4.68 34.55
C ASP B 65 33.64 -5.08 35.65
N ALA B 66 34.90 -4.65 35.49
CA ALA B 66 35.99 -4.95 36.43
C ALA B 66 35.62 -4.59 37.86
N GLN B 67 35.26 -3.32 38.05
CA GLN B 67 34.84 -2.83 39.36
C GLN B 67 33.54 -3.52 39.79
N LYS B 68 32.93 -4.26 38.85
CA LYS B 68 31.68 -4.97 39.07
C LYS B 68 30.56 -3.94 39.29
N ASN B 69 30.42 -3.03 38.32
CA ASN B 69 29.18 -2.32 38.06
C ASN B 69 28.26 -3.16 37.16
N LEU B 70 26.97 -3.21 37.50
CA LEU B 70 25.94 -3.94 36.75
C LEU B 70 25.59 -3.18 35.48
N ILE B 71 26.02 -3.69 34.34
CA ILE B 71 25.89 -2.97 33.08
C ILE B 71 24.57 -3.31 32.41
N GLY B 72 24.08 -4.52 32.61
CA GLY B 72 22.98 -4.97 31.77
C GLY B 72 22.55 -6.39 32.00
N LEU B 73 21.66 -6.83 31.11
CA LEU B 73 21.15 -8.18 31.10
C LEU B 73 21.30 -8.76 29.71
N VAL B 74 21.56 -10.06 29.68
CA VAL B 74 21.56 -10.83 28.46
C VAL B 74 20.81 -12.13 28.78
N GLU B 75 20.00 -12.60 27.84
CA GLU B 75 19.19 -13.79 28.06
C GLU B 75 19.23 -14.66 26.86
N LEU B 76 19.27 -15.95 27.12
CA LEU B 76 18.94 -16.97 26.17
C LEU B 76 17.69 -17.69 26.65
N ILE B 77 16.61 -17.55 25.90
CA ILE B 77 15.33 -18.05 26.33
C ILE B 77 14.88 -19.02 25.25
N GLU B 78 13.88 -19.82 25.61
CA GLU B 78 13.25 -20.77 24.68
C GLU B 78 14.28 -21.70 24.07
N ILE B 79 15.26 -22.09 24.86
CA ILE B 79 16.24 -23.02 24.36
C ILE B 79 15.55 -24.35 24.09
N ASN B 80 15.81 -24.92 22.94
CA ASN B 80 15.12 -26.13 22.47
C ASN B 80 16.19 -27.15 22.19
N TYR B 81 16.11 -28.31 22.80
CA TYR B 81 17.27 -29.20 22.66
C TYR B 81 17.15 -30.32 21.58
N ILE B 82 16.01 -30.41 20.88
CA ILE B 82 15.95 -31.14 19.59
C ILE B 82 16.48 -30.23 18.49
N HIS B 83 15.95 -29.01 18.47
CA HIS B 83 16.20 -28.13 17.36
C HIS B 83 17.44 -27.31 17.50
N ARG B 84 17.92 -27.23 18.74
CA ARG B 84 19.17 -26.55 19.12
C ARG B 84 19.08 -25.08 18.72
N SER B 85 18.08 -24.38 19.24
CA SER B 85 17.83 -22.98 18.88
C SER B 85 17.31 -22.25 20.08
N ALA B 86 17.63 -20.97 20.21
CA ALA B 86 17.20 -20.18 21.34
C ALA B 86 17.10 -18.78 20.88
N GLU B 87 16.25 -18.01 21.57
CA GLU B 87 16.19 -16.58 21.40
C GLU B 87 17.11 -15.78 22.35
N PHE B 88 17.84 -14.83 21.74
CA PHE B 88 18.78 -13.91 22.37
C PHE B 88 18.11 -12.57 22.60
N GLN B 89 18.29 -12.00 23.77
CA GLN B 89 17.94 -10.60 23.97
C GLN B 89 18.90 -9.99 24.94
N ILE B 90 19.06 -8.68 24.79
CA ILE B 90 20.05 -7.89 25.53
C ILE B 90 19.41 -6.56 25.93
N ILE B 91 19.68 -6.19 27.17
CA ILE B 91 19.51 -4.82 27.65
C ILE B 91 20.86 -4.33 28.13
N ILE B 92 21.22 -3.09 27.82
CA ILE B 92 22.24 -2.33 28.56
C ILE B 92 21.51 -1.27 29.44
N ALA B 93 21.99 -1.04 30.66
CA ALA B 93 21.42 0.00 31.55
C ALA B 93 21.51 1.40 30.93
N PRO B 94 20.41 2.22 31.00
CA PRO B 94 20.48 3.59 30.47
C PRO B 94 21.80 4.27 30.80
N GLU B 95 22.22 4.19 32.07
CA GLU B 95 23.44 4.85 32.55
C GLU B 95 24.70 4.35 31.86
N HIS B 96 24.71 3.11 31.38
CA HIS B 96 25.87 2.57 30.66
C HIS B 96 25.73 2.53 29.15
N GLN B 97 24.84 3.35 28.58
CA GLN B 97 24.66 3.37 27.14
C GLN B 97 25.77 4.11 26.42
N GLY B 98 26.05 3.70 25.18
CA GLY B 98 26.85 4.50 24.25
C GLY B 98 28.33 4.56 24.55
N LYS B 99 28.90 3.46 25.03
CA LYS B 99 30.32 3.34 25.38
C LYS B 99 30.94 2.22 24.55
N GLY B 100 30.34 1.91 23.39
CA GLY B 100 30.67 0.73 22.60
C GLY B 100 30.82 -0.54 23.44
N PHE B 101 29.82 -0.84 24.26
CA PHE B 101 29.81 -2.09 25.06
C PHE B 101 29.02 -3.26 24.43
N ALA B 102 27.99 -2.93 23.64
CA ALA B 102 27.01 -3.97 23.19
C ALA B 102 27.55 -5.07 22.30
N ARG B 103 28.47 -4.74 21.39
CA ARG B 103 29.11 -5.74 20.53
C ARG B 103 29.81 -6.87 21.29
N THR B 104 30.39 -6.49 22.43
CA THR B 104 31.05 -7.40 23.32
C THR B 104 30.07 -8.28 24.08
N LEU B 105 28.90 -7.73 24.42
CA LEU B 105 27.90 -8.51 25.10
C LEU B 105 27.23 -9.50 24.18
N ILE B 106 27.20 -9.12 22.92
CA ILE B 106 26.59 -9.95 21.91
C ILE B 106 27.47 -11.14 21.60
N ASN B 107 28.77 -10.91 21.43
CA ASN B 107 29.69 -11.96 21.00
C ASN B 107 29.89 -12.84 22.21
N ARG B 108 29.70 -12.23 23.36
CA ARG B 108 29.65 -13.02 24.58
C ARG B 108 28.51 -14.01 24.63
N ALA B 109 27.28 -13.58 24.42
CA ALA B 109 26.15 -14.51 24.45
C ALA B 109 26.18 -15.54 23.30
N LEU B 110 26.67 -15.10 22.14
CA LEU B 110 26.92 -16.02 21.05
C LEU B 110 27.92 -17.09 21.50
N ASP B 111 29.01 -16.70 22.15
CA ASP B 111 30.02 -17.69 22.52
C ASP B 111 29.46 -18.68 23.54
N TYR B 112 28.68 -18.23 24.50
CA TYR B 112 27.99 -19.13 25.37
C TYR B 112 27.10 -20.11 24.63
N SER B 113 26.35 -19.61 23.66
CA SER B 113 25.36 -20.40 22.94
C SER B 113 26.06 -21.47 22.16
N PHE B 114 27.15 -21.08 21.50
CA PHE B 114 27.83 -21.93 20.52
C PHE B 114 28.95 -22.77 21.07
N THR B 115 29.71 -22.22 22.04
CA THR B 115 30.88 -22.91 22.60
C THR B 115 30.55 -23.66 23.86
N ILE B 116 29.51 -23.28 24.61
CA ILE B 116 29.08 -24.03 25.77
C ILE B 116 27.76 -24.76 25.53
N LEU B 117 26.69 -24.05 25.11
CA LEU B 117 25.37 -24.73 25.04
C LEU B 117 25.27 -25.57 23.78
N ASN B 118 26.30 -25.50 22.95
CA ASN B 118 26.38 -26.27 21.74
C ASN B 118 25.14 -26.12 20.90
N LEU B 119 24.63 -24.91 20.81
CA LEU B 119 23.43 -24.61 20.03
C LEU B 119 23.79 -24.47 18.58
N HIS B 120 22.75 -24.49 17.74
CA HIS B 120 22.85 -24.46 16.28
C HIS B 120 22.49 -23.11 15.73
N LYS B 121 21.41 -22.51 16.22
CA LYS B 121 20.96 -21.21 15.65
C LYS B 121 20.58 -20.29 16.80
N ILE B 122 20.99 -19.04 16.74
CA ILE B 122 20.42 -18.08 17.58
C ILE B 122 19.70 -17.13 16.69
N TYR B 123 18.48 -16.79 17.13
CA TYR B 123 17.71 -15.67 16.56
C TYR B 123 17.46 -14.51 17.55
N LEU B 124 17.02 -13.37 17.05
CA LEU B 124 16.51 -12.31 17.93
C LEU B 124 15.38 -11.62 17.21
N HIS B 125 14.67 -10.72 17.91
CA HIS B 125 13.65 -9.84 17.31
C HIS B 125 13.99 -8.39 17.59
N VAL B 126 14.08 -7.56 16.56
CA VAL B 126 14.46 -6.16 16.76
C VAL B 126 13.60 -5.19 15.95
N ALA B 127 13.24 -4.07 16.57
CA ALA B 127 12.37 -3.13 15.91
C ALA B 127 12.92 -2.68 14.55
N VAL B 128 12.06 -2.69 13.53
CA VAL B 128 12.38 -2.09 12.23
C VAL B 128 12.62 -0.57 12.37
N GLU B 129 12.19 0.00 13.49
CA GLU B 129 12.35 1.44 13.75
C GLU B 129 13.65 1.69 14.50
N ASN B 130 14.46 0.64 14.69
CA ASN B 130 15.71 0.71 15.42
C ASN B 130 16.86 0.24 14.53
N PRO B 131 17.07 0.93 13.37
CA PRO B 131 18.13 0.57 12.42
C PRO B 131 19.55 0.63 12.99
N LYS B 132 19.72 1.20 14.16
CA LYS B 132 21.02 1.23 14.82
C LYS B 132 21.30 -0.07 15.55
N ALA B 133 20.29 -0.63 16.22
CA ALA B 133 20.42 -1.98 16.78
C ALA B 133 20.58 -3.06 15.68
N VAL B 134 19.89 -2.86 14.56
CA VAL B 134 19.91 -3.81 13.43
C VAL B 134 21.32 -3.86 12.82
N HIS B 135 21.86 -2.68 12.50
CA HIS B 135 23.29 -2.42 12.24
C HIS B 135 24.21 -3.18 13.18
N LEU B 136 23.91 -3.05 14.46
CA LEU B 136 24.67 -3.70 15.53
C LEU B 136 24.73 -5.21 15.30
N TYR B 137 23.56 -5.77 15.10
CA TYR B 137 23.45 -7.20 14.91
C TYR B 137 24.12 -7.62 13.65
N GLU B 138 23.99 -6.82 12.59
CA GLU B 138 24.58 -7.20 11.31
C GLU B 138 26.11 -7.32 11.45
N GLU B 139 26.74 -6.36 12.16
CA GLU B 139 28.18 -6.41 12.43
C GLU B 139 28.67 -7.64 13.21
N CYS B 140 27.81 -8.17 14.08
CA CYS B 140 28.12 -9.37 14.86
C CYS B 140 27.66 -10.67 14.15
N GLY B 141 27.12 -10.53 12.93
CA GLY B 141 26.85 -11.64 11.99
C GLY B 141 25.42 -12.13 11.80
N PHE B 142 24.47 -11.35 12.31
CA PHE B 142 23.05 -11.70 12.25
C PHE B 142 22.41 -11.36 10.91
N VAL B 143 21.59 -12.26 10.41
CA VAL B 143 21.05 -12.18 9.07
C VAL B 143 19.54 -12.06 9.26
N GLU B 144 18.93 -11.04 8.66
CA GLU B 144 17.48 -10.91 8.62
C GLU B 144 16.79 -12.10 7.88
N GLU B 145 15.88 -12.79 8.58
CA GLU B 145 15.15 -13.90 7.95
C GLU B 145 13.61 -13.65 7.92
N GLY B 146 13.14 -12.54 8.49
CA GLY B 146 11.73 -12.18 8.42
C GLY B 146 11.44 -10.71 8.70
N HIS B 147 10.34 -10.24 8.12
CA HIS B 147 9.88 -8.91 8.38
C HIS B 147 8.42 -9.06 8.85
N LEU B 148 8.22 -9.03 10.16
CA LEU B 148 6.96 -9.41 10.69
C LEU B 148 6.04 -8.22 10.67
N VAL B 149 4.90 -8.35 10.03
CA VAL B 149 4.05 -7.20 9.82
C VAL B 149 3.16 -6.99 11.04
N GLU B 150 3.23 -5.77 11.58
CA GLU B 150 2.41 -5.33 12.69
C GLU B 150 2.41 -6.40 13.77
N GLU B 151 3.61 -6.88 14.15
CA GLU B 151 3.72 -8.01 15.08
C GLU B 151 3.42 -7.54 16.50
N PHE B 152 3.84 -6.32 16.85
CA PHE B 152 3.73 -5.91 18.23
C PHE B 152 2.93 -4.61 18.31
N PHE B 153 2.08 -4.44 19.32
CA PHE B 153 1.55 -3.11 19.65
C PHE B 153 2.37 -2.40 20.71
N ILE B 154 3.03 -1.34 20.29
CA ILE B 154 3.90 -0.53 21.12
C ILE B 154 3.57 0.95 20.92
N ASN B 155 3.24 1.67 22.00
CA ASN B 155 3.12 3.14 22.01
C ASN B 155 2.02 3.69 21.18
N GLY B 156 0.91 2.97 21.13
CA GLY B 156 -0.27 3.38 20.39
C GLY B 156 -0.28 2.97 18.93
N ARG B 157 0.71 2.21 18.47
CA ARG B 157 0.67 1.75 17.08
C ARG B 157 1.19 0.35 16.93
N TYR B 158 0.64 -0.38 15.96
CA TYR B 158 1.14 -1.72 15.67
C TYR B 158 2.40 -1.59 14.79
N GLN B 159 3.54 -2.11 15.24
CA GLN B 159 4.80 -1.96 14.46
C GLN B 159 5.39 -3.26 13.93
N ASP B 160 6.29 -3.10 12.93
CA ASP B 160 7.00 -4.22 12.29
C ASP B 160 8.31 -4.59 13.01
N VAL B 161 8.69 -5.86 12.92
CA VAL B 161 9.92 -6.26 13.56
C VAL B 161 10.81 -7.12 12.66
N LYS B 162 12.12 -6.95 12.76
CA LYS B 162 13.02 -7.84 12.03
C LYS B 162 13.28 -9.07 12.92
N ARG B 163 13.13 -10.28 12.38
CA ARG B 163 13.65 -11.49 13.04
C ARG B 163 14.93 -11.78 12.30
N MET B 164 15.96 -12.02 13.10
CA MET B 164 17.26 -12.23 12.56
C MET B 164 17.88 -13.43 13.24
N TYR B 165 18.99 -13.87 12.70
CA TYR B 165 19.60 -15.09 13.17
C TYR B 165 21.06 -15.24 12.77
N ILE B 166 21.71 -16.20 13.41
CA ILE B 166 23.07 -16.54 13.17
C ILE B 166 23.15 -18.04 13.50
N LEU B 167 24.09 -18.74 12.87
CA LEU B 167 24.25 -20.16 13.06
C LEU B 167 25.56 -20.42 13.69
N GLN B 168 25.70 -21.65 14.22
CA GLN B 168 26.91 -22.08 14.93
C GLN B 168 28.14 -22.15 14.05
N SER B 169 27.98 -22.74 12.87
CA SER B 169 29.16 -22.92 12.00
C SER B 169 29.67 -21.55 11.59
N LYS B 170 28.77 -20.63 11.26
CA LYS B 170 29.13 -19.25 10.94
C LYS B 170 29.84 -18.55 12.10
N TYR B 171 29.30 -18.60 13.30
CA TYR B 171 30.01 -17.94 14.42
C TYR B 171 31.36 -18.56 14.83
N LEU B 172 31.52 -19.87 14.62
CA LEU B 172 32.72 -20.59 15.04
C LEU B 172 33.73 -20.83 13.91
N ASN B 173 33.34 -20.61 12.66
CA ASN B 173 34.26 -20.71 11.53
C ASN B 173 34.69 -19.31 11.09
N ASN C 5 -45.72 -20.28 32.16
CA ASN C 5 -46.84 -21.04 32.81
C ASN C 5 -46.57 -21.54 34.24
N SER C 6 -47.67 -21.96 34.89
CA SER C 6 -47.71 -22.18 36.32
C SER C 6 -47.02 -23.47 36.78
N GLN C 7 -46.41 -24.18 35.83
CA GLN C 7 -45.78 -25.47 36.07
C GLN C 7 -44.23 -25.43 36.06
N LEU C 8 -43.64 -24.31 35.66
CA LEU C 8 -42.18 -24.17 35.61
C LEU C 8 -41.56 -23.95 37.01
N THR C 9 -40.53 -24.73 37.31
CA THR C 9 -39.91 -24.72 38.63
C THR C 9 -38.44 -24.35 38.50
N LEU C 10 -37.95 -23.65 39.53
CA LEU C 10 -36.54 -23.27 39.63
C LEU C 10 -35.88 -24.07 40.75
N ARG C 11 -34.77 -24.73 40.44
CA ARG C 11 -34.03 -25.44 41.47
C ARG C 11 -32.57 -25.17 41.31
N ALA C 12 -31.81 -25.41 42.38
CA ALA C 12 -30.38 -25.15 42.37
C ALA C 12 -29.76 -26.05 41.32
N LEU C 13 -28.77 -25.54 40.62
CA LEU C 13 -28.09 -26.28 39.59
C LEU C 13 -27.32 -27.45 40.25
N GLU C 14 -27.38 -28.65 39.67
CA GLU C 14 -26.67 -29.80 40.27
C GLU C 14 -25.60 -30.36 39.34
N ARG C 15 -24.84 -31.32 39.84
CA ARG C 15 -23.76 -31.88 39.06
C ARG C 15 -24.36 -32.71 37.91
N GLY C 16 -25.46 -33.43 38.16
CA GLY C 16 -26.21 -34.12 37.09
C GLY C 16 -26.75 -33.25 35.94
N ASP C 17 -26.66 -31.92 36.08
CA ASP C 17 -27.15 -30.98 35.10
C ASP C 17 -26.02 -30.42 34.22
N LEU C 18 -24.77 -30.79 34.46
CA LEU C 18 -23.69 -30.08 33.79
C LEU C 18 -23.53 -30.43 32.30
N ARG C 19 -24.04 -31.57 31.84
CA ARG C 19 -24.12 -31.76 30.37
C ARG C 19 -25.11 -30.83 29.68
N PHE C 20 -26.28 -30.61 30.27
CA PHE C 20 -27.19 -29.57 29.80
C PHE C 20 -26.45 -28.21 29.70
N ILE C 21 -25.84 -27.77 30.80
CA ILE C 21 -25.11 -26.50 30.75
C ILE C 21 -23.94 -26.47 29.76
N HIS C 22 -23.15 -27.55 29.72
CA HIS C 22 -22.04 -27.64 28.76
C HIS C 22 -22.50 -27.26 27.35
N ASN C 23 -23.56 -27.93 26.90
CA ASN C 23 -24.07 -27.73 25.57
C ASN C 23 -24.39 -26.25 25.36
N LEU C 24 -25.18 -25.70 26.29
CA LEU C 24 -25.56 -24.30 26.24
C LEU C 24 -24.29 -23.46 26.20
N ASN C 25 -23.43 -23.68 27.18
CA ASN C 25 -22.15 -22.97 27.23
C ASN C 25 -21.30 -23.03 25.98
N ASN C 26 -21.49 -24.02 25.10
CA ASN C 26 -20.68 -24.08 23.90
C ASN C 26 -21.38 -23.65 22.63
N ASN C 27 -22.57 -23.05 22.75
CA ASN C 27 -23.41 -22.78 21.58
C ASN C 27 -23.27 -21.29 21.26
N ARG C 28 -22.97 -20.99 19.99
CA ARG C 28 -22.61 -19.63 19.60
C ARG C 28 -23.77 -18.65 19.69
N ASN C 29 -24.92 -18.99 19.14
N ASN C 29 -24.93 -19.00 19.14
CA ASN C 29 -26.07 -18.09 19.17
CA ASN C 29 -26.11 -18.11 19.20
C ASN C 29 -26.79 -17.99 20.54
C ASN C 29 -26.56 -17.75 20.63
N ILE C 30 -26.22 -18.59 21.59
CA ILE C 30 -26.79 -18.54 22.94
C ILE C 30 -25.88 -17.74 23.86
N MET C 31 -24.60 -17.87 23.64
CA MET C 31 -23.62 -17.22 24.46
C MET C 31 -23.40 -15.76 24.06
N SER C 32 -23.44 -15.50 22.77
CA SER C 32 -23.52 -14.14 22.28
C SER C 32 -24.47 -13.30 23.16
N TYR C 33 -25.67 -13.84 23.37
CA TYR C 33 -26.67 -13.15 24.17
C TYR C 33 -26.20 -12.83 25.63
N TRP C 34 -25.39 -13.71 26.25
CA TRP C 34 -24.71 -13.42 27.53
C TRP C 34 -23.33 -12.74 27.40
N PHE C 35 -22.88 -12.47 26.17
CA PHE C 35 -21.61 -11.82 25.94
C PHE C 35 -20.44 -12.71 26.37
N GLU C 36 -20.66 -14.01 26.32
CA GLU C 36 -19.68 -14.97 26.85
C GLU C 36 -19.15 -15.81 25.73
N GLU C 37 -17.83 -16.00 25.73
CA GLU C 37 -17.16 -16.76 24.67
C GLU C 37 -17.69 -18.19 24.68
N PRO C 38 -18.13 -18.73 23.50
CA PRO C 38 -18.66 -20.08 23.29
C PRO C 38 -17.64 -21.25 23.22
N TYR C 39 -16.96 -21.47 24.35
CA TYR C 39 -15.85 -22.42 24.39
C TYR C 39 -15.60 -22.86 25.81
N GLU C 40 -15.85 -24.13 26.11
CA GLU C 40 -15.64 -24.61 27.45
C GLU C 40 -15.61 -26.14 27.48
N SER C 41 -14.44 -26.65 27.81
CA SER C 41 -14.18 -28.02 28.22
C SER C 41 -15.19 -28.38 29.30
N PHE C 42 -15.75 -29.60 29.22
CA PHE C 42 -16.53 -30.11 30.32
C PHE C 42 -15.71 -30.06 31.64
N ASP C 43 -14.37 -30.19 31.53
CA ASP C 43 -13.43 -30.20 32.66
C ASP C 43 -13.23 -28.88 33.34
N GLU C 44 -13.20 -27.81 32.54
CA GLU C 44 -13.28 -26.47 33.09
C GLU C 44 -14.65 -26.21 33.78
N LEU C 45 -15.74 -26.55 33.10
CA LEU C 45 -17.10 -26.32 33.65
C LEU C 45 -17.33 -26.95 35.03
N GLU C 46 -16.85 -28.17 35.19
CA GLU C 46 -17.07 -28.95 36.39
C GLU C 46 -16.36 -28.31 37.59
N GLU C 47 -15.19 -27.74 37.32
CA GLU C 47 -14.31 -27.20 38.33
C GLU C 47 -14.79 -25.86 38.76
N LEU C 48 -15.15 -25.04 37.77
CA LEU C 48 -15.91 -23.84 38.06
C LEU C 48 -17.15 -24.16 38.90
N TYR C 49 -17.87 -25.23 38.58
CA TYR C 49 -19.07 -25.61 39.36
C TYR C 49 -18.72 -25.93 40.82
N ASN C 50 -17.58 -26.58 41.04
CA ASN C 50 -17.09 -26.85 42.40
C ASN C 50 -16.65 -25.60 43.15
N LYS C 51 -16.17 -24.56 42.47
CA LYS C 51 -15.82 -23.31 43.15
C LYS C 51 -17.08 -22.44 43.34
N HIS C 52 -18.02 -22.58 42.41
CA HIS C 52 -19.39 -22.08 42.55
C HIS C 52 -20.13 -22.60 43.80
N ILE C 53 -20.08 -23.91 44.04
CA ILE C 53 -20.46 -24.55 45.31
C ILE C 53 -20.20 -23.66 46.54
N HIS C 54 -19.06 -22.97 46.52
CA HIS C 54 -18.58 -22.21 47.67
C HIS C 54 -19.02 -20.74 47.69
N ASP C 55 -19.64 -20.26 46.62
CA ASP C 55 -19.89 -18.83 46.46
C ASP C 55 -21.26 -18.35 46.99
N ASN C 56 -21.24 -17.61 48.10
CA ASN C 56 -22.43 -16.85 48.49
C ASN C 56 -22.72 -15.70 47.52
N ALA C 57 -21.76 -15.30 46.68
CA ALA C 57 -22.01 -14.21 45.78
C ALA C 57 -22.80 -14.63 44.50
N GLU C 58 -23.20 -15.91 44.42
CA GLU C 58 -24.01 -16.35 43.28
C GLU C 58 -25.02 -17.45 43.58
N ARG C 59 -26.09 -17.40 42.79
CA ARG C 59 -27.09 -18.45 42.74
C ARG C 59 -27.31 -18.75 41.23
N ARG C 60 -26.97 -20.00 40.86
CA ARG C 60 -27.21 -20.51 39.55
C ARG C 60 -28.34 -21.52 39.67
N PHE C 61 -29.36 -21.34 38.85
CA PHE C 61 -30.60 -22.12 38.93
C PHE C 61 -30.90 -22.81 37.65
N VAL C 62 -31.45 -24.01 37.75
CA VAL C 62 -31.92 -24.72 36.56
C VAL C 62 -33.44 -24.71 36.52
N VAL C 63 -33.98 -24.68 35.29
CA VAL C 63 -35.42 -24.53 35.02
C VAL C 63 -36.04 -25.76 34.40
N GLU C 64 -36.94 -26.38 35.16
CA GLU C 64 -37.62 -27.60 34.75
C GLU C 64 -39.10 -27.29 34.58
N ASP C 65 -39.82 -28.22 33.96
CA ASP C 65 -41.28 -28.14 33.87
C ASP C 65 -41.92 -29.33 34.58
N ALA C 66 -43.13 -29.70 34.14
CA ALA C 66 -43.88 -30.82 34.73
C ALA C 66 -43.12 -32.12 34.67
N GLN C 67 -42.83 -32.58 33.45
CA GLN C 67 -42.21 -33.90 33.22
C GLN C 67 -40.70 -33.80 32.93
N LYS C 68 -40.05 -33.05 33.82
CA LYS C 68 -38.61 -33.04 33.96
C LYS C 68 -37.80 -32.47 32.79
N ASN C 69 -38.43 -31.80 31.84
CA ASN C 69 -37.62 -31.13 30.81
C ASN C 69 -36.77 -30.03 31.45
N LEU C 70 -35.48 -30.03 31.13
CA LEU C 70 -34.61 -28.92 31.47
C LEU C 70 -34.84 -27.86 30.38
N ILE C 71 -35.54 -26.80 30.75
CA ILE C 71 -35.99 -25.73 29.83
C ILE C 71 -34.95 -24.62 29.77
N GLY C 72 -34.12 -24.52 30.80
CA GLY C 72 -33.23 -23.39 30.92
C GLY C 72 -32.44 -23.15 32.19
N LEU C 73 -32.02 -21.90 32.33
CA LEU C 73 -31.08 -21.55 33.36
C LEU C 73 -31.26 -20.11 33.72
N VAL C 74 -31.22 -19.83 35.01
CA VAL C 74 -31.30 -18.49 35.53
C VAL C 74 -30.17 -18.28 36.53
N GLU C 75 -29.52 -17.12 36.43
CA GLU C 75 -28.52 -16.81 37.42
C GLU C 75 -28.75 -15.47 38.04
N LEU C 76 -28.40 -15.40 39.30
CA LEU C 76 -28.20 -14.16 40.01
C LEU C 76 -26.76 -14.12 40.44
N ILE C 77 -25.98 -13.26 39.82
CA ILE C 77 -24.54 -13.23 40.01
C ILE C 77 -24.12 -11.84 40.56
N GLU C 78 -22.91 -11.77 41.09
CA GLU C 78 -22.33 -10.54 41.69
C GLU C 78 -23.22 -10.00 42.80
N ILE C 79 -23.90 -10.92 43.50
CA ILE C 79 -24.77 -10.56 44.60
C ILE C 79 -23.92 -9.80 45.60
N ASN C 80 -24.33 -8.58 45.93
CA ASN C 80 -23.54 -7.74 46.83
C ASN C 80 -24.40 -7.42 48.05
N TYR C 81 -23.89 -7.74 49.24
CA TYR C 81 -24.75 -7.77 50.42
C TYR C 81 -24.74 -6.50 51.27
N ILE C 82 -23.96 -5.51 50.85
CA ILE C 82 -24.06 -4.18 51.43
C ILE C 82 -24.96 -3.41 50.51
N HIS C 83 -24.57 -3.35 49.25
CA HIS C 83 -25.36 -2.62 48.26
C HIS C 83 -26.65 -3.37 47.89
N ARG C 84 -26.73 -4.65 48.20
CA ARG C 84 -27.95 -5.47 48.08
C ARG C 84 -28.44 -5.41 46.63
N SER C 85 -27.55 -5.78 45.73
CA SER C 85 -27.85 -5.87 44.34
C SER C 85 -27.27 -7.15 43.69
N ALA C 86 -27.84 -7.59 42.57
CA ALA C 86 -27.24 -8.68 41.77
C ALA C 86 -27.56 -8.54 40.29
N GLU C 87 -26.63 -8.98 39.44
CA GLU C 87 -26.91 -9.15 38.02
C GLU C 87 -27.73 -10.40 37.73
N PHE C 88 -28.79 -10.23 36.96
CA PHE C 88 -29.61 -11.35 36.50
C PHE C 88 -29.34 -11.71 35.03
N GLN C 89 -29.37 -12.99 34.71
CA GLN C 89 -29.22 -13.44 33.32
C GLN C 89 -30.12 -14.61 33.11
N ILE C 90 -30.47 -14.89 31.85
CA ILE C 90 -31.35 -15.99 31.59
C ILE C 90 -31.09 -16.68 30.23
N ILE C 91 -31.34 -17.99 30.18
CA ILE C 91 -31.34 -18.73 28.93
C ILE C 91 -32.50 -19.70 28.93
N ILE C 92 -33.18 -19.74 27.80
CA ILE C 92 -34.13 -20.81 27.43
C ILE C 92 -33.46 -21.68 26.33
N ALA C 93 -33.20 -22.94 26.65
CA ALA C 93 -32.66 -23.89 25.67
C ALA C 93 -33.35 -23.68 24.32
N PRO C 94 -32.57 -23.75 23.21
CA PRO C 94 -33.10 -23.46 21.86
C PRO C 94 -34.49 -24.09 21.60
N GLU C 95 -34.60 -25.39 21.88
CA GLU C 95 -35.84 -26.13 21.65
C GLU C 95 -37.05 -25.73 22.54
N HIS C 96 -36.87 -24.80 23.48
CA HIS C 96 -37.95 -24.43 24.38
C HIS C 96 -38.39 -22.96 24.26
N GLN C 97 -37.75 -22.20 23.39
CA GLN C 97 -38.09 -20.79 23.19
C GLN C 97 -39.43 -20.61 22.47
N GLY C 98 -40.00 -19.41 22.58
CA GLY C 98 -41.14 -19.00 21.76
C GLY C 98 -42.38 -19.75 22.22
N LYS C 99 -42.40 -20.11 23.50
CA LYS C 99 -43.51 -20.80 24.12
C LYS C 99 -44.11 -19.92 25.20
N GLY C 100 -43.64 -18.67 25.29
CA GLY C 100 -44.05 -17.80 26.40
C GLY C 100 -43.58 -18.27 27.76
N PHE C 101 -42.43 -18.95 27.83
CA PHE C 101 -41.80 -19.37 29.10
C PHE C 101 -41.04 -18.22 29.77
N ALA C 102 -40.26 -17.49 28.97
CA ALA C 102 -39.37 -16.44 29.51
C ALA C 102 -40.07 -15.62 30.56
N ARG C 103 -41.24 -15.11 30.22
CA ARG C 103 -41.98 -14.23 31.12
C ARG C 103 -42.02 -14.80 32.54
N THR C 104 -42.63 -15.97 32.70
CA THR C 104 -42.66 -16.71 34.00
C THR C 104 -41.27 -16.93 34.64
N LEU C 105 -40.26 -17.14 33.80
CA LEU C 105 -38.91 -17.42 34.26
C LEU C 105 -38.25 -16.18 34.86
N ILE C 106 -38.37 -15.03 34.18
CA ILE C 106 -37.82 -13.75 34.69
C ILE C 106 -38.51 -13.38 36.04
N ASN C 107 -39.82 -13.62 36.08
CA ASN C 107 -40.63 -13.37 37.26
C ASN C 107 -40.41 -14.37 38.43
N ARG C 108 -40.00 -15.63 38.18
CA ARG C 108 -39.48 -16.47 39.30
C ARG C 108 -38.11 -15.95 39.88
N ALA C 109 -37.27 -15.44 38.98
CA ALA C 109 -35.98 -14.90 39.37
C ALA C 109 -36.14 -13.71 40.29
N LEU C 110 -37.02 -12.76 39.93
CA LEU C 110 -37.24 -11.56 40.74
C LEU C 110 -37.82 -11.92 42.11
N ASP C 111 -38.81 -12.81 42.14
CA ASP C 111 -39.43 -13.22 43.39
C ASP C 111 -38.41 -13.88 44.26
N TYR C 112 -37.39 -14.52 43.67
CA TYR C 112 -36.39 -15.15 44.50
C TYR C 112 -35.53 -14.06 45.09
N SER C 113 -35.11 -13.19 44.19
CA SER C 113 -34.29 -12.06 44.50
C SER C 113 -34.89 -11.28 45.66
N PHE C 114 -36.16 -10.97 45.54
CA PHE C 114 -36.74 -10.02 46.41
C PHE C 114 -37.55 -10.63 47.55
N THR C 115 -37.95 -11.90 47.51
CA THR C 115 -38.74 -12.44 48.67
C THR C 115 -37.88 -13.32 49.59
N ILE C 116 -36.79 -13.83 49.06
CA ILE C 116 -35.93 -14.67 49.87
C ILE C 116 -34.60 -13.96 50.12
N LEU C 117 -33.94 -13.58 49.04
CA LEU C 117 -32.60 -13.03 49.11
C LEU C 117 -32.65 -11.65 49.66
N ASN C 118 -33.81 -11.00 49.49
CA ASN C 118 -34.08 -9.72 50.17
C ASN C 118 -33.15 -8.66 49.61
N LEU C 119 -32.87 -8.81 48.30
CA LEU C 119 -32.08 -7.82 47.55
C LEU C 119 -32.94 -6.59 47.32
N HIS C 120 -32.29 -5.50 46.93
CA HIS C 120 -32.92 -4.23 46.67
C HIS C 120 -33.05 -3.95 45.16
N LYS C 121 -32.04 -4.33 44.38
CA LYS C 121 -32.00 -4.02 42.96
C LYS C 121 -31.41 -5.18 42.18
N ILE C 122 -32.17 -5.70 41.22
CA ILE C 122 -31.68 -6.54 40.15
C ILE C 122 -31.42 -5.71 38.90
N TYR C 123 -30.29 -5.97 38.25
CA TYR C 123 -29.97 -5.29 36.99
C TYR C 123 -29.62 -6.34 35.95
N LEU C 124 -29.71 -5.96 34.68
CA LEU C 124 -29.31 -6.87 33.60
C LEU C 124 -28.67 -6.12 32.43
N HIS C 125 -27.85 -6.81 31.64
CA HIS C 125 -27.34 -6.23 30.41
C HIS C 125 -27.96 -6.96 29.21
N VAL C 126 -28.43 -6.22 28.19
CA VAL C 126 -29.01 -6.81 26.98
C VAL C 126 -28.74 -6.04 25.76
N ALA C 127 -28.44 -6.79 24.71
CA ALA C 127 -28.01 -6.21 23.48
C ALA C 127 -29.12 -5.31 22.94
N VAL C 128 -28.71 -4.10 22.56
CA VAL C 128 -29.55 -3.20 21.73
C VAL C 128 -30.15 -3.90 20.50
N GLU C 129 -29.36 -4.79 19.91
CA GLU C 129 -29.77 -5.53 18.73
C GLU C 129 -30.55 -6.81 19.08
N ASN C 130 -30.88 -7.00 20.36
CA ASN C 130 -31.80 -8.02 20.82
C ASN C 130 -33.10 -7.39 21.26
N PRO C 131 -33.85 -6.82 20.31
CA PRO C 131 -34.98 -6.04 20.77
C PRO C 131 -36.16 -6.87 21.24
N LYS C 132 -36.22 -8.17 20.94
CA LYS C 132 -37.24 -8.99 21.57
C LYS C 132 -36.94 -9.16 23.04
N ALA C 133 -35.69 -9.46 23.35
CA ALA C 133 -35.34 -9.62 24.78
C ALA C 133 -35.58 -8.27 25.52
N VAL C 134 -35.22 -7.14 24.88
CA VAL C 134 -35.53 -5.82 25.52
C VAL C 134 -37.02 -5.67 25.90
N HIS C 135 -37.90 -6.01 24.97
CA HIS C 135 -39.32 -5.83 25.18
C HIS C 135 -39.86 -6.77 26.28
N LEU C 136 -39.37 -8.01 26.36
CA LEU C 136 -39.67 -8.89 27.53
C LEU C 136 -39.41 -8.17 28.82
N TYR C 137 -38.16 -7.75 28.99
CA TYR C 137 -37.73 -7.14 30.22
C TYR C 137 -38.60 -5.97 30.61
N GLU C 138 -38.92 -5.11 29.63
CA GLU C 138 -39.70 -3.91 29.90
C GLU C 138 -41.11 -4.26 30.38
N GLU C 139 -41.67 -5.32 29.83
CA GLU C 139 -43.00 -5.81 30.17
C GLU C 139 -43.03 -6.52 31.55
N CYS C 140 -41.87 -7.03 32.03
CA CYS C 140 -41.73 -7.48 33.43
C CYS C 140 -41.43 -6.36 34.45
N GLY C 141 -41.10 -5.16 33.97
CA GLY C 141 -40.87 -4.02 34.83
C GLY C 141 -39.44 -3.48 34.87
N PHE C 142 -38.57 -4.06 34.07
CA PHE C 142 -37.25 -3.52 33.91
C PHE C 142 -37.36 -2.22 33.09
N VAL C 143 -36.69 -1.16 33.54
CA VAL C 143 -36.54 0.10 32.79
C VAL C 143 -35.02 0.32 32.53
N GLU C 144 -34.68 0.85 31.35
CA GLU C 144 -33.31 1.20 31.03
C GLU C 144 -32.71 2.22 32.01
N GLU C 145 -31.43 2.09 32.37
CA GLU C 145 -30.75 3.15 33.17
C GLU C 145 -29.41 3.56 32.52
N GLY C 146 -29.05 2.87 31.45
CA GLY C 146 -27.81 3.26 30.77
C GLY C 146 -27.86 2.70 29.37
N HIS C 147 -27.09 3.33 28.47
CA HIS C 147 -26.94 2.87 27.09
C HIS C 147 -25.47 2.62 26.93
N LEU C 148 -25.00 1.40 27.19
CA LEU C 148 -23.57 1.17 27.21
C LEU C 148 -23.04 1.07 25.74
N VAL C 149 -22.19 2.04 25.41
CA VAL C 149 -21.69 2.28 24.06
C VAL C 149 -20.54 1.36 23.77
N GLU C 150 -20.76 0.47 22.81
CA GLU C 150 -19.76 -0.43 22.29
C GLU C 150 -19.11 -1.28 23.41
N GLU C 151 -19.90 -1.66 24.43
CA GLU C 151 -19.36 -2.43 25.56
C GLU C 151 -18.79 -3.81 25.18
N PHE C 152 -19.48 -4.58 24.34
CA PHE C 152 -19.03 -5.94 23.99
C PHE C 152 -18.63 -6.10 22.51
N PHE C 153 -17.50 -6.76 22.26
CA PHE C 153 -17.19 -7.31 20.93
C PHE C 153 -17.86 -8.68 20.67
N ILE C 154 -18.93 -8.66 19.88
CA ILE C 154 -19.76 -9.83 19.61
C ILE C 154 -19.97 -9.96 18.08
N ASN C 155 -19.78 -11.17 17.57
CA ASN C 155 -19.85 -11.44 16.13
C ASN C 155 -19.13 -10.40 15.27
N GLY C 156 -17.87 -10.13 15.58
CA GLY C 156 -17.05 -9.27 14.75
C GLY C 156 -17.29 -7.77 14.76
N ARG C 157 -18.03 -7.27 15.74
CA ARG C 157 -18.36 -5.81 15.82
C ARG C 157 -18.45 -5.47 17.29
N TYR C 158 -17.97 -4.29 17.68
CA TYR C 158 -18.26 -3.76 19.01
C TYR C 158 -19.71 -3.31 19.01
N GLN C 159 -20.43 -3.62 20.10
CA GLN C 159 -21.90 -3.48 20.16
C GLN C 159 -22.40 -2.76 21.43
N ASP C 160 -23.49 -2.02 21.31
CA ASP C 160 -24.09 -1.31 22.43
C ASP C 160 -25.05 -2.25 23.16
N VAL C 161 -25.19 -2.08 24.49
CA VAL C 161 -26.22 -2.78 25.27
C VAL C 161 -26.98 -1.84 26.20
N LYS C 162 -28.16 -2.29 26.62
CA LYS C 162 -28.89 -1.55 27.61
C LYS C 162 -28.67 -2.17 29.00
N ARG C 163 -28.41 -1.30 29.98
CA ARG C 163 -28.44 -1.70 31.37
C ARG C 163 -29.87 -1.42 31.75
N MET C 164 -30.53 -2.37 32.40
CA MET C 164 -31.89 -2.17 32.90
C MET C 164 -31.90 -2.66 34.34
N TYR C 165 -32.88 -2.24 35.12
CA TYR C 165 -33.02 -2.62 36.52
C TYR C 165 -34.50 -2.55 36.97
N ILE C 166 -34.78 -3.15 38.11
CA ILE C 166 -36.05 -3.01 38.80
C ILE C 166 -35.73 -3.09 40.32
N LEU C 167 -36.51 -2.40 41.14
CA LEU C 167 -36.24 -2.37 42.58
C LEU C 167 -37.25 -3.18 43.33
N GLN C 168 -36.81 -3.66 44.50
CA GLN C 168 -37.57 -4.55 45.38
C GLN C 168 -38.95 -3.90 45.65
N SER C 169 -38.94 -2.65 46.10
CA SER C 169 -40.19 -1.87 46.29
C SER C 169 -41.21 -2.03 45.15
N LYS C 170 -40.74 -1.93 43.91
CA LYS C 170 -41.64 -1.96 42.75
C LYS C 170 -42.16 -3.36 42.48
N TYR C 171 -41.35 -4.39 42.74
CA TYR C 171 -41.78 -5.77 42.55
C TYR C 171 -42.80 -6.26 43.57
N LEU C 172 -42.58 -5.92 44.83
CA LEU C 172 -43.46 -6.40 45.92
C LEU C 172 -44.80 -5.63 45.86
N ASN C 173 -44.70 -4.34 45.51
CA ASN C 173 -45.88 -3.52 45.25
C ASN C 173 -46.21 -3.50 43.74
N ARG C 174 -46.13 -4.68 43.13
CA ARG C 174 -46.65 -4.90 41.77
C ARG C 174 -48.13 -5.26 41.88
N ASN D 5 4.33 20.61 38.91
CA ASN D 5 4.06 20.44 37.44
C ASN D 5 4.14 18.97 37.03
N SER D 6 4.59 18.66 35.80
CA SER D 6 4.47 17.30 35.24
C SER D 6 5.58 16.36 35.72
N GLN D 7 5.95 16.52 36.99
CA GLN D 7 6.91 15.67 37.66
C GLN D 7 6.24 14.34 38.10
N LEU D 8 4.92 14.26 38.02
CA LEU D 8 4.15 13.09 38.50
C LEU D 8 4.32 11.84 37.63
N THR D 9 4.57 10.71 38.30
CA THR D 9 4.82 9.46 37.60
C THR D 9 3.99 8.37 38.18
N LEU D 10 3.78 7.39 37.35
CA LEU D 10 2.93 6.29 37.66
C LEU D 10 3.87 5.15 37.85
N ARG D 11 3.69 4.35 38.92
CA ARG D 11 4.39 3.08 39.01
C ARG D 11 3.56 1.97 39.60
N ALA D 12 3.94 0.75 39.20
CA ALA D 12 3.50 -0.47 39.80
C ALA D 12 3.37 -0.39 41.33
N LEU D 13 2.25 -0.87 41.83
CA LEU D 13 2.07 -0.90 43.27
C LEU D 13 3.05 -1.96 43.80
N GLU D 14 3.72 -1.67 44.93
CA GLU D 14 4.69 -2.58 45.55
C GLU D 14 4.29 -2.91 46.94
N ARG D 15 5.00 -3.86 47.55
CA ARG D 15 4.76 -4.27 48.92
C ARG D 15 5.09 -3.13 49.91
N GLY D 16 6.21 -2.45 49.67
CA GLY D 16 6.62 -1.31 50.51
C GLY D 16 5.56 -0.22 50.62
N ASP D 17 4.69 -0.14 49.61
CA ASP D 17 3.61 0.85 49.51
C ASP D 17 2.35 0.50 50.29
N LEU D 18 2.26 -0.68 50.90
CA LEU D 18 0.99 -1.10 51.46
C LEU D 18 0.53 -0.31 52.70
N ARG D 19 1.46 0.25 53.49
CA ARG D 19 1.06 1.12 54.60
C ARG D 19 0.27 2.35 54.16
N PHE D 20 0.79 3.05 53.15
CA PHE D 20 0.07 4.16 52.48
C PHE D 20 -1.32 3.77 51.95
N ILE D 21 -1.41 2.59 51.33
CA ILE D 21 -2.67 2.09 50.79
C ILE D 21 -3.59 1.64 51.93
N HIS D 22 -3.03 0.91 52.90
CA HIS D 22 -3.75 0.56 54.14
C HIS D 22 -4.43 1.78 54.75
N ASN D 23 -3.74 2.90 54.80
CA ASN D 23 -4.31 4.16 55.29
C ASN D 23 -5.51 4.62 54.45
N LEU D 24 -5.31 4.72 53.15
CA LEU D 24 -6.40 5.14 52.27
C LEU D 24 -7.55 4.14 52.41
N ASN D 25 -7.26 2.85 52.50
CA ASN D 25 -8.33 1.85 52.54
C ASN D 25 -9.28 1.93 53.73
N ASN D 26 -8.80 2.44 54.86
CA ASN D 26 -9.61 2.53 56.07
C ASN D 26 -10.21 3.94 56.25
N ASN D 27 -9.96 4.84 55.31
CA ASN D 27 -10.52 6.21 55.37
C ASN D 27 -11.94 6.25 54.83
N ARG D 28 -12.90 6.51 55.73
CA ARG D 28 -14.29 6.54 55.34
C ARG D 28 -14.51 7.58 54.25
N ASN D 29 -13.97 8.78 54.42
CA ASN D 29 -14.25 9.91 53.52
C ASN D 29 -13.64 9.75 52.11
N ILE D 30 -12.68 8.86 51.99
CA ILE D 30 -11.99 8.61 50.73
C ILE D 30 -12.64 7.44 50.00
N MET D 31 -12.89 6.36 50.74
CA MET D 31 -13.35 5.11 50.10
C MET D 31 -14.85 5.11 49.69
N SER D 32 -15.60 6.05 50.28
CA SER D 32 -17.00 6.30 49.89
C SER D 32 -17.14 6.56 48.39
N TYR D 33 -16.18 7.31 47.85
CA TYR D 33 -16.19 7.65 46.46
C TYR D 33 -15.73 6.49 45.54
N TRP D 34 -15.17 5.43 46.13
CA TRP D 34 -14.96 4.16 45.40
C TRP D 34 -16.03 3.10 45.75
N PHE D 35 -17.02 3.44 46.57
CA PHE D 35 -18.10 2.49 46.95
C PHE D 35 -17.51 1.21 47.48
N GLU D 36 -16.48 1.36 48.30
CA GLU D 36 -15.80 0.22 48.93
C GLU D 36 -15.90 0.43 50.43
N GLU D 37 -16.15 -0.66 51.15
CA GLU D 37 -16.29 -0.63 52.61
C GLU D 37 -14.99 -0.18 53.30
N PRO D 38 -15.05 0.85 54.17
CA PRO D 38 -13.83 1.32 54.88
C PRO D 38 -13.39 0.49 56.09
N TYR D 39 -12.95 -0.73 55.80
CA TYR D 39 -12.51 -1.67 56.83
C TYR D 39 -11.52 -2.61 56.17
N GLU D 40 -10.27 -2.58 56.61
CA GLU D 40 -9.32 -3.53 56.04
C GLU D 40 -8.04 -3.70 56.87
N SER D 41 -7.95 -4.83 57.58
CA SER D 41 -6.77 -5.18 58.30
C SER D 41 -5.58 -5.25 57.32
N PHE D 42 -4.43 -4.78 57.79
CA PHE D 42 -3.18 -4.86 57.03
C PHE D 42 -2.90 -6.28 56.53
N ASP D 43 -3.30 -7.27 57.31
CA ASP D 43 -3.09 -8.64 56.93
C ASP D 43 -3.93 -8.97 55.72
N GLU D 44 -5.23 -8.70 55.83
CA GLU D 44 -6.16 -8.91 54.71
C GLU D 44 -5.62 -8.22 53.46
N LEU D 45 -5.14 -6.99 53.63
CA LEU D 45 -4.48 -6.23 52.56
C LEU D 45 -3.27 -6.95 51.94
N GLU D 46 -2.29 -7.25 52.77
CA GLU D 46 -1.10 -8.00 52.35
C GLU D 46 -1.49 -9.19 51.47
N GLU D 47 -2.54 -9.88 51.90
CA GLU D 47 -2.96 -11.09 51.22
C GLU D 47 -3.57 -10.84 49.86
N LEU D 48 -4.40 -9.80 49.76
CA LEU D 48 -5.11 -9.48 48.54
C LEU D 48 -4.18 -8.78 47.56
N TYR D 49 -3.11 -8.19 48.08
CA TYR D 49 -1.96 -7.81 47.30
C TYR D 49 -1.29 -9.07 46.69
N ASN D 50 -0.96 -10.05 47.52
CA ASN D 50 -0.41 -11.31 47.05
C ASN D 50 -1.32 -11.90 45.95
N LYS D 51 -2.63 -11.90 46.21
CA LYS D 51 -3.59 -12.28 45.15
C LYS D 51 -3.45 -11.45 43.84
N HIS D 52 -3.43 -10.13 43.92
CA HIS D 52 -3.43 -9.31 42.70
C HIS D 52 -2.15 -9.46 41.87
N ILE D 53 -1.11 -10.03 42.48
CA ILE D 53 0.19 -10.22 41.84
C ILE D 53 0.16 -11.20 40.67
N HIS D 54 -0.69 -12.23 40.73
CA HIS D 54 -0.76 -13.22 39.67
C HIS D 54 -2.08 -13.06 38.92
N ASP D 55 -2.48 -11.81 38.69
CA ASP D 55 -3.79 -11.53 38.13
C ASP D 55 -3.67 -10.54 36.99
N ASN D 56 -3.89 -11.05 35.79
CA ASN D 56 -3.74 -10.26 34.61
C ASN D 56 -4.91 -9.31 34.34
N ALA D 57 -6.01 -9.50 35.07
CA ALA D 57 -7.22 -8.69 34.93
C ALA D 57 -7.22 -7.33 35.70
N GLU D 58 -6.10 -7.03 36.37
CA GLU D 58 -5.88 -5.76 37.03
C GLU D 58 -4.46 -5.22 36.89
N ARG D 59 -4.37 -3.90 36.94
CA ARG D 59 -3.10 -3.19 37.16
C ARG D 59 -3.25 -2.08 38.19
N ARG D 60 -2.50 -2.18 39.29
CA ARG D 60 -2.57 -1.10 40.26
C ARG D 60 -1.29 -0.26 40.29
N PHE D 61 -1.48 1.05 40.34
CA PHE D 61 -0.39 2.02 40.28
C PHE D 61 -0.36 2.95 41.47
N VAL D 62 0.84 3.20 41.98
CA VAL D 62 1.04 4.25 42.96
C VAL D 62 1.56 5.46 42.20
N VAL D 63 1.00 6.60 42.53
CA VAL D 63 1.38 7.84 41.90
C VAL D 63 2.28 8.65 42.82
N GLU D 64 3.46 9.02 42.31
CA GLU D 64 4.52 9.67 43.07
C GLU D 64 4.93 10.97 42.42
N ASP D 65 5.58 11.85 43.18
CA ASP D 65 6.28 12.97 42.57
C ASP D 65 7.80 12.75 42.63
N ALA D 66 8.58 13.83 42.52
CA ALA D 66 10.06 13.75 42.51
C ALA D 66 10.75 13.58 43.89
N GLN D 67 10.13 14.05 44.97
CA GLN D 67 10.56 13.67 46.32
C GLN D 67 10.36 12.19 46.55
N LYS D 68 9.65 11.54 45.64
CA LYS D 68 9.23 10.14 45.75
C LYS D 68 8.15 10.01 46.81
N ASN D 69 7.47 11.12 47.10
CA ASN D 69 6.34 11.14 48.02
C ASN D 69 5.12 10.51 47.35
N LEU D 70 4.36 9.69 48.09
CA LEU D 70 3.14 9.07 47.57
C LEU D 70 2.00 10.06 47.46
N ILE D 71 1.65 10.38 46.21
CA ILE D 71 0.68 11.40 45.88
C ILE D 71 -0.71 10.79 45.69
N GLY D 72 -0.79 9.52 45.27
CA GLY D 72 -2.07 8.89 44.98
C GLY D 72 -2.05 7.49 44.36
N LEU D 73 -3.24 7.05 43.95
CA LEU D 73 -3.43 5.68 43.50
C LEU D 73 -4.39 5.63 42.31
N VAL D 74 -3.88 5.18 41.19
CA VAL D 74 -4.71 4.90 40.04
C VAL D 74 -4.86 3.39 39.89
N GLU D 75 -6.05 2.95 39.54
CA GLU D 75 -6.26 1.54 39.35
C GLU D 75 -6.98 1.34 38.04
N LEU D 76 -6.55 0.34 37.25
CA LEU D 76 -7.30 -0.20 36.10
C LEU D 76 -7.67 -1.60 36.35
N ILE D 77 -8.95 -1.89 36.46
CA ILE D 77 -9.31 -3.21 36.89
C ILE D 77 -10.33 -3.78 35.93
N GLU D 78 -10.60 -5.07 36.13
CA GLU D 78 -11.48 -5.88 35.29
C GLU D 78 -11.12 -5.80 33.85
N ILE D 79 -9.82 -5.72 33.57
CA ILE D 79 -9.35 -5.68 32.23
C ILE D 79 -9.97 -6.93 31.60
N ASN D 80 -10.69 -6.73 30.49
CA ASN D 80 -11.27 -7.85 29.81
C ASN D 80 -10.81 -7.80 28.36
N TYR D 81 -10.25 -8.94 27.96
CA TYR D 81 -9.34 -9.00 26.84
C TYR D 81 -9.95 -9.48 25.50
N ILE D 82 -11.23 -9.83 25.54
CA ILE D 82 -12.00 -10.10 24.35
C ILE D 82 -12.63 -8.76 23.98
N HIS D 83 -13.28 -8.16 24.96
CA HIS D 83 -14.02 -6.93 24.77
C HIS D 83 -13.17 -5.65 24.86
N ARG D 84 -11.99 -5.74 25.49
CA ARG D 84 -10.96 -4.68 25.49
C ARG D 84 -11.38 -3.38 26.21
N SER D 85 -11.96 -3.59 27.40
CA SER D 85 -12.44 -2.56 28.30
C SER D 85 -11.88 -2.83 29.70
N ALA D 86 -11.76 -1.77 30.48
CA ALA D 86 -11.47 -1.85 31.91
C ALA D 86 -12.11 -0.68 32.68
N GLU D 87 -12.19 -0.90 33.99
CA GLU D 87 -12.76 0.05 34.91
C GLU D 87 -11.56 0.84 35.47
N PHE D 88 -11.74 2.14 35.61
CA PHE D 88 -10.72 3.05 36.08
C PHE D 88 -11.12 3.55 37.44
N GLN D 89 -10.17 3.59 38.36
CA GLN D 89 -10.40 4.17 39.70
C GLN D 89 -9.20 5.04 40.12
N ILE D 90 -9.50 6.20 40.69
CA ILE D 90 -8.48 7.17 41.11
C ILE D 90 -8.77 7.72 42.52
N ILE D 91 -7.70 7.87 43.30
CA ILE D 91 -7.71 8.58 44.59
C ILE D 91 -6.44 9.37 44.65
N ILE D 92 -6.57 10.66 45.01
CA ILE D 92 -5.43 11.43 45.49
C ILE D 92 -5.54 11.59 46.99
N ALA D 93 -4.42 11.34 47.69
CA ALA D 93 -4.36 11.48 49.13
C ALA D 93 -4.80 12.88 49.62
N PRO D 94 -5.40 12.93 50.79
CA PRO D 94 -5.86 14.19 51.40
C PRO D 94 -4.92 15.38 51.24
N GLU D 95 -3.63 15.21 51.50
CA GLU D 95 -2.72 16.36 51.56
C GLU D 95 -2.24 16.77 50.17
N HIS D 96 -2.74 16.06 49.16
CA HIS D 96 -2.33 16.31 47.79
C HIS D 96 -3.46 16.64 46.85
N GLN D 97 -4.66 16.80 47.44
CA GLN D 97 -5.79 17.30 46.72
C GLN D 97 -5.69 18.82 46.60
N GLY D 98 -6.46 19.39 45.67
CA GLY D 98 -6.51 20.82 45.45
C GLY D 98 -5.44 21.34 44.55
N LYS D 99 -4.42 20.52 44.25
CA LYS D 99 -3.27 21.03 43.56
C LYS D 99 -3.39 20.96 42.04
N GLY D 100 -4.49 20.44 41.54
CA GLY D 100 -4.72 20.40 40.08
C GLY D 100 -4.06 19.21 39.40
N PHE D 101 -3.82 18.11 40.12
CA PHE D 101 -3.12 16.93 39.59
C PHE D 101 -4.01 15.96 38.80
N ALA D 102 -5.28 16.00 39.08
CA ALA D 102 -6.14 14.91 38.68
C ALA D 102 -6.11 14.76 37.18
N ARG D 103 -6.17 15.85 36.44
CA ARG D 103 -6.09 15.79 34.96
C ARG D 103 -4.88 15.02 34.47
N THR D 104 -3.70 15.47 34.87
CA THR D 104 -2.44 14.75 34.58
C THR D 104 -2.66 13.24 34.81
N LEU D 105 -2.97 12.86 36.04
CA LEU D 105 -3.05 11.47 36.43
C LEU D 105 -4.12 10.68 35.70
N ILE D 106 -5.30 11.29 35.55
CA ILE D 106 -6.35 10.64 34.82
C ILE D 106 -5.86 10.41 33.36
N ASN D 107 -5.11 11.34 32.78
CA ASN D 107 -4.62 11.21 31.39
C ASN D 107 -3.52 10.16 31.22
N ARG D 108 -2.73 9.93 32.28
CA ARG D 108 -1.67 8.92 32.25
C ARG D 108 -2.29 7.55 32.28
N ALA D 109 -3.35 7.41 33.04
CA ALA D 109 -4.12 6.18 33.04
C ALA D 109 -4.65 5.78 31.64
N LEU D 110 -5.08 6.79 30.88
CA LEU D 110 -5.63 6.62 29.57
C LEU D 110 -4.48 6.29 28.64
N ASP D 111 -3.35 6.98 28.83
CA ASP D 111 -2.16 6.73 28.04
C ASP D 111 -1.81 5.25 28.29
N TYR D 112 -1.82 4.86 29.54
CA TYR D 112 -1.56 3.52 29.87
C TYR D 112 -2.55 2.61 29.13
N SER D 113 -3.85 2.89 29.27
CA SER D 113 -4.94 2.01 28.78
C SER D 113 -4.89 1.89 27.28
N PHE D 114 -4.58 3.01 26.62
CA PHE D 114 -4.70 3.07 25.18
C PHE D 114 -3.37 2.96 24.41
N THR D 115 -2.25 3.38 24.98
CA THR D 115 -0.99 3.31 24.22
C THR D 115 -0.19 2.05 24.58
N ILE D 116 -0.40 1.51 25.79
CA ILE D 116 0.30 0.30 26.20
C ILE D 116 -0.61 -0.92 26.13
N LEU D 117 -1.67 -0.93 26.90
CA LEU D 117 -2.47 -2.14 27.08
C LEU D 117 -3.41 -2.41 25.92
N ASN D 118 -3.60 -1.38 25.10
CA ASN D 118 -4.22 -1.60 23.80
C ASN D 118 -5.64 -1.95 24.06
N LEU D 119 -6.28 -1.16 24.93
CA LEU D 119 -7.73 -1.31 25.22
C LEU D 119 -8.53 -0.41 24.33
N HIS D 120 -9.75 -0.86 24.04
CA HIS D 120 -10.78 -0.09 23.28
C HIS D 120 -11.60 0.90 24.15
N LYS D 121 -11.89 0.55 25.40
CA LYS D 121 -12.79 1.39 26.20
C LYS D 121 -12.37 1.47 27.67
N ILE D 122 -12.31 2.66 28.24
CA ILE D 122 -12.20 2.80 29.68
C ILE D 122 -13.56 3.26 30.21
N TYR D 123 -14.04 2.67 31.30
CA TYR D 123 -15.29 3.18 31.94
C TYR D 123 -15.08 3.39 33.39
N LEU D 124 -16.00 4.13 34.02
CA LEU D 124 -15.90 4.44 35.44
C LEU D 124 -17.27 4.71 36.03
N HIS D 125 -17.37 4.64 37.36
CA HIS D 125 -18.58 5.05 38.07
C HIS D 125 -18.23 6.20 38.96
N VAL D 126 -19.17 7.15 39.10
CA VAL D 126 -19.08 8.24 40.09
C VAL D 126 -20.45 8.69 40.58
N ALA D 127 -20.52 9.06 41.85
CA ALA D 127 -21.77 9.51 42.46
C ALA D 127 -22.27 10.77 41.80
N VAL D 128 -23.56 10.78 41.52
CA VAL D 128 -24.22 11.93 40.92
C VAL D 128 -24.13 13.12 41.86
N GLU D 129 -23.84 12.88 43.14
CA GLU D 129 -23.69 13.94 44.08
C GLU D 129 -22.21 14.27 44.26
N ASN D 130 -21.41 13.85 43.29
CA ASN D 130 -20.05 14.35 43.08
C ASN D 130 -20.04 15.22 41.83
N PRO D 131 -20.83 16.32 41.80
CA PRO D 131 -21.06 17.05 40.54
C PRO D 131 -19.82 17.69 39.91
N LYS D 132 -18.67 17.58 40.58
CA LYS D 132 -17.47 18.30 40.19
C LYS D 132 -16.36 17.33 39.79
N ALA D 133 -16.20 16.22 40.50
CA ALA D 133 -15.45 15.09 39.96
C ALA D 133 -16.02 14.73 38.55
N VAL D 134 -17.32 14.90 38.37
CA VAL D 134 -17.95 14.69 37.06
C VAL D 134 -17.48 15.71 35.98
N HIS D 135 -17.60 17.02 36.26
CA HIS D 135 -16.97 18.05 35.43
C HIS D 135 -15.54 17.66 35.01
N LEU D 136 -14.77 17.16 35.96
CA LEU D 136 -13.40 16.72 35.68
C LEU D 136 -13.32 15.66 34.59
N TYR D 137 -13.98 14.54 34.82
CA TYR D 137 -13.90 13.44 33.87
C TYR D 137 -14.32 13.96 32.51
N GLU D 138 -15.45 14.66 32.45
CA GLU D 138 -15.85 15.33 31.21
C GLU D 138 -14.77 16.23 30.59
N GLU D 139 -14.00 16.94 31.42
CA GLU D 139 -12.92 17.75 30.87
C GLU D 139 -11.85 16.86 30.25
N CYS D 140 -11.68 15.64 30.80
CA CYS D 140 -10.72 14.69 30.27
C CYS D 140 -11.28 13.79 29.16
N GLY D 141 -12.48 14.11 28.65
CA GLY D 141 -13.02 13.42 27.47
C GLY D 141 -13.95 12.26 27.75
N PHE D 142 -14.39 12.16 29.00
CA PHE D 142 -15.34 11.16 29.41
C PHE D 142 -16.74 11.73 29.27
N VAL D 143 -17.67 10.85 28.96
CA VAL D 143 -19.09 11.19 28.85
C VAL D 143 -19.89 10.10 29.51
N GLU D 144 -21.10 10.49 29.90
CA GLU D 144 -22.02 9.67 30.66
C GLU D 144 -22.79 8.72 29.72
N GLU D 145 -22.76 7.42 29.99
CA GLU D 145 -23.58 6.48 29.21
C GLU D 145 -24.65 5.88 30.11
N GLY D 146 -24.58 6.22 31.40
CA GLY D 146 -25.48 5.66 32.37
C GLY D 146 -25.68 6.51 33.60
N HIS D 147 -26.90 6.44 34.10
CA HIS D 147 -27.25 7.02 35.34
C HIS D 147 -27.88 5.87 36.08
N LEU D 148 -27.07 5.25 36.92
CA LEU D 148 -27.42 4.00 37.52
C LEU D 148 -28.20 4.36 38.81
N VAL D 149 -29.38 3.78 39.00
CA VAL D 149 -30.33 4.33 39.98
C VAL D 149 -30.27 3.54 41.27
N GLU D 150 -30.01 4.22 42.37
CA GLU D 150 -29.87 3.56 43.67
C GLU D 150 -28.93 2.32 43.67
N GLU D 151 -27.72 2.52 43.15
CA GLU D 151 -26.79 1.42 42.88
C GLU D 151 -26.08 0.99 44.15
N PHE D 152 -25.72 1.98 44.96
CA PHE D 152 -24.87 1.81 46.10
C PHE D 152 -25.46 2.53 47.30
N PHE D 153 -25.44 1.81 48.43
CA PHE D 153 -25.64 2.36 49.75
C PHE D 153 -24.39 3.04 50.27
N ILE D 154 -24.46 4.36 50.38
CA ILE D 154 -23.33 5.13 50.83
C ILE D 154 -23.86 6.14 51.85
N ASN D 155 -23.27 6.09 53.03
CA ASN D 155 -23.55 7.03 54.07
C ASN D 155 -25.06 7.16 54.28
N GLY D 156 -25.67 5.99 54.56
CA GLY D 156 -27.04 5.84 55.06
C GLY D 156 -28.22 5.93 54.09
N ARG D 157 -27.96 5.83 52.79
CA ARG D 157 -28.98 6.02 51.79
C ARG D 157 -28.54 5.34 50.49
N TYR D 158 -29.47 4.94 49.62
CA TYR D 158 -29.08 4.45 48.30
C TYR D 158 -28.81 5.63 47.41
N GLN D 159 -27.72 5.63 46.63
CA GLN D 159 -27.34 6.78 45.79
C GLN D 159 -27.20 6.45 44.33
N ASP D 160 -27.39 7.47 43.49
CA ASP D 160 -27.18 7.36 42.03
C ASP D 160 -25.69 7.59 41.64
N VAL D 161 -25.19 6.78 40.71
CA VAL D 161 -23.89 7.07 40.07
C VAL D 161 -24.08 7.14 38.59
N LYS D 162 -23.23 7.92 37.94
CA LYS D 162 -23.16 7.98 36.50
C LYS D 162 -22.13 6.94 36.09
N ARG D 163 -22.36 6.27 34.98
CA ARG D 163 -21.29 5.59 34.32
C ARG D 163 -20.82 6.38 33.16
N MET D 164 -19.49 6.44 33.04
CA MET D 164 -18.82 7.26 32.07
C MET D 164 -17.71 6.48 31.37
N TYR D 165 -17.46 6.84 30.12
CA TYR D 165 -16.66 6.05 29.17
C TYR D 165 -15.84 7.00 28.28
N ILE D 166 -14.73 6.46 27.81
CA ILE D 166 -13.98 7.00 26.73
C ILE D 166 -13.39 5.86 25.91
N LEU D 167 -13.44 6.00 24.61
CA LEU D 167 -12.90 4.97 23.73
C LEU D 167 -11.53 5.31 23.20
N GLN D 168 -10.88 4.27 22.69
CA GLN D 168 -9.51 4.37 22.17
C GLN D 168 -9.40 5.28 20.95
N SER D 169 -10.33 5.15 20.01
CA SER D 169 -10.30 5.98 18.78
C SER D 169 -10.51 7.46 19.06
N LYS D 170 -11.21 7.79 20.15
CA LYS D 170 -11.37 9.18 20.56
C LYS D 170 -10.05 9.72 21.14
N TYR D 171 -9.51 9.01 22.16
CA TYR D 171 -8.35 9.49 22.88
C TYR D 171 -7.14 9.58 21.99
N LEU D 172 -6.92 8.56 21.18
CA LEU D 172 -5.78 8.56 20.26
C LEU D 172 -5.78 9.90 19.56
N ASN D 173 -6.75 10.09 18.66
CA ASN D 173 -6.84 11.29 17.85
C ASN D 173 -7.44 12.46 18.64
N ASN E 5 -26.25 40.84 29.75
CA ASN E 5 -27.28 41.10 30.83
C ASN E 5 -28.65 41.43 30.22
N SER E 6 -28.98 42.72 30.18
CA SER E 6 -30.27 43.15 29.66
C SER E 6 -30.16 43.40 28.16
N GLN E 7 -28.93 43.41 27.65
CA GLN E 7 -28.60 44.07 26.40
C GLN E 7 -28.24 43.13 25.24
N LEU E 8 -28.65 41.87 25.35
CA LEU E 8 -28.43 40.87 24.31
C LEU E 8 -29.69 40.76 23.48
N THR E 9 -29.57 41.06 22.19
CA THR E 9 -30.73 41.09 21.31
C THR E 9 -30.49 40.24 20.05
N LEU E 10 -31.58 39.66 19.54
CA LEU E 10 -31.56 39.01 18.24
C LEU E 10 -32.21 39.96 17.22
N ARG E 11 -31.55 40.12 16.09
CA ARG E 11 -32.18 40.75 14.93
C ARG E 11 -31.96 39.88 13.69
N ALA E 12 -32.72 40.20 12.66
CA ALA E 12 -32.63 39.52 11.39
C ALA E 12 -31.19 39.57 10.87
N LEU E 13 -30.74 38.47 10.27
CA LEU E 13 -29.47 38.44 9.63
C LEU E 13 -29.58 39.32 8.36
N GLU E 14 -28.62 40.22 8.14
CA GLU E 14 -28.67 41.16 6.99
C GLU E 14 -27.49 40.81 6.13
N ARG E 15 -27.35 41.47 4.98
CA ARG E 15 -26.24 41.22 4.07
C ARG E 15 -24.94 41.75 4.70
N GLY E 16 -25.04 42.88 5.38
CA GLY E 16 -23.93 43.41 6.19
C GLY E 16 -23.25 42.44 7.15
N ASP E 17 -23.95 41.41 7.60
CA ASP E 17 -23.40 40.46 8.54
C ASP E 17 -22.73 39.26 7.87
N LEU E 18 -22.68 39.21 6.53
CA LEU E 18 -22.17 38.02 5.85
C LEU E 18 -20.69 37.76 6.09
N ARG E 19 -19.90 38.82 6.24
CA ARG E 19 -18.47 38.65 6.50
C ARG E 19 -18.32 37.84 7.79
N PHE E 20 -19.05 38.30 8.81
CA PHE E 20 -19.14 37.64 10.10
C PHE E 20 -19.55 36.19 9.99
N ILE E 21 -20.60 35.93 9.25
CA ILE E 21 -21.09 34.56 9.08
C ILE E 21 -20.00 33.72 8.40
N HIS E 22 -19.42 34.28 7.34
CA HIS E 22 -18.39 33.61 6.53
C HIS E 22 -17.22 33.11 7.36
N ASN E 23 -16.71 33.99 8.22
CA ASN E 23 -15.66 33.62 9.13
C ASN E 23 -16.04 32.43 10.01
N LEU E 24 -17.25 32.44 10.54
CA LEU E 24 -17.75 31.31 11.34
C LEU E 24 -18.00 30.07 10.42
N ASN E 25 -18.60 30.25 9.25
CA ASN E 25 -18.89 29.08 8.40
C ASN E 25 -17.66 28.34 7.89
N ASN E 26 -16.50 28.97 7.95
CA ASN E 26 -15.24 28.35 7.55
C ASN E 26 -14.34 27.94 8.69
N ASN E 27 -14.90 27.91 9.90
CA ASN E 27 -14.14 27.57 11.07
C ASN E 27 -14.42 26.12 11.43
N ARG E 28 -13.45 25.23 11.19
CA ARG E 28 -13.59 23.78 11.50
C ARG E 28 -14.14 23.51 12.92
N ASN E 29 -13.51 24.09 13.94
N ASN E 29 -13.51 24.07 13.95
CA ASN E 29 -13.89 23.81 15.32
CA ASN E 29 -13.91 23.77 15.33
C ASN E 29 -15.33 24.18 15.61
C ASN E 29 -15.36 24.16 15.59
N ILE E 30 -15.77 25.33 15.14
CA ILE E 30 -17.16 25.77 15.35
C ILE E 30 -18.19 25.02 14.49
N MET E 31 -17.92 24.83 13.19
CA MET E 31 -18.91 24.16 12.30
C MET E 31 -19.08 22.67 12.59
N SER E 32 -18.10 22.05 13.25
CA SER E 32 -18.31 20.73 13.81
C SER E 32 -19.48 20.67 14.83
N TYR E 33 -19.74 21.76 15.53
CA TYR E 33 -20.77 21.69 16.55
C TYR E 33 -22.14 21.60 15.90
N TRP E 34 -22.21 22.00 14.62
CA TRP E 34 -23.41 21.93 13.78
C TRP E 34 -23.37 20.80 12.73
N PHE E 35 -22.25 20.11 12.64
CA PHE E 35 -22.09 18.98 11.74
C PHE E 35 -22.13 19.45 10.27
N GLU E 36 -21.57 20.63 10.03
CA GLU E 36 -21.47 21.23 8.67
C GLU E 36 -20.05 21.17 8.22
N GLU E 37 -19.82 20.75 6.99
CA GLU E 37 -18.47 20.84 6.42
C GLU E 37 -17.95 22.31 6.51
N PRO E 38 -16.70 22.52 6.98
CA PRO E 38 -16.09 23.85 7.10
C PRO E 38 -15.39 24.42 5.84
N TYR E 39 -16.25 24.70 4.87
CA TYR E 39 -15.86 25.12 3.54
C TYR E 39 -17.02 25.91 2.98
N GLU E 40 -16.83 27.20 2.77
CA GLU E 40 -17.88 27.95 2.11
C GLU E 40 -17.34 29.26 1.56
N SER E 41 -17.47 29.41 0.26
CA SER E 41 -17.01 30.64 -0.33
C SER E 41 -17.99 31.72 -0.11
N PHE E 42 -17.47 32.92 -0.10
CA PHE E 42 -18.30 34.05 0.20
C PHE E 42 -19.35 34.18 -0.88
N ASP E 43 -19.02 33.75 -2.10
CA ASP E 43 -20.00 33.84 -3.17
C ASP E 43 -21.09 32.81 -2.94
N GLU E 44 -20.68 31.60 -2.55
CA GLU E 44 -21.66 30.57 -2.17
C GLU E 44 -22.55 31.04 -1.00
N LEU E 45 -21.96 31.73 -0.05
CA LEU E 45 -22.72 32.30 1.08
C LEU E 45 -23.83 33.29 0.64
N GLU E 46 -23.54 34.08 -0.39
CA GLU E 46 -24.38 35.20 -0.81
C GLU E 46 -25.46 34.75 -1.78
N GLU E 47 -25.32 33.56 -2.35
CA GLU E 47 -26.38 32.95 -3.18
C GLU E 47 -27.33 32.20 -2.24
N LEU E 48 -26.77 31.47 -1.29
CA LEU E 48 -27.55 30.90 -0.16
C LEU E 48 -28.35 31.96 0.60
N TYR E 49 -27.72 33.07 0.95
CA TYR E 49 -28.39 34.13 1.66
C TYR E 49 -29.56 34.59 0.87
N ASN E 50 -29.32 34.79 -0.43
CA ASN E 50 -30.31 35.31 -1.37
C ASN E 50 -31.51 34.40 -1.43
N LYS E 51 -31.27 33.10 -1.53
CA LYS E 51 -32.37 32.16 -1.58
C LYS E 51 -33.01 31.98 -0.16
N HIS E 52 -32.22 32.08 0.90
CA HIS E 52 -32.82 32.13 2.25
C HIS E 52 -33.80 33.32 2.46
N ILE E 53 -33.68 34.36 1.62
CA ILE E 53 -34.47 35.58 1.80
C ILE E 53 -35.97 35.32 1.72
N HIS E 54 -36.40 34.39 0.87
CA HIS E 54 -37.83 34.09 0.79
C HIS E 54 -38.10 32.65 1.19
N ASP E 55 -37.41 32.17 2.23
CA ASP E 55 -37.70 30.87 2.78
C ASP E 55 -38.40 31.03 4.13
N ASN E 56 -39.66 30.61 4.12
CA ASN E 56 -40.53 30.79 5.22
C ASN E 56 -40.33 29.69 6.27
N ALA E 57 -39.60 28.66 5.90
CA ALA E 57 -39.26 27.56 6.76
C ALA E 57 -37.95 27.81 7.53
N GLU E 58 -37.41 29.03 7.45
CA GLU E 58 -36.19 29.37 8.18
C GLU E 58 -36.18 30.78 8.73
N ARG E 59 -35.61 30.96 9.90
CA ARG E 59 -35.28 32.26 10.43
C ARG E 59 -33.81 32.26 10.97
N ARG E 60 -33.01 33.17 10.43
CA ARG E 60 -31.63 33.39 10.82
C ARG E 60 -31.49 34.74 11.55
N PHE E 61 -30.77 34.69 12.65
CA PHE E 61 -30.70 35.83 13.53
C PHE E 61 -29.26 36.06 13.87
N VAL E 62 -28.95 37.33 14.09
CA VAL E 62 -27.65 37.66 14.58
C VAL E 62 -27.76 38.18 15.98
N VAL E 63 -26.69 38.04 16.74
CA VAL E 63 -26.71 38.40 18.15
C VAL E 63 -25.83 39.60 18.43
N GLU E 64 -26.45 40.62 19.04
CA GLU E 64 -25.78 41.91 19.29
C GLU E 64 -25.82 42.30 20.77
N ASP E 65 -24.70 42.80 21.29
CA ASP E 65 -24.69 43.46 22.62
C ASP E 65 -25.14 44.92 22.46
N ALA E 66 -25.01 45.74 23.51
CA ALA E 66 -25.44 47.16 23.47
C ALA E 66 -24.53 48.02 22.61
N GLN E 67 -23.28 47.59 22.51
CA GLN E 67 -22.29 48.32 21.74
C GLN E 67 -22.37 47.92 20.26
N LYS E 68 -23.26 46.97 19.94
CA LYS E 68 -23.55 46.45 18.57
C LYS E 68 -22.49 45.52 18.00
N ASN E 69 -21.73 44.86 18.86
CA ASN E 69 -20.84 43.84 18.37
C ASN E 69 -21.61 42.53 18.15
N LEU E 70 -21.15 41.75 17.16
CA LEU E 70 -21.85 40.53 16.76
C LEU E 70 -21.45 39.36 17.64
N ILE E 71 -22.35 38.96 18.52
CA ILE E 71 -22.05 37.97 19.54
C ILE E 71 -22.10 36.57 18.98
N GLY E 72 -23.09 36.34 18.14
CA GLY E 72 -23.32 35.01 17.64
C GLY E 72 -24.47 34.94 16.67
N LEU E 73 -24.79 33.70 16.35
CA LEU E 73 -25.81 33.39 15.37
C LEU E 73 -26.82 32.45 15.92
N VAL E 74 -28.07 32.68 15.59
CA VAL E 74 -29.09 31.73 15.99
C VAL E 74 -30.03 31.39 14.85
N GLU E 75 -30.33 30.09 14.73
CA GLU E 75 -31.18 29.64 13.64
C GLU E 75 -32.31 28.77 14.13
N LEU E 76 -33.38 28.86 13.35
CA LEU E 76 -34.55 28.06 13.49
C LEU E 76 -34.86 27.67 12.07
N ILE E 77 -34.63 26.39 11.77
CA ILE E 77 -34.70 25.88 10.43
C ILE E 77 -35.65 24.71 10.47
N GLU E 78 -35.95 24.19 9.30
CA GLU E 78 -36.91 23.11 9.16
C GLU E 78 -38.25 23.43 9.81
N ILE E 79 -38.62 24.71 9.74
CA ILE E 79 -39.89 25.13 10.26
C ILE E 79 -41.04 24.48 9.46
N ASN E 80 -41.93 23.75 10.14
CA ASN E 80 -43.00 22.97 9.47
C ASN E 80 -44.28 23.41 10.11
N TYR E 81 -45.20 23.95 9.32
CA TYR E 81 -46.36 24.62 9.92
C TYR E 81 -47.65 23.83 10.04
N ILE E 82 -47.59 22.56 9.67
CA ILE E 82 -48.61 21.60 10.07
C ILE E 82 -48.21 21.02 11.44
N HIS E 83 -47.02 20.47 11.55
CA HIS E 83 -46.57 19.87 12.79
C HIS E 83 -46.02 20.87 13.83
N ARG E 84 -45.77 22.08 13.38
CA ARG E 84 -45.42 23.23 14.24
C ARG E 84 -44.13 22.97 15.00
N SER E 85 -43.15 22.36 14.32
CA SER E 85 -41.91 22.08 14.90
C SER E 85 -40.82 22.84 14.13
N ALA E 86 -39.74 23.14 14.81
CA ALA E 86 -38.52 23.59 14.14
C ALA E 86 -37.31 23.04 14.85
N GLU E 87 -36.19 22.98 14.10
CA GLU E 87 -34.87 22.64 14.58
C GLU E 87 -34.15 23.93 15.06
N PHE E 88 -33.70 23.97 16.32
CA PHE E 88 -32.82 25.06 16.87
C PHE E 88 -31.32 24.78 16.75
N GLN E 89 -30.57 25.82 16.30
CA GLN E 89 -29.10 25.77 16.15
C GLN E 89 -28.46 27.05 16.76
N ILE E 90 -27.37 26.94 17.48
CA ILE E 90 -26.76 28.15 18.02
C ILE E 90 -25.25 28.08 17.92
N ILE E 91 -24.66 29.22 17.50
CA ILE E 91 -23.21 29.50 17.54
C ILE E 91 -22.93 30.84 18.25
N ILE E 92 -22.21 30.83 19.37
CA ILE E 92 -21.54 32.04 19.87
C ILE E 92 -20.10 32.16 19.37
N ALA E 93 -19.72 33.32 18.82
CA ALA E 93 -18.35 33.50 18.32
C ALA E 93 -17.29 33.23 19.41
N PRO E 94 -16.14 32.61 19.00
CA PRO E 94 -15.06 32.26 19.92
C PRO E 94 -14.78 33.29 20.97
N GLU E 95 -14.75 34.56 20.54
CA GLU E 95 -14.29 35.67 21.37
C GLU E 95 -15.34 36.13 22.39
N HIS E 96 -16.58 35.63 22.23
CA HIS E 96 -17.67 35.90 23.17
C HIS E 96 -18.10 34.66 23.95
N GLN E 97 -17.36 33.57 23.80
CA GLN E 97 -17.58 32.38 24.62
C GLN E 97 -16.97 32.56 25.99
N GLY E 98 -17.71 32.08 27.00
CA GLY E 98 -17.18 32.01 28.35
C GLY E 98 -17.66 33.13 29.22
N LYS E 99 -18.57 33.93 28.67
CA LYS E 99 -19.17 35.03 29.39
C LYS E 99 -20.54 34.66 29.93
N GLY E 100 -20.98 33.42 29.70
CA GLY E 100 -22.27 32.99 30.23
C GLY E 100 -23.45 33.54 29.46
N PHE E 101 -23.18 33.88 28.20
CA PHE E 101 -24.18 34.37 27.25
C PHE E 101 -25.12 33.27 26.68
N ALA E 102 -24.83 31.99 26.87
CA ALA E 102 -25.60 30.98 26.12
C ALA E 102 -27.06 30.90 26.56
N ARG E 103 -27.37 30.58 27.82
CA ARG E 103 -28.78 30.62 28.28
C ARG E 103 -29.59 31.75 27.63
N THR E 104 -29.09 32.97 27.72
CA THR E 104 -29.86 34.14 27.23
C THR E 104 -30.32 33.88 25.80
N LEU E 105 -29.38 33.54 24.94
CA LEU E 105 -29.71 33.35 23.52
C LEU E 105 -30.64 32.17 23.25
N ILE E 106 -30.39 31.03 23.88
CA ILE E 106 -31.30 29.89 23.80
C ILE E 106 -32.69 30.32 24.27
N ASN E 107 -32.74 31.02 25.41
CA ASN E 107 -33.98 31.63 25.95
C ASN E 107 -34.67 32.58 24.94
N ARG E 108 -33.89 33.42 24.26
CA ARG E 108 -34.45 34.32 23.22
C ARG E 108 -34.95 33.54 21.98
N ALA E 109 -34.29 32.43 21.62
CA ALA E 109 -34.79 31.59 20.52
C ALA E 109 -36.09 30.92 20.91
N LEU E 110 -36.14 30.39 22.12
CA LEU E 110 -37.36 29.76 22.57
C LEU E 110 -38.46 30.84 22.60
N ASP E 111 -38.12 32.02 23.14
CA ASP E 111 -39.04 33.14 23.19
C ASP E 111 -39.56 33.46 21.82
N TYR E 112 -38.65 33.59 20.85
CA TYR E 112 -39.12 33.80 19.50
C TYR E 112 -40.11 32.72 19.01
N SER E 113 -39.72 31.46 19.17
CA SER E 113 -40.45 30.34 18.55
C SER E 113 -41.85 30.11 19.15
N PHE E 114 -41.98 30.40 20.43
CA PHE E 114 -43.15 30.05 21.17
C PHE E 114 -44.05 31.28 21.29
N THR E 115 -43.46 32.46 21.32
CA THR E 115 -44.27 33.66 21.53
C THR E 115 -44.58 34.38 20.26
N ILE E 116 -43.74 34.24 19.24
CA ILE E 116 -44.00 34.89 17.95
C ILE E 116 -44.45 33.93 16.82
N LEU E 117 -43.60 32.97 16.46
CA LEU E 117 -43.92 31.97 15.46
C LEU E 117 -44.99 30.99 15.81
N ASN E 118 -45.51 31.06 17.03
CA ASN E 118 -46.54 30.15 17.48
C ASN E 118 -46.22 28.66 17.20
N LEU E 119 -45.04 28.23 17.62
CA LEU E 119 -44.60 26.82 17.43
C LEU E 119 -44.89 25.91 18.62
N HIS E 120 -45.01 24.62 18.36
CA HIS E 120 -45.37 23.61 19.36
C HIS E 120 -44.17 22.85 19.91
N LYS E 121 -43.20 22.56 19.03
CA LYS E 121 -41.95 21.80 19.42
C LYS E 121 -40.70 22.45 18.83
N ILE E 122 -39.74 22.72 19.71
CA ILE E 122 -38.36 23.00 19.31
C ILE E 122 -37.48 21.83 19.63
N TYR E 123 -36.70 21.39 18.64
CA TYR E 123 -35.65 20.34 18.85
C TYR E 123 -34.30 20.72 18.31
N LEU E 124 -33.30 19.92 18.67
CA LEU E 124 -31.93 20.24 18.42
C LEU E 124 -31.13 18.97 18.45
N HIS E 125 -30.07 18.90 17.66
CA HIS E 125 -29.12 17.81 17.79
C HIS E 125 -27.89 18.32 18.50
N VAL E 126 -27.24 17.46 19.31
CA VAL E 126 -25.95 17.76 19.98
C VAL E 126 -25.13 16.56 20.39
N ALA E 127 -23.84 16.66 20.08
CA ALA E 127 -22.94 15.54 20.21
C ALA E 127 -22.78 15.18 21.68
N VAL E 128 -22.92 13.89 22.00
CA VAL E 128 -22.67 13.34 23.34
C VAL E 128 -21.32 13.84 23.83
N GLU E 129 -20.38 13.81 22.90
CA GLU E 129 -19.04 14.21 23.19
C GLU E 129 -18.90 15.69 23.50
N ASN E 130 -20.01 16.47 23.47
CA ASN E 130 -20.00 17.88 23.94
C ASN E 130 -20.90 18.15 25.16
N PRO E 131 -20.46 17.72 26.36
CA PRO E 131 -21.36 17.68 27.50
C PRO E 131 -21.68 19.02 28.14
N LYS E 132 -20.79 20.00 28.05
CA LYS E 132 -21.17 21.27 28.58
C LYS E 132 -22.33 21.75 27.71
N ALA E 133 -22.23 21.58 26.38
CA ALA E 133 -23.34 21.96 25.52
C ALA E 133 -24.59 21.21 25.94
N VAL E 134 -24.49 19.90 26.12
CA VAL E 134 -25.68 19.17 26.60
C VAL E 134 -26.22 19.69 27.94
N HIS E 135 -25.34 19.85 28.93
CA HIS E 135 -25.79 20.31 30.27
C HIS E 135 -26.49 21.70 30.28
N LEU E 136 -26.08 22.58 29.37
CA LEU E 136 -26.73 23.90 29.15
C LEU E 136 -28.16 23.87 28.53
N TYR E 137 -28.37 23.02 27.53
CA TYR E 137 -29.71 22.81 26.98
C TYR E 137 -30.64 22.19 27.98
N GLU E 138 -30.09 21.27 28.79
CA GLU E 138 -30.84 20.68 29.87
C GLU E 138 -31.20 21.70 30.90
N GLU E 139 -30.34 22.69 31.15
CA GLU E 139 -30.68 23.76 32.08
C GLU E 139 -31.71 24.73 31.52
N CYS E 140 -31.76 24.87 30.19
CA CYS E 140 -32.79 25.66 29.54
C CYS E 140 -34.02 24.84 29.18
N GLY E 141 -34.35 23.83 29.98
CA GLY E 141 -35.47 22.89 29.79
C GLY E 141 -35.51 21.79 28.72
N PHE E 142 -34.43 21.50 28.02
CA PHE E 142 -34.52 20.52 26.91
C PHE E 142 -34.45 19.10 27.49
N VAL E 143 -35.14 18.15 26.89
CA VAL E 143 -35.12 16.77 27.31
C VAL E 143 -34.61 15.91 26.16
N GLU E 144 -33.85 14.88 26.47
CA GLU E 144 -33.39 13.95 25.46
C GLU E 144 -34.57 13.09 25.04
N GLU E 145 -34.85 13.01 23.73
CA GLU E 145 -35.81 12.07 23.16
C GLU E 145 -35.15 10.98 22.29
N GLY E 146 -33.85 11.09 22.09
CA GLY E 146 -33.16 10.06 21.26
C GLY E 146 -31.66 10.17 21.40
N HIS E 147 -30.98 9.03 21.26
CA HIS E 147 -29.51 8.93 21.27
C HIS E 147 -29.17 8.36 19.92
N LEU E 148 -28.81 9.18 18.95
CA LEU E 148 -28.71 8.68 17.59
C LEU E 148 -27.31 8.15 17.23
N VAL E 149 -27.19 6.85 16.89
CA VAL E 149 -25.88 6.12 16.84
C VAL E 149 -25.14 6.33 15.51
N GLU E 150 -23.87 6.72 15.58
CA GLU E 150 -23.05 6.98 14.40
C GLU E 150 -23.81 7.83 13.41
N GLU E 151 -24.42 8.89 13.94
CA GLU E 151 -25.29 9.80 13.16
C GLU E 151 -24.49 10.64 12.16
N PHE E 152 -23.38 11.19 12.66
CA PHE E 152 -22.49 12.03 11.87
C PHE E 152 -21.02 11.62 11.92
N PHE E 153 -20.36 11.75 10.77
CA PHE E 153 -18.91 11.72 10.67
C PHE E 153 -18.32 13.07 11.16
N ILE E 154 -17.64 13.07 12.29
CA ILE E 154 -17.12 14.34 12.78
C ILE E 154 -15.69 14.08 13.10
N ASN E 155 -14.87 14.75 12.32
CA ASN E 155 -13.45 14.81 12.53
C ASN E 155 -12.87 13.42 12.58
N GLY E 156 -13.20 12.61 11.58
CA GLY E 156 -12.54 11.35 11.46
C GLY E 156 -13.18 10.13 12.02
N ARG E 157 -14.35 10.27 12.60
CA ARG E 157 -15.00 9.17 13.31
C ARG E 157 -16.49 9.39 13.19
N TYR E 158 -17.29 8.31 13.18
CA TYR E 158 -18.74 8.51 13.31
C TYR E 158 -19.00 8.78 14.74
N GLN E 159 -19.87 9.75 15.03
CA GLN E 159 -20.30 9.98 16.41
C GLN E 159 -21.79 10.03 16.63
N ASP E 160 -22.13 9.81 17.91
CA ASP E 160 -23.48 9.89 18.43
C ASP E 160 -23.89 11.29 18.84
N VAL E 161 -25.20 11.53 18.78
CA VAL E 161 -25.74 12.80 19.20
C VAL E 161 -27.02 12.53 19.93
N LYS E 162 -27.37 13.42 20.85
CA LYS E 162 -28.69 13.37 21.48
C LYS E 162 -29.58 14.23 20.60
N ARG E 163 -30.82 13.81 20.31
CA ARG E 163 -31.85 14.77 19.83
C ARG E 163 -32.53 15.19 21.11
N MET E 164 -32.67 16.51 21.32
CA MET E 164 -33.31 17.08 22.53
C MET E 164 -34.43 18.03 22.12
N TYR E 165 -35.41 18.18 22.98
CA TYR E 165 -36.61 18.86 22.62
C TYR E 165 -37.25 19.57 23.76
N ILE E 166 -38.01 20.60 23.46
CA ILE E 166 -38.79 21.25 24.47
C ILE E 166 -40.09 21.65 23.82
N LEU E 167 -41.17 21.68 24.62
CA LEU E 167 -42.54 22.01 24.16
C LEU E 167 -43.06 23.41 24.57
N GLN E 168 -43.96 23.92 23.74
CA GLN E 168 -44.49 25.27 23.89
C GLN E 168 -45.14 25.46 25.24
N SER E 169 -45.97 24.51 25.60
CA SER E 169 -46.78 24.59 26.80
C SER E 169 -45.95 24.23 28.04
N LYS E 170 -44.74 23.68 27.86
CA LYS E 170 -43.82 23.53 28.96
C LYS E 170 -43.10 24.85 29.24
N TYR E 171 -42.59 25.47 28.16
CA TYR E 171 -42.03 26.81 28.22
C TYR E 171 -42.99 27.95 28.63
N LEU E 172 -44.29 27.85 28.27
CA LEU E 172 -45.21 29.00 28.52
C LEU E 172 -46.03 28.81 29.80
N ASN E 173 -45.83 27.72 30.49
CA ASN E 173 -46.25 27.65 31.88
C ASN E 173 -45.00 27.20 32.67
N ARG E 174 -43.95 28.04 32.52
CA ARG E 174 -42.56 27.82 33.03
C ARG E 174 -42.10 29.03 33.81
N ASN F 5 -42.18 -13.49 -3.89
CA ASN F 5 -41.09 -13.21 -2.91
C ASN F 5 -39.89 -12.59 -3.66
N SER F 6 -39.03 -13.41 -4.26
CA SER F 6 -37.97 -12.89 -5.14
C SER F 6 -38.51 -12.43 -6.48
N GLN F 7 -39.82 -12.55 -6.71
CA GLN F 7 -40.40 -11.93 -7.90
C GLN F 7 -40.82 -10.46 -7.73
N LEU F 8 -40.76 -9.94 -6.51
CA LEU F 8 -40.95 -8.51 -6.29
C LEU F 8 -39.65 -7.79 -6.63
N THR F 9 -39.72 -6.82 -7.55
CA THR F 9 -38.53 -6.07 -8.03
C THR F 9 -38.74 -4.57 -7.89
N LEU F 10 -37.65 -3.88 -7.55
CA LEU F 10 -37.63 -2.42 -7.42
C LEU F 10 -37.03 -1.87 -8.66
N ARG F 11 -37.49 -0.68 -9.05
CA ARG F 11 -36.93 0.03 -10.20
C ARG F 11 -37.24 1.50 -10.03
N ALA F 12 -36.56 2.33 -10.85
CA ALA F 12 -36.70 3.78 -10.84
C ALA F 12 -38.13 4.28 -11.07
N LEU F 13 -38.59 5.17 -10.21
CA LEU F 13 -39.86 5.84 -10.42
C LEU F 13 -39.84 6.49 -11.80
N GLU F 14 -40.85 6.27 -12.65
CA GLU F 14 -40.99 7.11 -13.85
C GLU F 14 -42.34 7.79 -14.08
N ARG F 15 -42.41 8.57 -15.15
CA ARG F 15 -43.58 9.36 -15.47
C ARG F 15 -44.85 8.50 -15.63
N GLY F 16 -44.70 7.29 -16.14
CA GLY F 16 -45.87 6.42 -16.37
C GLY F 16 -46.44 5.88 -15.07
N ASP F 17 -45.69 6.02 -13.98
CA ASP F 17 -46.07 5.54 -12.67
C ASP F 17 -46.83 6.63 -11.89
N LEU F 18 -47.06 7.75 -12.55
CA LEU F 18 -47.41 8.94 -11.81
C LEU F 18 -48.88 8.92 -11.41
N ARG F 19 -49.73 8.20 -12.18
CA ARG F 19 -51.12 8.02 -11.79
C ARG F 19 -51.23 7.19 -10.52
N PHE F 20 -50.42 6.13 -10.43
CA PHE F 20 -50.38 5.24 -9.23
C PHE F 20 -49.99 5.99 -7.94
N ILE F 21 -48.92 6.76 -8.03
CA ILE F 21 -48.43 7.59 -6.93
C ILE F 21 -49.45 8.66 -6.58
N HIS F 22 -50.02 9.28 -7.61
CA HIS F 22 -51.09 10.27 -7.40
C HIS F 22 -52.08 9.75 -6.36
N ASN F 23 -52.74 8.63 -6.66
CA ASN F 23 -53.74 8.06 -5.73
C ASN F 23 -53.17 7.83 -4.32
N LEU F 24 -52.09 7.08 -4.20
CA LEU F 24 -51.36 6.92 -2.95
C LEU F 24 -51.18 8.26 -2.18
N ASN F 25 -50.59 9.27 -2.83
CA ASN F 25 -50.38 10.60 -2.20
C ASN F 25 -51.66 11.38 -1.85
N ASN F 26 -52.81 10.91 -2.32
CA ASN F 26 -54.07 11.50 -1.92
C ASN F 26 -54.97 10.63 -1.02
N ASN F 27 -54.45 9.46 -0.60
CA ASN F 27 -55.16 8.50 0.27
C ASN F 27 -54.76 8.81 1.69
N ARG F 28 -55.69 9.41 2.41
CA ARG F 28 -55.45 9.84 3.77
C ARG F 28 -54.85 8.76 4.66
N ASN F 29 -55.50 7.60 4.71
CA ASN F 29 -55.08 6.54 5.61
C ASN F 29 -53.67 6.17 5.36
N ILE F 30 -53.30 6.18 4.09
CA ILE F 30 -51.97 5.84 3.64
C ILE F 30 -51.03 6.97 4.06
N MET F 31 -51.31 8.20 3.64
CA MET F 31 -50.29 9.24 3.81
C MET F 31 -49.99 9.58 5.27
N SER F 32 -50.92 9.29 6.18
CA SER F 32 -50.70 9.38 7.64
C SER F 32 -49.46 8.61 8.11
N TYR F 33 -49.10 7.55 7.39
CA TYR F 33 -47.95 6.77 7.79
C TYR F 33 -46.65 7.31 7.20
N TRP F 34 -46.68 8.33 6.31
CA TRP F 34 -45.43 9.09 5.99
C TRP F 34 -45.47 10.50 6.62
N PHE F 35 -46.46 10.71 7.49
CA PHE F 35 -46.64 12.01 8.12
C PHE F 35 -46.83 13.10 7.09
N GLU F 36 -47.44 12.75 5.96
CA GLU F 36 -47.65 13.71 4.88
C GLU F 36 -49.08 14.18 4.79
N GLU F 37 -49.26 15.42 4.37
CA GLU F 37 -50.63 15.93 4.08
C GLU F 37 -51.18 15.25 2.80
N PRO F 38 -52.38 14.62 2.89
CA PRO F 38 -52.95 13.92 1.76
C PRO F 38 -53.65 14.84 0.76
N TYR F 39 -52.84 15.67 0.09
CA TYR F 39 -53.32 16.71 -0.79
C TYR F 39 -52.23 16.92 -1.82
N GLU F 40 -52.51 16.58 -3.06
CA GLU F 40 -51.52 16.79 -4.09
C GLU F 40 -52.19 16.70 -5.44
N SER F 41 -52.35 17.84 -6.10
CA SER F 41 -52.85 17.87 -7.47
C SER F 41 -51.92 17.13 -8.44
N PHE F 42 -52.49 16.57 -9.50
CA PHE F 42 -51.63 15.81 -10.39
C PHE F 42 -50.48 16.63 -10.94
N ASP F 43 -50.74 17.90 -11.25
CA ASP F 43 -49.73 18.74 -11.85
C ASP F 43 -48.70 19.16 -10.84
N GLU F 44 -49.11 19.24 -9.58
CA GLU F 44 -48.13 19.42 -8.52
C GLU F 44 -47.21 18.20 -8.46
N LEU F 45 -47.75 17.00 -8.64
CA LEU F 45 -46.94 15.76 -8.64
C LEU F 45 -45.87 15.75 -9.77
N GLU F 46 -46.23 16.30 -10.93
CA GLU F 46 -45.30 16.38 -12.06
C GLU F 46 -44.22 17.36 -11.72
N GLU F 47 -44.60 18.53 -11.20
CA GLU F 47 -43.60 19.55 -10.90
C GLU F 47 -42.53 19.01 -9.94
N LEU F 48 -42.96 18.35 -8.86
CA LEU F 48 -42.04 17.66 -7.94
C LEU F 48 -41.26 16.55 -8.59
N TYR F 49 -41.95 15.73 -9.37
CA TYR F 49 -41.29 14.68 -10.09
C TYR F 49 -40.08 15.22 -10.90
N ASN F 50 -40.28 16.25 -11.74
CA ASN F 50 -39.20 16.74 -12.65
C ASN F 50 -38.05 17.32 -11.84
N LYS F 51 -38.39 17.96 -10.73
CA LYS F 51 -37.38 18.50 -9.83
C LYS F 51 -36.40 17.40 -9.47
N HIS F 52 -36.92 16.34 -8.85
CA HIS F 52 -36.09 15.31 -8.24
C HIS F 52 -35.45 14.27 -9.18
N ILE F 53 -35.94 14.18 -10.42
CA ILE F 53 -35.17 13.65 -11.55
C ILE F 53 -33.70 14.04 -11.38
N HIS F 54 -33.54 15.30 -10.98
CA HIS F 54 -32.26 16.00 -10.87
C HIS F 54 -31.68 16.07 -9.47
N ASP F 55 -32.24 15.29 -8.54
CA ASP F 55 -31.89 15.43 -7.16
C ASP F 55 -31.18 14.15 -6.70
N ASN F 56 -29.87 14.31 -6.58
CA ASN F 56 -28.91 13.22 -6.25
C ASN F 56 -29.04 12.68 -4.81
N ALA F 57 -29.80 13.40 -4.00
CA ALA F 57 -29.91 13.17 -2.58
C ALA F 57 -31.18 12.35 -2.23
N GLU F 58 -31.85 11.84 -3.28
CA GLU F 58 -32.93 10.93 -3.05
C GLU F 58 -33.10 9.94 -4.21
N ARG F 59 -33.59 8.75 -3.89
CA ARG F 59 -33.99 7.78 -4.91
C ARG F 59 -35.41 7.30 -4.64
N ARG F 60 -36.27 7.26 -5.67
CA ARG F 60 -37.68 6.87 -5.52
C ARG F 60 -37.96 5.62 -6.34
N PHE F 61 -38.33 4.52 -5.70
CA PHE F 61 -38.50 3.29 -6.41
C PHE F 61 -39.96 2.95 -6.45
N VAL F 62 -40.36 2.26 -7.49
CA VAL F 62 -41.62 1.59 -7.45
C VAL F 62 -41.34 0.11 -7.36
N VAL F 63 -42.31 -0.60 -6.80
CA VAL F 63 -42.27 -2.06 -6.77
C VAL F 63 -43.32 -2.60 -7.70
N GLU F 64 -42.92 -3.60 -8.47
CA GLU F 64 -43.75 -4.31 -9.42
C GLU F 64 -43.65 -5.78 -9.04
N ASP F 65 -44.62 -6.60 -9.48
CA ASP F 65 -44.47 -8.06 -9.39
C ASP F 65 -44.04 -8.61 -10.74
N ALA F 66 -44.03 -9.95 -10.86
CA ALA F 66 -43.72 -10.61 -12.13
C ALA F 66 -44.70 -10.18 -13.22
N GLN F 67 -45.98 -10.18 -12.87
CA GLN F 67 -47.03 -9.78 -13.78
C GLN F 67 -47.03 -8.26 -14.03
N LYS F 68 -46.26 -7.50 -13.24
CA LYS F 68 -46.12 -6.03 -13.39
C LYS F 68 -47.29 -5.23 -12.80
N ASN F 69 -48.09 -5.82 -11.91
CA ASN F 69 -48.98 -5.00 -11.10
C ASN F 69 -48.05 -4.02 -10.34
N LEU F 70 -48.56 -2.83 -10.07
CA LEU F 70 -47.89 -1.85 -9.23
C LEU F 70 -48.18 -2.25 -7.79
N ILE F 71 -47.13 -2.56 -7.03
CA ILE F 71 -47.24 -3.10 -5.68
C ILE F 71 -47.09 -2.01 -4.61
N GLY F 72 -46.21 -1.04 -4.87
CA GLY F 72 -45.98 -0.01 -3.89
C GLY F 72 -44.76 0.84 -4.15
N LEU F 73 -44.30 1.49 -3.09
CA LEU F 73 -43.28 2.54 -3.25
C LEU F 73 -42.25 2.52 -2.13
N VAL F 74 -40.96 2.49 -2.49
CA VAL F 74 -39.85 2.59 -1.54
C VAL F 74 -39.04 3.86 -1.82
N GLU F 75 -38.78 4.66 -0.78
CA GLU F 75 -37.96 5.87 -0.93
C GLU F 75 -36.72 5.94 -0.04
N LEU F 76 -35.60 6.41 -0.64
CA LEU F 76 -34.35 6.78 0.07
C LEU F 76 -34.19 8.28 -0.07
N ILE F 77 -34.53 9.05 0.98
CA ILE F 77 -34.56 10.51 0.88
C ILE F 77 -33.52 11.10 1.83
N GLU F 78 -33.31 12.39 1.68
CA GLU F 78 -32.29 13.08 2.51
C GLU F 78 -30.93 12.35 2.52
N ILE F 79 -30.48 11.95 1.33
CA ILE F 79 -29.22 11.29 1.26
C ILE F 79 -28.12 12.31 1.54
N ASN F 80 -27.28 12.00 2.52
CA ASN F 80 -26.18 12.89 2.81
C ASN F 80 -24.92 12.11 2.52
N TYR F 81 -24.07 12.72 1.70
N TYR F 81 -24.04 12.70 1.71
CA TYR F 81 -22.90 12.12 1.07
CA TYR F 81 -22.91 11.96 1.16
C TYR F 81 -21.69 12.05 2.01
C TYR F 81 -21.56 12.20 1.86
N ILE F 82 -21.55 13.05 2.89
CA ILE F 82 -20.47 13.11 3.88
C ILE F 82 -20.73 12.13 5.03
N HIS F 83 -21.88 12.30 5.69
CA HIS F 83 -22.25 11.48 6.82
C HIS F 83 -22.70 10.09 6.43
N ARG F 84 -23.01 9.94 5.16
CA ARG F 84 -23.32 8.65 4.52
C ARG F 84 -24.63 8.06 5.05
N SER F 85 -25.63 8.92 5.24
CA SER F 85 -26.93 8.52 5.80
C SER F 85 -28.09 8.96 4.88
N ALA F 86 -29.19 8.18 4.98
CA ALA F 86 -30.44 8.51 4.38
C ALA F 86 -31.63 8.01 5.23
N GLU F 87 -32.79 8.58 4.94
CA GLU F 87 -34.01 8.07 5.50
C GLU F 87 -34.75 7.18 4.49
N PHE F 88 -35.33 6.10 5.00
CA PHE F 88 -36.15 5.17 4.25
C PHE F 88 -37.67 5.34 4.59
N GLN F 89 -38.51 5.20 3.57
CA GLN F 89 -39.93 5.00 3.79
C GLN F 89 -40.53 4.10 2.73
N ILE F 90 -41.60 3.41 3.09
CA ILE F 90 -42.20 2.46 2.18
C ILE F 90 -43.70 2.55 2.23
N ILE F 91 -44.33 2.18 1.13
CA ILE F 91 -45.77 1.98 1.07
C ILE F 91 -45.96 0.75 0.25
N ILE F 92 -46.88 -0.06 0.74
CA ILE F 92 -47.52 -1.12 -0.08
C ILE F 92 -48.95 -0.71 -0.36
N ALA F 93 -49.30 -0.52 -1.64
CA ALA F 93 -50.66 -0.14 -2.06
C ALA F 93 -51.67 -1.00 -1.33
N PRO F 94 -52.85 -0.44 -1.05
CA PRO F 94 -53.89 -1.17 -0.34
C PRO F 94 -54.10 -2.64 -0.75
N GLU F 95 -54.23 -2.90 -2.04
CA GLU F 95 -54.64 -4.27 -2.42
C GLU F 95 -53.53 -5.30 -2.25
N HIS F 96 -52.31 -4.84 -2.00
CA HIS F 96 -51.22 -5.79 -1.86
C HIS F 96 -50.74 -5.96 -0.46
N GLN F 97 -51.32 -5.20 0.46
CA GLN F 97 -50.89 -5.26 1.84
C GLN F 97 -51.41 -6.52 2.48
N GLY F 98 -50.59 -7.15 3.30
CA GLY F 98 -50.99 -8.36 4.01
C GLY F 98 -50.68 -9.63 3.26
N LYS F 99 -49.80 -9.56 2.24
CA LYS F 99 -49.31 -10.78 1.60
C LYS F 99 -47.87 -11.12 1.99
N GLY F 100 -47.44 -10.66 3.16
CA GLY F 100 -46.06 -10.89 3.64
C GLY F 100 -44.98 -10.31 2.74
N PHE F 101 -45.28 -9.20 2.07
CA PHE F 101 -44.37 -8.59 1.09
C PHE F 101 -43.30 -7.70 1.71
N ALA F 102 -43.53 -7.21 2.93
CA ALA F 102 -42.76 -6.06 3.42
C ALA F 102 -41.28 -6.33 3.65
N ARG F 103 -41.00 -7.36 4.42
CA ARG F 103 -39.65 -7.89 4.61
C ARG F 103 -38.83 -7.91 3.36
N THR F 104 -39.36 -8.58 2.31
CA THR F 104 -38.71 -8.56 0.99
C THR F 104 -38.37 -7.15 0.60
N LEU F 105 -39.37 -6.27 0.63
CA LEU F 105 -39.15 -4.94 0.08
C LEU F 105 -38.21 -4.15 0.97
N ILE F 106 -38.24 -4.36 2.28
CA ILE F 106 -37.38 -3.56 3.17
C ILE F 106 -35.92 -4.00 2.95
N ASN F 107 -35.72 -5.31 2.76
CA ASN F 107 -34.41 -5.87 2.46
C ASN F 107 -33.87 -5.41 1.07
N ARG F 108 -34.76 -5.18 0.13
CA ARG F 108 -34.34 -4.64 -1.17
C ARG F 108 -33.83 -3.20 -1.08
N ALA F 109 -34.45 -2.43 -0.18
CA ALA F 109 -34.06 -1.04 0.03
C ALA F 109 -32.71 -0.96 0.72
N LEU F 110 -32.58 -1.85 1.70
CA LEU F 110 -31.37 -1.98 2.45
C LEU F 110 -30.22 -2.50 1.59
N ASP F 111 -30.53 -3.47 0.74
CA ASP F 111 -29.55 -4.01 -0.19
C ASP F 111 -29.02 -2.89 -1.07
N TYR F 112 -29.93 -1.99 -1.47
CA TYR F 112 -29.60 -0.91 -2.37
C TYR F 112 -28.71 0.08 -1.63
N SER F 113 -29.10 0.47 -0.43
CA SER F 113 -28.44 1.51 0.36
C SER F 113 -26.99 1.09 0.64
N PHE F 114 -26.85 -0.15 1.07
CA PHE F 114 -25.58 -0.69 1.56
C PHE F 114 -24.67 -1.31 0.55
N THR F 115 -25.21 -1.85 -0.52
CA THR F 115 -24.39 -2.60 -1.46
C THR F 115 -24.12 -1.79 -2.74
N ILE F 116 -24.99 -0.82 -3.00
CA ILE F 116 -24.92 0.01 -4.15
C ILE F 116 -24.63 1.45 -3.77
N LEU F 117 -25.36 2.05 -2.84
CA LEU F 117 -25.08 3.47 -2.57
C LEU F 117 -23.93 3.72 -1.66
N ASN F 118 -23.41 2.64 -1.07
CA ASN F 118 -22.30 2.67 -0.12
C ASN F 118 -22.56 3.56 1.08
N LEU F 119 -23.78 3.45 1.62
CA LEU F 119 -24.18 4.31 2.71
C LEU F 119 -23.88 3.61 4.02
N HIS F 120 -23.66 4.36 5.08
CA HIS F 120 -23.32 3.81 6.38
C HIS F 120 -24.50 3.64 7.35
N LYS F 121 -25.48 4.52 7.28
CA LYS F 121 -26.61 4.48 8.20
C LYS F 121 -27.95 4.75 7.53
N ILE F 122 -28.88 3.80 7.68
CA ILE F 122 -30.28 4.02 7.33
C ILE F 122 -31.20 4.15 8.52
N TYR F 123 -31.95 5.24 8.56
CA TYR F 123 -32.93 5.49 9.59
C TYR F 123 -34.33 5.65 9.02
N LEU F 124 -35.32 5.62 9.90
CA LEU F 124 -36.74 5.83 9.57
C LEU F 124 -37.51 6.39 10.79
N HIS F 125 -38.76 6.84 10.58
CA HIS F 125 -39.67 7.24 11.67
C HIS F 125 -40.97 6.48 11.55
N VAL F 126 -41.41 5.89 12.64
CA VAL F 126 -42.65 5.08 12.61
C VAL F 126 -43.48 5.38 13.86
N ALA F 127 -44.80 5.45 13.68
CA ALA F 127 -45.71 5.92 14.74
C ALA F 127 -45.65 4.91 15.87
N VAL F 128 -45.40 5.38 17.06
CA VAL F 128 -45.42 4.48 18.22
C VAL F 128 -46.73 3.70 18.18
N GLU F 129 -47.80 4.34 17.70
CA GLU F 129 -49.11 3.72 17.61
C GLU F 129 -49.23 2.66 16.54
N ASN F 130 -48.16 2.43 15.77
CA ASN F 130 -48.16 1.51 14.65
C ASN F 130 -47.23 0.35 15.01
N PRO F 131 -47.57 -0.40 16.08
CA PRO F 131 -46.71 -1.52 16.51
C PRO F 131 -46.54 -2.60 15.43
N LYS F 132 -47.53 -2.73 14.55
N LYS F 132 -47.53 -2.73 14.54
CA LYS F 132 -47.43 -3.57 13.35
CA LYS F 132 -47.41 -3.58 13.35
C LYS F 132 -46.11 -3.31 12.62
C LYS F 132 -46.10 -3.32 12.62
N ALA F 133 -45.88 -2.05 12.25
CA ALA F 133 -44.69 -1.68 11.52
C ALA F 133 -43.45 -1.78 12.43
N VAL F 134 -43.52 -1.28 13.66
CA VAL F 134 -42.36 -1.39 14.54
C VAL F 134 -41.80 -2.81 14.53
N HIS F 135 -42.69 -3.76 14.83
CA HIS F 135 -42.41 -5.22 14.73
C HIS F 135 -41.63 -5.62 13.48
N LEU F 136 -42.13 -5.21 12.33
CA LEU F 136 -41.53 -5.51 11.05
C LEU F 136 -40.13 -4.94 10.93
N TYR F 137 -39.95 -3.73 11.46
CA TYR F 137 -38.71 -3.04 11.25
C TYR F 137 -37.62 -3.75 12.03
N GLU F 138 -37.96 -4.30 13.20
CA GLU F 138 -37.02 -5.05 14.05
C GLU F 138 -36.66 -6.40 13.46
N GLU F 139 -37.65 -7.11 12.90
CA GLU F 139 -37.41 -8.38 12.27
C GLU F 139 -36.45 -8.21 11.06
N CYS F 140 -36.46 -7.07 10.41
CA CYS F 140 -35.44 -6.82 9.42
C CYS F 140 -34.15 -6.22 10.00
N GLY F 141 -34.12 -5.97 11.30
CA GLY F 141 -32.88 -5.49 11.96
C GLY F 141 -32.77 -4.06 12.41
N PHE F 142 -33.80 -3.25 12.22
CA PHE F 142 -33.69 -1.83 12.61
C PHE F 142 -33.77 -1.87 14.13
N VAL F 143 -33.12 -0.94 14.79
CA VAL F 143 -33.19 -0.82 16.25
C VAL F 143 -33.68 0.60 16.49
N GLU F 144 -34.44 0.82 17.56
CA GLU F 144 -34.92 2.15 17.95
C GLU F 144 -33.83 3.02 18.59
N GLU F 145 -33.58 4.20 18.03
CA GLU F 145 -32.63 5.14 18.61
C GLU F 145 -33.28 6.38 19.27
N GLY F 146 -34.56 6.64 19.00
CA GLY F 146 -35.29 7.69 19.72
C GLY F 146 -36.80 7.51 19.81
N HIS F 147 -37.40 8.24 20.74
CA HIS F 147 -38.86 8.23 20.98
C HIS F 147 -39.22 9.69 20.94
N LEU F 148 -39.59 10.17 19.76
CA LEU F 148 -39.79 11.61 19.50
C LEU F 148 -41.20 11.97 19.98
N VAL F 149 -41.27 12.93 20.91
CA VAL F 149 -42.45 13.23 21.69
C VAL F 149 -43.25 14.31 21.00
N GLU F 150 -44.50 13.97 20.66
CA GLU F 150 -45.41 14.90 19.99
C GLU F 150 -44.79 15.49 18.73
N GLU F 151 -44.23 14.62 17.90
CA GLU F 151 -43.41 15.05 16.77
C GLU F 151 -44.34 15.53 15.66
N PHE F 152 -45.32 14.72 15.33
CA PHE F 152 -46.12 15.07 14.19
C PHE F 152 -47.56 15.26 14.69
N PHE F 153 -48.25 16.25 14.17
CA PHE F 153 -49.68 16.30 14.32
C PHE F 153 -50.33 15.45 13.25
N ILE F 154 -51.09 14.45 13.65
CA ILE F 154 -51.81 13.53 12.71
C ILE F 154 -53.19 13.18 13.21
N ASN F 155 -54.20 13.31 12.33
CA ASN F 155 -55.54 12.86 12.67
C ASN F 155 -55.92 13.42 14.03
N GLY F 156 -55.69 14.72 14.22
CA GLY F 156 -56.36 15.47 15.28
C GLY F 156 -55.65 15.59 16.60
N ARG F 157 -54.38 15.20 16.64
CA ARG F 157 -53.60 15.17 17.86
C ARG F 157 -52.11 15.01 17.56
N TYR F 158 -51.30 15.39 18.53
CA TYR F 158 -49.91 15.31 18.39
C TYR F 158 -49.53 13.91 18.74
N GLN F 159 -48.68 13.32 17.90
CA GLN F 159 -48.26 11.97 18.19
C GLN F 159 -46.76 11.78 18.32
N ASP F 160 -46.45 10.69 19.01
CA ASP F 160 -45.10 10.20 19.21
C ASP F 160 -44.67 9.29 18.09
N VAL F 161 -43.37 9.27 17.77
CA VAL F 161 -42.87 8.32 16.78
C VAL F 161 -41.55 7.78 17.18
N LYS F 162 -41.23 6.57 16.75
CA LYS F 162 -39.94 5.98 16.91
C LYS F 162 -39.05 6.34 15.74
N ARG F 163 -37.82 6.70 16.04
CA ARG F 163 -36.74 6.68 15.06
C ARG F 163 -35.99 5.34 15.23
N MET F 164 -35.67 4.74 14.11
CA MET F 164 -35.15 3.42 14.05
C MET F 164 -34.08 3.39 12.98
N TYR F 165 -33.08 2.51 13.14
CA TYR F 165 -31.86 2.58 12.29
C TYR F 165 -31.26 1.24 12.08
N ILE F 166 -30.51 1.12 10.99
CA ILE F 166 -29.59 0.00 10.85
C ILE F 166 -28.30 0.51 10.18
N LEU F 167 -27.16 0.03 10.65
CA LEU F 167 -25.86 0.42 10.06
C LEU F 167 -25.34 -0.58 9.08
N GLN F 168 -24.55 -0.08 8.14
CA GLN F 168 -24.11 -0.87 7.00
C GLN F 168 -23.29 -2.01 7.56
N SER F 169 -22.66 -1.75 8.70
CA SER F 169 -21.86 -2.71 9.44
C SER F 169 -22.67 -3.84 10.02
N LYS F 170 -23.88 -3.56 10.51
CA LYS F 170 -24.76 -4.67 10.92
C LYS F 170 -25.26 -5.51 9.73
N TYR F 171 -25.60 -4.86 8.62
CA TYR F 171 -26.26 -5.56 7.56
C TYR F 171 -25.29 -6.33 6.66
N LEU F 172 -24.10 -5.82 6.42
CA LEU F 172 -23.11 -6.57 5.63
C LEU F 172 -22.43 -7.79 6.31
N ASN F 173 -22.24 -7.76 7.64
CA ASN F 173 -21.59 -8.85 8.37
C ASN F 173 -21.64 -8.67 9.89
N ASN G 5 4.97 23.31 7.80
CA ASN G 5 5.12 23.93 9.15
C ASN G 5 3.78 24.30 9.77
N SER G 6 3.86 24.76 11.04
CA SER G 6 2.73 25.30 11.82
C SER G 6 2.12 26.61 11.26
N GLN G 7 2.87 27.27 10.39
N GLN G 7 2.90 27.24 10.39
CA GLN G 7 2.42 28.54 9.84
CA GLN G 7 2.56 28.50 9.75
C GLN G 7 1.35 28.36 8.74
C GLN G 7 1.41 28.35 8.73
N LEU G 8 1.09 27.12 8.31
CA LEU G 8 0.26 26.87 7.12
C LEU G 8 -1.20 26.55 7.35
N THR G 9 -2.10 27.30 6.69
CA THR G 9 -3.55 27.00 6.68
C THR G 9 -4.13 26.75 5.27
N LEU G 10 -5.22 25.97 5.22
CA LEU G 10 -6.07 25.77 4.05
C LEU G 10 -7.46 26.48 4.16
N ARG G 11 -7.81 27.28 3.19
CA ARG G 11 -9.17 27.81 3.12
C ARG G 11 -9.69 27.74 1.72
N ALA G 12 -11.03 27.75 1.62
CA ALA G 12 -11.74 27.74 0.36
C ALA G 12 -11.25 28.88 -0.52
N LEU G 13 -11.16 28.60 -1.81
CA LEU G 13 -10.79 29.61 -2.78
C LEU G 13 -11.83 30.69 -2.86
N GLU G 14 -11.41 31.96 -2.89
CA GLU G 14 -12.34 33.11 -2.93
C GLU G 14 -12.07 33.99 -4.13
N ARG G 15 -12.92 35.01 -4.31
CA ARG G 15 -12.86 35.83 -5.53
C ARG G 15 -11.59 36.68 -5.51
N GLY G 16 -11.28 37.20 -4.32
CA GLY G 16 -10.06 37.96 -4.12
C GLY G 16 -8.78 37.16 -4.38
N ASP G 17 -8.89 35.86 -4.58
CA ASP G 17 -7.74 35.00 -4.80
C ASP G 17 -7.49 34.76 -6.26
N LEU G 18 -8.39 35.28 -7.12
CA LEU G 18 -8.38 34.94 -8.53
C LEU G 18 -7.31 35.71 -9.31
N ARG G 19 -6.62 36.71 -8.74
CA ARG G 19 -5.45 37.23 -9.44
C ARG G 19 -4.24 36.28 -9.28
N PHE G 20 -4.15 35.68 -8.13
CA PHE G 20 -3.12 34.69 -7.88
C PHE G 20 -3.42 33.39 -8.70
N ILE G 21 -4.66 32.97 -8.79
CA ILE G 21 -4.94 31.77 -9.58
C ILE G 21 -4.57 32.03 -11.05
N HIS G 22 -5.06 33.14 -11.60
CA HIS G 22 -4.77 33.52 -12.97
C HIS G 22 -3.27 33.49 -13.35
N ASN G 23 -2.42 34.14 -12.56
CA ASN G 23 -0.97 34.07 -12.71
C ASN G 23 -0.44 32.65 -12.78
N LEU G 24 -0.89 31.80 -11.86
CA LEU G 24 -0.45 30.37 -11.86
C LEU G 24 -0.99 29.62 -13.09
N ASN G 25 -2.22 29.95 -13.51
CA ASN G 25 -2.86 29.22 -14.62
C ASN G 25 -2.35 29.60 -15.98
N ASN G 26 -1.73 30.78 -16.14
CA ASN G 26 -0.95 31.14 -17.35
C ASN G 26 0.56 31.01 -17.22
N ASN G 27 1.07 30.24 -16.26
CA ASN G 27 2.51 29.96 -16.16
C ASN G 27 2.82 28.60 -16.80
N ARG G 28 3.55 28.58 -17.91
CA ARG G 28 3.87 27.33 -18.63
C ARG G 28 4.46 26.22 -17.78
N ASN G 29 5.49 26.53 -16.98
CA ASN G 29 6.13 25.49 -16.19
C ASN G 29 5.19 24.87 -15.17
N ILE G 30 4.77 25.60 -14.17
CA ILE G 30 3.79 25.13 -13.18
C ILE G 30 2.65 24.37 -13.82
N MET G 31 2.06 24.92 -14.87
CA MET G 31 0.90 24.30 -15.51
C MET G 31 1.20 23.01 -16.29
N SER G 32 2.44 22.80 -16.74
CA SER G 32 2.82 21.49 -17.28
C SER G 32 2.55 20.42 -16.24
N TYR G 33 2.91 20.71 -15.00
CA TYR G 33 2.81 19.71 -13.95
C TYR G 33 1.36 19.35 -13.59
N TRP G 34 0.41 20.09 -14.17
CA TRP G 34 -1.01 19.81 -14.03
C TRP G 34 -1.65 19.31 -15.31
N PHE G 35 -0.83 19.07 -16.34
CA PHE G 35 -1.30 18.61 -17.62
C PHE G 35 -2.35 19.54 -18.27
N GLU G 36 -2.29 20.85 -17.97
CA GLU G 36 -3.32 21.83 -18.39
C GLU G 36 -2.71 22.87 -19.34
N GLU G 37 -3.53 23.38 -20.25
CA GLU G 37 -3.03 24.33 -21.19
C GLU G 37 -2.79 25.64 -20.45
N PRO G 38 -1.59 26.18 -20.58
CA PRO G 38 -1.23 27.43 -19.92
C PRO G 38 -1.84 28.69 -20.58
N TYR G 39 -3.15 28.85 -20.47
CA TYR G 39 -3.80 29.87 -21.29
C TYR G 39 -5.17 30.02 -20.72
N GLU G 40 -5.52 31.21 -20.26
CA GLU G 40 -6.81 31.42 -19.63
C GLU G 40 -6.84 32.92 -19.49
N SER G 41 -7.85 33.54 -20.09
CA SER G 41 -8.19 34.92 -19.82
C SER G 41 -8.73 35.00 -18.40
N PHE G 42 -8.76 36.20 -17.84
CA PHE G 42 -9.30 36.39 -16.50
C PHE G 42 -10.79 36.12 -16.45
N ASP G 43 -11.47 36.47 -17.52
CA ASP G 43 -12.92 36.28 -17.59
C ASP G 43 -13.25 34.81 -17.64
N GLU G 44 -12.43 34.02 -18.37
CA GLU G 44 -12.67 32.59 -18.43
C GLU G 44 -12.53 32.01 -17.03
N LEU G 45 -11.54 32.49 -16.27
CA LEU G 45 -11.36 32.05 -14.91
C LEU G 45 -12.56 32.41 -14.08
N GLU G 46 -13.03 33.66 -14.16
CA GLU G 46 -14.18 34.10 -13.32
C GLU G 46 -15.45 33.30 -13.64
N GLU G 47 -15.73 33.08 -14.92
CA GLU G 47 -16.84 32.23 -15.29
C GLU G 47 -16.68 30.83 -14.68
N LEU G 48 -15.50 30.23 -14.79
CA LEU G 48 -15.32 28.91 -14.20
C LEU G 48 -15.32 28.84 -12.66
N TYR G 49 -15.02 29.97 -12.00
CA TYR G 49 -15.17 30.14 -10.57
C TYR G 49 -16.61 30.35 -10.18
N ASN G 50 -17.27 31.29 -10.87
CA ASN G 50 -18.69 31.61 -10.65
C ASN G 50 -19.60 30.45 -11.01
N LYS G 51 -19.12 29.56 -11.88
CA LYS G 51 -19.92 28.43 -12.32
C LYS G 51 -19.67 27.19 -11.49
N HIS G 52 -18.47 27.05 -10.89
CA HIS G 52 -18.14 25.86 -10.06
C HIS G 52 -18.10 26.11 -8.54
N ILE G 53 -18.55 27.29 -8.18
CA ILE G 53 -19.13 27.53 -6.87
C ILE G 53 -20.31 26.55 -6.66
N HIS G 54 -20.77 25.99 -7.77
CA HIS G 54 -21.99 25.24 -7.82
C HIS G 54 -21.68 23.75 -8.02
N ASP G 55 -20.53 23.30 -7.52
CA ASP G 55 -20.10 21.95 -7.77
C ASP G 55 -19.58 21.26 -6.51
N ASN G 56 -20.42 20.39 -5.97
CA ASN G 56 -20.07 19.64 -4.79
C ASN G 56 -18.96 18.58 -5.05
N ALA G 57 -18.67 18.28 -6.32
CA ALA G 57 -17.68 17.26 -6.63
C ALA G 57 -16.28 17.83 -6.71
N GLU G 58 -16.09 19.07 -6.22
CA GLU G 58 -14.76 19.58 -6.03
C GLU G 58 -14.65 20.58 -4.89
N ARG G 59 -13.42 20.74 -4.41
CA ARG G 59 -13.03 21.69 -3.37
C ARG G 59 -11.59 22.21 -3.64
N ARG G 60 -11.49 23.50 -3.88
CA ARG G 60 -10.26 24.19 -4.14
C ARG G 60 -9.93 25.05 -2.99
N PHE G 61 -8.67 24.98 -2.56
CA PHE G 61 -8.24 25.73 -1.42
C PHE G 61 -6.99 26.53 -1.74
N VAL G 62 -6.86 27.66 -1.08
CA VAL G 62 -5.63 28.46 -1.11
C VAL G 62 -4.87 28.23 0.16
N VAL G 63 -3.56 28.08 0.05
CA VAL G 63 -2.74 27.91 1.22
C VAL G 63 -2.17 29.25 1.60
N GLU G 64 -2.25 29.57 2.89
CA GLU G 64 -1.72 30.82 3.39
C GLU G 64 -0.76 30.56 4.53
N ASP G 65 0.03 31.58 4.87
CA ASP G 65 0.94 31.52 6.03
C ASP G 65 0.37 32.45 7.08
N ALA G 66 1.10 32.69 8.18
CA ALA G 66 0.52 33.35 9.36
C ALA G 66 0.08 34.78 9.14
N GLN G 67 0.87 35.56 8.39
CA GLN G 67 0.44 36.91 7.95
C GLN G 67 -0.15 36.88 6.54
N LYS G 68 -0.55 35.71 6.08
CA LYS G 68 -1.58 35.59 5.02
C LYS G 68 -1.08 35.89 3.60
N ASN G 69 0.14 35.47 3.31
CA ASN G 69 0.62 35.44 1.93
C ASN G 69 -0.06 34.30 1.19
N LEU G 70 -0.07 34.39 -0.15
CA LEU G 70 -0.61 33.30 -0.95
C LEU G 70 0.48 32.32 -1.34
N ILE G 71 0.54 31.23 -0.61
CA ILE G 71 1.57 30.23 -0.85
C ILE G 71 1.33 29.31 -2.04
N GLY G 72 0.08 29.00 -2.33
CA GLY G 72 -0.25 27.93 -3.30
C GLY G 72 -1.68 27.39 -3.30
N LEU G 73 -1.95 26.46 -4.22
CA LEU G 73 -3.25 25.80 -4.41
C LEU G 73 -3.22 24.33 -4.01
N VAL G 74 -4.31 23.87 -3.37
CA VAL G 74 -4.61 22.46 -3.15
C VAL G 74 -6.00 22.20 -3.72
N GLU G 75 -6.14 21.15 -4.51
CA GLU G 75 -7.45 20.80 -5.05
C GLU G 75 -7.79 19.36 -4.84
N LEU G 76 -9.09 19.11 -4.66
CA LEU G 76 -9.62 17.78 -4.60
C LEU G 76 -10.79 17.82 -5.56
N ILE G 77 -10.64 17.16 -6.71
CA ILE G 77 -11.63 17.19 -7.80
C ILE G 77 -12.12 15.78 -8.16
N GLU G 78 -13.09 15.71 -9.04
CA GLU G 78 -13.75 14.46 -9.39
C GLU G 78 -14.16 13.69 -8.12
N ILE G 79 -14.63 14.40 -7.08
CA ILE G 79 -15.11 13.73 -5.89
C ILE G 79 -16.36 12.90 -6.27
N ASN G 80 -16.28 11.60 -5.98
CA ASN G 80 -17.35 10.67 -6.28
C ASN G 80 -17.93 10.17 -5.00
N TYR G 81 -19.23 10.36 -4.82
CA TYR G 81 -19.78 10.07 -3.53
C TYR G 81 -20.37 8.67 -3.35
N ILE G 82 -20.44 7.83 -4.39
CA ILE G 82 -20.65 6.38 -4.13
C ILE G 82 -19.32 5.69 -3.77
N HIS G 83 -18.35 5.76 -4.68
CA HIS G 83 -17.04 5.10 -4.59
C HIS G 83 -16.06 5.84 -3.65
N ARG G 84 -16.41 7.08 -3.34
CA ARG G 84 -15.73 7.82 -2.26
C ARG G 84 -14.27 7.94 -2.64
N SER G 85 -14.03 8.51 -3.80
CA SER G 85 -12.71 8.76 -4.21
C SER G 85 -12.64 10.21 -4.68
N ALA G 86 -11.42 10.71 -4.76
CA ALA G 86 -11.16 12.01 -5.36
C ALA G 86 -9.69 12.11 -5.84
N GLU G 87 -9.44 12.96 -6.84
CA GLU G 87 -8.09 13.30 -7.29
C GLU G 87 -7.54 14.52 -6.55
N PHE G 88 -6.32 14.40 -6.07
CA PHE G 88 -5.58 15.49 -5.41
C PHE G 88 -4.61 16.18 -6.37
N GLN G 89 -4.53 17.53 -6.32
CA GLN G 89 -3.57 18.24 -7.16
C GLN G 89 -2.88 19.32 -6.31
N ILE G 90 -1.58 19.58 -6.47
CA ILE G 90 -0.98 20.64 -5.69
C ILE G 90 -0.09 21.54 -6.55
N ILE G 91 -0.20 22.85 -6.30
CA ILE G 91 0.83 23.82 -6.73
C ILE G 91 1.33 24.64 -5.53
N ILE G 92 2.65 24.75 -5.36
CA ILE G 92 3.24 25.86 -4.57
C ILE G 92 3.83 26.96 -5.50
N ALA G 93 3.60 28.21 -5.14
CA ALA G 93 4.02 29.31 -6.01
C ALA G 93 5.54 29.29 -6.16
N PRO G 94 6.07 29.69 -7.31
CA PRO G 94 7.52 29.74 -7.45
C PRO G 94 8.20 30.29 -6.21
N GLU G 95 7.83 31.50 -5.83
CA GLU G 95 8.53 32.20 -4.75
C GLU G 95 8.54 31.44 -3.40
N HIS G 96 7.75 30.35 -3.28
CA HIS G 96 7.61 29.59 -2.05
C HIS G 96 8.08 28.17 -2.15
N GLN G 97 8.55 27.77 -3.33
CA GLN G 97 9.05 26.41 -3.54
C GLN G 97 10.36 26.15 -2.83
N GLY G 98 10.58 24.89 -2.45
CA GLY G 98 11.87 24.50 -1.90
C GLY G 98 12.06 24.71 -0.43
N LYS G 99 10.97 25.12 0.26
CA LYS G 99 11.05 25.47 1.69
C LYS G 99 10.63 24.34 2.61
N GLY G 100 10.35 23.17 2.06
CA GLY G 100 9.83 22.05 2.84
C GLY G 100 8.42 22.27 3.34
N PHE G 101 7.63 23.03 2.59
CA PHE G 101 6.20 23.19 2.88
C PHE G 101 5.38 22.00 2.39
N ALA G 102 5.90 21.22 1.45
CA ALA G 102 5.09 20.27 0.66
C ALA G 102 4.44 19.18 1.50
N ARG G 103 5.21 18.54 2.38
CA ARG G 103 4.66 17.49 3.25
C ARG G 103 3.40 17.91 4.03
N THR G 104 3.53 19.03 4.71
CA THR G 104 2.47 19.55 5.56
C THR G 104 1.21 19.81 4.73
N LEU G 105 1.39 20.31 3.53
CA LEU G 105 0.29 20.71 2.74
C LEU G 105 -0.43 19.59 2.05
N ILE G 106 0.32 18.61 1.58
CA ILE G 106 -0.24 17.35 1.12
C ILE G 106 -0.97 16.70 2.31
N ASN G 107 -0.37 16.74 3.51
CA ASN G 107 -0.98 16.09 4.69
C ASN G 107 -2.23 16.84 5.11
N ARG G 108 -2.24 18.16 4.95
CA ARG G 108 -3.46 18.96 5.07
C ARG G 108 -4.59 18.45 4.15
N ALA G 109 -4.26 18.04 2.91
CA ALA G 109 -5.27 17.62 1.96
C ALA G 109 -5.83 16.26 2.29
N LEU G 110 -4.92 15.39 2.75
CA LEU G 110 -5.33 14.07 3.16
C LEU G 110 -6.27 14.19 4.36
N ASP G 111 -5.98 15.13 5.27
CA ASP G 111 -6.74 15.28 6.52
C ASP G 111 -8.11 15.82 6.22
N TYR G 112 -8.18 16.60 5.16
CA TYR G 112 -9.48 17.07 4.74
C TYR G 112 -10.30 15.92 4.14
N SER G 113 -9.69 15.23 3.18
CA SER G 113 -10.34 14.16 2.42
C SER G 113 -10.83 13.03 3.36
N PHE G 114 -10.03 12.77 4.38
CA PHE G 114 -10.27 11.63 5.23
C PHE G 114 -10.97 11.96 6.55
N THR G 115 -10.75 13.14 7.14
CA THR G 115 -11.32 13.40 8.46
C THR G 115 -12.53 14.27 8.29
N ILE G 116 -12.67 14.97 7.16
CA ILE G 116 -13.85 15.82 6.94
C ILE G 116 -14.78 15.20 5.85
N LEU G 117 -14.22 14.94 4.67
CA LEU G 117 -15.02 14.45 3.53
C LEU G 117 -15.43 12.99 3.59
N ASN G 118 -14.77 12.21 4.47
CA ASN G 118 -15.12 10.80 4.69
C ASN G 118 -14.94 9.98 3.42
N LEU G 119 -13.95 10.40 2.63
CA LEU G 119 -13.61 9.65 1.45
C LEU G 119 -12.77 8.45 1.88
N HIS G 120 -12.57 7.51 0.96
CA HIS G 120 -11.83 6.27 1.18
C HIS G 120 -10.44 6.30 0.51
N LYS G 121 -10.30 7.11 -0.53
CA LYS G 121 -9.23 6.90 -1.48
C LYS G 121 -8.97 8.13 -2.32
N ILE G 122 -7.74 8.61 -2.25
CA ILE G 122 -7.31 9.78 -2.94
C ILE G 122 -6.22 9.30 -3.82
N TYR G 123 -6.27 9.69 -5.09
CA TYR G 123 -5.27 9.33 -6.09
C TYR G 123 -4.84 10.59 -6.78
N LEU G 124 -3.73 10.54 -7.53
CA LEU G 124 -3.23 11.67 -8.32
C LEU G 124 -2.51 11.10 -9.52
N HIS G 125 -2.18 12.00 -10.45
CA HIS G 125 -1.39 11.81 -11.65
C HIS G 125 -0.10 12.63 -11.47
N VAL G 126 1.08 12.06 -11.70
CA VAL G 126 2.40 12.80 -11.59
C VAL G 126 3.30 12.34 -12.70
N ALA G 127 3.87 13.28 -13.43
CA ALA G 127 4.78 12.93 -14.51
C ALA G 127 5.97 12.14 -14.02
N VAL G 128 6.34 11.11 -14.78
CA VAL G 128 7.60 10.37 -14.61
C VAL G 128 8.74 11.39 -14.52
N GLU G 129 8.72 12.38 -15.39
CA GLU G 129 9.70 13.47 -15.35
C GLU G 129 9.35 14.59 -14.34
N ASN G 130 8.77 14.23 -13.19
CA ASN G 130 8.84 15.08 -12.00
C ASN G 130 9.04 14.26 -10.75
N PRO G 131 10.13 13.48 -10.70
CA PRO G 131 10.37 12.45 -9.71
C PRO G 131 10.63 12.98 -8.31
N LYS G 132 10.29 14.25 -8.09
CA LYS G 132 10.44 14.89 -6.82
C LYS G 132 9.08 15.20 -6.19
N ALA G 133 8.09 15.41 -7.06
CA ALA G 133 6.71 15.18 -6.68
C ALA G 133 6.60 13.70 -6.27
N VAL G 134 6.84 12.78 -7.19
CA VAL G 134 6.85 11.32 -6.88
C VAL G 134 7.48 11.00 -5.52
N HIS G 135 8.60 11.65 -5.25
CA HIS G 135 9.34 11.43 -3.99
C HIS G 135 8.55 12.01 -2.81
N LEU G 136 7.90 13.16 -3.02
CA LEU G 136 7.00 13.75 -2.02
C LEU G 136 5.82 12.85 -1.69
N TYR G 137 5.14 12.38 -2.72
CA TYR G 137 3.95 11.56 -2.51
C TYR G 137 4.30 10.30 -1.80
N GLU G 138 5.49 9.76 -2.07
CA GLU G 138 5.85 8.54 -1.44
C GLU G 138 6.19 8.73 0.05
N GLU G 139 6.79 9.87 0.40
CA GLU G 139 7.05 10.24 1.81
C GLU G 139 5.76 10.40 2.62
N CYS G 140 4.72 10.84 1.92
CA CYS G 140 3.42 11.03 2.52
C CYS G 140 2.55 9.75 2.44
N GLY G 141 3.12 8.65 1.95
CA GLY G 141 2.45 7.36 2.04
C GLY G 141 1.75 6.88 0.78
N PHE G 142 1.79 7.68 -0.30
CA PHE G 142 1.22 7.26 -1.59
C PHE G 142 2.04 6.17 -2.26
N VAL G 143 1.36 5.38 -3.09
CA VAL G 143 2.02 4.34 -3.87
C VAL G 143 1.43 4.18 -5.28
N GLU G 144 2.31 3.86 -6.21
CA GLU G 144 1.96 3.66 -7.61
C GLU G 144 1.01 2.49 -7.83
N GLU G 145 -0.01 2.69 -8.66
CA GLU G 145 -0.99 1.66 -9.04
C GLU G 145 -1.15 1.67 -10.56
N GLY G 146 -0.59 2.67 -11.21
CA GLY G 146 -0.40 2.60 -12.64
C GLY G 146 0.73 3.45 -13.17
N HIS G 147 1.18 3.05 -14.38
CA HIS G 147 2.18 3.82 -15.15
C HIS G 147 1.54 4.09 -16.48
N LEU G 148 0.99 5.30 -16.66
CA LEU G 148 0.14 5.58 -17.84
C LEU G 148 0.94 5.97 -19.08
N VAL G 149 0.70 5.27 -20.19
CA VAL G 149 1.61 5.34 -21.35
C VAL G 149 1.22 6.49 -22.28
N GLU G 150 2.17 7.41 -22.51
CA GLU G 150 1.92 8.53 -23.41
C GLU G 150 0.54 9.19 -23.18
N GLU G 151 0.32 9.61 -21.93
CA GLU G 151 -0.98 10.17 -21.49
C GLU G 151 -1.13 11.60 -21.93
N PHE G 152 -0.08 12.38 -21.79
CA PHE G 152 -0.21 13.78 -22.07
C PHE G 152 0.86 14.22 -23.04
N PHE G 153 0.46 14.98 -24.05
CA PHE G 153 1.39 15.68 -24.91
C PHE G 153 1.78 16.97 -24.19
N ILE G 154 3.01 16.99 -23.74
CA ILE G 154 3.50 18.11 -23.00
C ILE G 154 4.86 18.47 -23.53
N ASN G 155 5.02 19.78 -23.75
CA ASN G 155 6.21 20.44 -24.16
C ASN G 155 6.91 19.68 -25.29
N GLY G 156 6.10 19.28 -26.27
CA GLY G 156 6.62 18.78 -27.56
C GLY G 156 6.71 17.25 -27.75
N ARG G 157 6.26 16.49 -26.76
CA ARG G 157 6.35 15.05 -26.81
C ARG G 157 5.31 14.43 -25.86
N TYR G 158 4.77 13.23 -26.20
CA TYR G 158 3.92 12.51 -25.26
C TYR G 158 4.77 12.03 -24.09
N GLN G 159 4.20 12.16 -22.90
CA GLN G 159 4.83 11.69 -21.69
C GLN G 159 3.96 10.70 -20.92
N ASP G 160 4.66 9.88 -20.13
CA ASP G 160 4.06 8.90 -19.24
C ASP G 160 3.84 9.55 -17.89
N VAL G 161 2.76 9.21 -17.21
CA VAL G 161 2.60 9.64 -15.82
C VAL G 161 2.38 8.48 -14.87
N LYS G 162 2.65 8.71 -13.58
CA LYS G 162 2.35 7.74 -12.58
C LYS G 162 1.01 8.09 -11.91
N ARG G 163 0.21 7.07 -11.64
CA ARG G 163 -0.97 7.18 -10.86
C ARG G 163 -0.66 6.57 -9.51
N MET G 164 -1.06 7.25 -8.47
CA MET G 164 -0.61 6.85 -7.11
C MET G 164 -1.82 7.02 -6.26
N TYR G 165 -1.87 6.36 -5.12
CA TYR G 165 -3.05 6.45 -4.27
C TYR G 165 -2.73 6.19 -2.80
N ILE G 166 -3.61 6.63 -1.91
CA ILE G 166 -3.54 6.29 -0.50
C ILE G 166 -4.97 6.16 -0.02
N LEU G 167 -5.15 5.25 0.93
CA LEU G 167 -6.45 4.87 1.44
C LEU G 167 -6.63 5.37 2.88
N GLN G 168 -7.89 5.61 3.20
CA GLN G 168 -8.31 6.32 4.41
C GLN G 168 -7.80 5.57 5.60
N SER G 169 -7.98 4.24 5.56
CA SER G 169 -7.45 3.35 6.60
C SER G 169 -5.94 3.56 6.84
N LYS G 170 -5.16 3.65 5.78
CA LYS G 170 -3.71 3.87 5.89
C LYS G 170 -3.33 5.28 6.38
N TYR G 171 -4.01 6.32 5.92
CA TYR G 171 -3.72 7.66 6.45
C TYR G 171 -3.96 7.80 7.95
N LEU G 172 -5.09 7.33 8.42
CA LEU G 172 -5.48 7.56 9.81
C LEU G 172 -4.78 6.56 10.77
N ASN G 173 -4.03 5.61 10.22
CA ASN G 173 -3.12 4.80 11.02
C ASN G 173 -1.65 4.94 10.59
N ARG G 174 -0.90 5.66 11.44
CA ARG G 174 0.50 5.97 11.22
C ARG G 174 1.04 6.76 12.43
N ASN H 5 -21.29 -11.14 -38.63
CA ASN H 5 -19.82 -11.02 -38.84
C ASN H 5 -19.49 -9.60 -39.37
N SER H 6 -19.38 -9.51 -40.69
CA SER H 6 -19.18 -8.28 -41.44
C SER H 6 -20.47 -7.46 -41.61
N GLN H 7 -21.53 -7.81 -40.87
CA GLN H 7 -22.78 -7.10 -40.96
C GLN H 7 -23.06 -6.29 -39.69
N LEU H 8 -22.14 -6.30 -38.72
CA LEU H 8 -22.34 -5.47 -37.52
C LEU H 8 -21.95 -4.03 -37.85
N THR H 9 -22.83 -3.10 -37.49
CA THR H 9 -22.71 -1.69 -37.89
C THR H 9 -22.72 -0.77 -36.69
N LEU H 10 -22.21 0.44 -36.92
CA LEU H 10 -22.04 1.41 -35.87
C LEU H 10 -22.64 2.72 -36.35
N ARG H 11 -23.61 3.24 -35.66
CA ARG H 11 -24.21 4.50 -36.07
C ARG H 11 -24.52 5.34 -34.85
N ALA H 12 -24.75 6.61 -35.09
CA ALA H 12 -24.87 7.57 -34.04
C ALA H 12 -26.12 7.25 -33.18
N LEU H 13 -26.00 7.48 -31.89
CA LEU H 13 -27.12 7.31 -30.99
C LEU H 13 -28.19 8.32 -31.35
N GLU H 14 -29.46 7.90 -31.46
CA GLU H 14 -30.59 8.77 -31.85
C GLU H 14 -31.76 8.67 -30.85
N ARG H 15 -32.61 9.69 -30.77
CA ARG H 15 -33.62 9.71 -29.68
C ARG H 15 -34.52 8.45 -29.64
N GLY H 16 -34.76 7.85 -30.79
CA GLY H 16 -35.50 6.60 -30.90
C GLY H 16 -34.78 5.36 -30.37
N ASP H 17 -33.53 5.52 -29.93
CA ASP H 17 -32.76 4.43 -29.35
C ASP H 17 -32.92 4.47 -27.85
N LEU H 18 -33.51 5.51 -27.30
CA LEU H 18 -33.44 5.74 -25.84
C LEU H 18 -34.11 4.69 -24.97
N ARG H 19 -35.21 4.09 -25.43
CA ARG H 19 -35.85 3.06 -24.65
C ARG H 19 -34.88 1.89 -24.44
N PHE H 20 -34.25 1.43 -25.51
CA PHE H 20 -33.13 0.46 -25.46
C PHE H 20 -32.04 0.79 -24.44
N ILE H 21 -31.52 2.00 -24.52
CA ILE H 21 -30.51 2.56 -23.61
C ILE H 21 -31.04 2.57 -22.19
N HIS H 22 -32.32 2.92 -22.05
CA HIS H 22 -32.93 2.98 -20.74
C HIS H 22 -33.00 1.61 -20.04
N ASN H 23 -33.45 0.60 -20.77
CA ASN H 23 -33.47 -0.75 -20.24
C ASN H 23 -32.04 -1.13 -19.69
N LEU H 24 -31.01 -0.81 -20.46
CA LEU H 24 -29.61 -1.23 -20.13
C LEU H 24 -29.07 -0.49 -18.91
N ASN H 25 -29.33 0.81 -18.87
CA ASN H 25 -28.94 1.68 -17.74
C ASN H 25 -29.61 1.43 -16.39
N ASN H 26 -30.73 0.71 -16.35
CA ASN H 26 -31.34 0.30 -15.10
C ASN H 26 -31.25 -1.17 -14.85
N ASN H 27 -30.36 -1.83 -15.56
CA ASN H 27 -30.04 -3.21 -15.31
C ASN H 27 -28.70 -3.38 -14.53
N ARG H 28 -28.79 -3.84 -13.28
CA ARG H 28 -27.68 -3.98 -12.36
C ARG H 28 -26.55 -4.88 -12.80
N ASN H 29 -26.91 -5.94 -13.55
CA ASN H 29 -25.93 -6.83 -14.10
C ASN H 29 -25.12 -6.11 -15.16
N ILE H 30 -25.79 -5.36 -16.04
CA ILE H 30 -25.12 -4.71 -17.16
C ILE H 30 -24.23 -3.58 -16.60
N MET H 31 -24.84 -2.76 -15.75
CA MET H 31 -24.24 -1.48 -15.34
C MET H 31 -23.09 -1.56 -14.37
N SER H 32 -23.01 -2.64 -13.59
CA SER H 32 -21.97 -2.73 -12.57
C SER H 32 -20.60 -3.10 -13.18
N TYR H 33 -20.58 -3.35 -14.48
CA TYR H 33 -19.38 -3.58 -15.25
C TYR H 33 -18.88 -2.27 -15.85
N TRP H 34 -19.80 -1.28 -15.90
CA TRP H 34 -19.51 0.11 -16.19
C TRP H 34 -19.36 0.95 -14.92
N PHE H 35 -19.37 0.29 -13.75
CA PHE H 35 -19.37 0.95 -12.43
C PHE H 35 -20.50 1.96 -12.21
N GLU H 36 -21.40 2.10 -13.18
CA GLU H 36 -22.39 3.17 -13.10
C GLU H 36 -23.53 2.60 -12.27
N GLU H 37 -24.12 3.46 -11.42
CA GLU H 37 -25.30 3.07 -10.60
C GLU H 37 -26.51 2.76 -11.52
N PRO H 38 -27.23 1.66 -11.24
CA PRO H 38 -28.30 1.16 -12.12
C PRO H 38 -29.71 1.76 -11.84
N TYR H 39 -29.84 3.05 -12.10
CA TYR H 39 -31.04 3.79 -11.74
C TYR H 39 -31.13 4.97 -12.73
N GLU H 40 -32.14 5.00 -13.60
CA GLU H 40 -32.28 6.15 -14.50
C GLU H 40 -33.69 6.31 -15.06
N SER H 41 -34.46 7.31 -14.57
CA SER H 41 -35.77 7.61 -15.20
C SER H 41 -35.51 7.95 -16.64
N PHE H 42 -36.53 7.81 -17.48
CA PHE H 42 -36.43 8.13 -18.88
C PHE H 42 -36.19 9.63 -19.13
N ASP H 43 -36.79 10.47 -18.28
CA ASP H 43 -36.64 11.93 -18.41
C ASP H 43 -35.20 12.37 -18.18
N GLU H 44 -34.59 11.78 -17.15
CA GLU H 44 -33.19 11.99 -16.82
C GLU H 44 -32.35 11.55 -18.01
N LEU H 45 -32.50 10.29 -18.41
CA LEU H 45 -31.85 9.81 -19.64
C LEU H 45 -32.05 10.84 -20.75
N GLU H 46 -33.30 11.17 -21.06
CA GLU H 46 -33.61 11.96 -22.24
C GLU H 46 -33.06 13.38 -22.16
N GLU H 47 -32.98 13.95 -20.96
CA GLU H 47 -32.45 15.30 -20.83
C GLU H 47 -30.93 15.29 -20.96
N LEU H 48 -30.29 14.26 -20.43
CA LEU H 48 -28.86 14.08 -20.64
C LEU H 48 -28.51 13.81 -22.09
N TYR H 49 -29.33 13.00 -22.78
CA TYR H 49 -29.13 12.91 -24.20
C TYR H 49 -29.23 14.33 -24.83
N ASN H 50 -30.25 15.11 -24.48
CA ASN H 50 -30.50 16.47 -25.01
C ASN H 50 -29.50 17.55 -24.67
N LYS H 51 -28.60 17.27 -23.72
CA LYS H 51 -27.54 18.20 -23.36
C LYS H 51 -26.24 17.77 -24.03
N HIS H 52 -26.21 16.57 -24.60
CA HIS H 52 -25.00 16.10 -25.22
C HIS H 52 -25.01 16.17 -26.74
N ILE H 53 -26.16 16.57 -27.29
CA ILE H 53 -26.27 16.80 -28.73
C ILE H 53 -25.03 17.54 -29.29
N HIS H 54 -24.72 18.73 -28.77
CA HIS H 54 -23.55 19.49 -29.28
C HIS H 54 -22.15 19.13 -28.71
N ASP H 55 -22.11 18.49 -27.52
CA ASP H 55 -20.87 18.03 -26.88
C ASP H 55 -19.95 17.25 -27.86
N ASN H 56 -18.88 17.94 -28.23
CA ASN H 56 -17.64 17.43 -28.88
C ASN H 56 -16.80 16.36 -28.13
N ALA H 57 -16.86 16.36 -26.82
CA ALA H 57 -16.05 15.45 -26.02
C ALA H 57 -16.63 14.01 -25.95
N GLU H 58 -17.73 13.74 -26.67
CA GLU H 58 -18.37 12.44 -26.58
C GLU H 58 -18.98 11.98 -27.90
N ARG H 59 -18.84 10.69 -28.18
CA ARG H 59 -19.53 10.03 -29.27
C ARG H 59 -20.14 8.78 -28.69
N ARG H 60 -21.46 8.67 -28.77
CA ARG H 60 -22.14 7.46 -28.32
C ARG H 60 -22.70 6.88 -29.59
N PHE H 61 -22.63 5.55 -29.72
CA PHE H 61 -23.00 4.83 -30.90
C PHE H 61 -23.84 3.68 -30.51
N VAL H 62 -24.83 3.35 -31.30
CA VAL H 62 -25.56 2.11 -31.05
C VAL H 62 -25.17 1.13 -32.17
N VAL H 63 -25.34 -0.15 -31.92
CA VAL H 63 -24.74 -1.16 -32.76
C VAL H 63 -25.88 -2.01 -33.24
N GLU H 64 -25.97 -2.21 -34.56
CA GLU H 64 -27.01 -3.06 -35.11
C GLU H 64 -26.46 -4.16 -36.01
N ASP H 65 -27.26 -5.20 -36.18
CA ASP H 65 -27.00 -6.22 -37.19
C ASP H 65 -27.80 -5.86 -38.44
N ALA H 66 -27.79 -6.75 -39.43
CA ALA H 66 -28.36 -6.45 -40.74
C ALA H 66 -29.88 -6.30 -40.78
N GLN H 67 -30.59 -6.43 -39.66
CA GLN H 67 -32.04 -6.19 -39.64
C GLN H 67 -32.41 -4.97 -38.81
N LYS H 68 -31.40 -4.26 -38.33
CA LYS H 68 -31.62 -3.17 -37.38
C LYS H 68 -32.11 -3.64 -36.01
N ASN H 69 -31.96 -4.92 -35.70
CA ASN H 69 -31.94 -5.32 -34.28
C ASN H 69 -30.82 -4.65 -33.46
N LEU H 70 -31.19 -3.94 -32.39
CA LEU H 70 -30.19 -3.29 -31.51
C LEU H 70 -29.35 -4.31 -30.72
N ILE H 71 -28.08 -4.48 -31.11
CA ILE H 71 -27.14 -5.41 -30.47
C ILE H 71 -26.41 -4.89 -29.21
N GLY H 72 -25.95 -3.66 -29.26
CA GLY H 72 -25.16 -3.13 -28.17
C GLY H 72 -24.89 -1.64 -28.28
N LEU H 73 -24.14 -1.15 -27.30
CA LEU H 73 -23.81 0.26 -27.15
C LEU H 73 -22.33 0.38 -27.07
N VAL H 74 -21.76 1.39 -27.74
CA VAL H 74 -20.32 1.63 -27.72
C VAL H 74 -20.12 3.11 -27.51
N GLU H 75 -19.20 3.48 -26.61
CA GLU H 75 -18.92 4.91 -26.36
C GLU H 75 -17.46 5.28 -26.44
N LEU H 76 -17.19 6.51 -26.91
CA LEU H 76 -15.90 7.16 -26.74
C LEU H 76 -16.05 8.49 -25.97
N ILE H 77 -15.56 8.55 -24.73
CA ILE H 77 -15.89 9.65 -23.83
C ILE H 77 -14.57 10.22 -23.33
N GLU H 78 -14.59 11.30 -22.55
CA GLU H 78 -13.38 12.11 -22.30
C GLU H 78 -12.46 12.40 -23.52
N ILE H 79 -13.00 12.61 -24.72
CA ILE H 79 -12.17 12.90 -25.91
C ILE H 79 -11.45 14.20 -25.67
N ASN H 80 -10.13 14.12 -25.50
CA ASN H 80 -9.33 15.29 -25.32
C ASN H 80 -8.67 15.66 -26.63
N TYR H 81 -8.94 16.84 -27.11
CA TYR H 81 -8.43 17.17 -28.42
C TYR H 81 -7.00 17.76 -28.43
N ILE H 82 -6.40 18.00 -27.26
CA ILE H 82 -4.93 18.27 -27.16
C ILE H 82 -4.16 16.96 -27.15
N HIS H 83 -4.46 16.19 -26.10
CA HIS H 83 -3.75 14.99 -25.76
C HIS H 83 -4.19 13.82 -26.66
N ARG H 84 -5.28 14.04 -27.39
CA ARG H 84 -5.85 13.08 -28.38
C ARG H 84 -6.08 11.69 -27.78
N SER H 85 -6.86 11.66 -26.74
CA SER H 85 -7.10 10.43 -26.05
C SER H 85 -8.56 10.44 -25.72
N ALA H 86 -9.10 9.24 -25.49
CA ALA H 86 -10.47 9.02 -25.16
C ALA H 86 -10.67 7.72 -24.39
N GLU H 87 -11.67 7.73 -23.51
CA GLU H 87 -12.12 6.49 -22.92
C GLU H 87 -13.13 5.72 -23.80
N PHE H 88 -12.90 4.42 -23.95
CA PHE H 88 -13.82 3.52 -24.67
C PHE H 88 -14.60 2.65 -23.70
N GLN H 89 -15.89 2.48 -23.94
CA GLN H 89 -16.71 1.49 -23.18
C GLN H 89 -17.79 0.88 -24.05
N ILE H 90 -18.16 -0.33 -23.65
CA ILE H 90 -19.00 -1.17 -24.45
C ILE H 90 -19.94 -1.95 -23.60
N ILE H 91 -21.13 -2.16 -24.14
CA ILE H 91 -22.11 -3.09 -23.61
C ILE H 91 -22.73 -3.77 -24.79
N ILE H 92 -22.80 -5.10 -24.75
CA ILE H 92 -23.66 -5.85 -25.64
C ILE H 92 -24.91 -6.29 -24.90
N ALA H 93 -26.11 -6.10 -25.49
CA ALA H 93 -27.35 -6.53 -24.81
C ALA H 93 -27.28 -8.03 -24.51
N PRO H 94 -27.85 -8.44 -23.36
CA PRO H 94 -27.66 -9.78 -22.83
C PRO H 94 -28.03 -10.85 -23.81
N GLU H 95 -29.01 -10.56 -24.66
CA GLU H 95 -29.58 -11.55 -25.57
C GLU H 95 -28.73 -11.70 -26.83
N HIS H 96 -27.63 -10.95 -26.92
CA HIS H 96 -26.70 -11.13 -28.00
C HIS H 96 -25.30 -11.43 -27.50
N GLN H 97 -25.13 -11.66 -26.20
CA GLN H 97 -23.81 -11.94 -25.62
C GLN H 97 -23.44 -13.36 -25.95
N GLY H 98 -22.15 -13.66 -25.92
CA GLY H 98 -21.65 -14.98 -26.18
C GLY H 98 -21.87 -15.44 -27.60
N LYS H 99 -21.99 -14.49 -28.53
CA LYS H 99 -22.09 -14.80 -29.95
C LYS H 99 -20.81 -14.50 -30.68
N GLY H 100 -19.83 -13.92 -30.00
CA GLY H 100 -18.56 -13.60 -30.67
C GLY H 100 -18.62 -12.30 -31.44
N PHE H 101 -19.51 -11.40 -31.02
CA PHE H 101 -19.59 -10.03 -31.54
C PHE H 101 -18.63 -9.03 -30.84
N ALA H 102 -18.13 -9.35 -29.67
CA ALA H 102 -17.30 -8.36 -28.95
C ALA H 102 -16.07 -7.93 -29.76
N ARG H 103 -15.19 -8.82 -30.16
CA ARG H 103 -14.03 -8.37 -30.98
C ARG H 103 -14.38 -7.37 -32.06
N THR H 104 -15.36 -7.74 -32.86
CA THR H 104 -15.81 -6.90 -33.95
C THR H 104 -16.20 -5.52 -33.48
N LEU H 105 -16.84 -5.43 -32.33
CA LEU H 105 -17.35 -4.15 -31.95
C LEU H 105 -16.25 -3.30 -31.33
N ILE H 106 -15.32 -3.91 -30.60
CA ILE H 106 -14.14 -3.21 -30.09
C ILE H 106 -13.46 -2.62 -31.35
N ASN H 107 -12.93 -3.48 -32.24
CA ASN H 107 -12.30 -3.03 -33.48
C ASN H 107 -13.03 -1.90 -34.19
N ARG H 108 -14.34 -1.95 -34.19
CA ARG H 108 -15.10 -0.84 -34.75
C ARG H 108 -14.83 0.49 -34.08
N ALA H 109 -14.80 0.51 -32.75
CA ALA H 109 -14.70 1.80 -32.09
C ALA H 109 -13.25 2.34 -32.20
N LEU H 110 -12.31 1.42 -32.41
CA LEU H 110 -10.93 1.74 -32.58
C LEU H 110 -10.70 2.25 -34.00
N ASP H 111 -11.34 1.59 -34.98
CA ASP H 111 -11.36 2.12 -36.33
C ASP H 111 -11.93 3.52 -36.35
N TYR H 112 -13.02 3.80 -35.62
CA TYR H 112 -13.56 5.13 -35.66
C TYR H 112 -12.63 6.12 -34.95
N SER H 113 -12.14 5.77 -33.76
CA SER H 113 -11.20 6.63 -33.02
C SER H 113 -9.92 6.92 -33.76
N PHE H 114 -9.49 6.00 -34.59
CA PHE H 114 -8.16 6.13 -35.21
C PHE H 114 -8.15 6.43 -36.68
N THR H 115 -9.21 6.13 -37.41
CA THR H 115 -9.26 6.42 -38.83
C THR H 115 -10.16 7.61 -39.13
N ILE H 116 -10.97 8.09 -38.18
CA ILE H 116 -11.86 9.23 -38.49
C ILE H 116 -11.56 10.45 -37.59
N LEU H 117 -11.36 10.17 -36.31
CA LEU H 117 -11.35 11.15 -35.23
C LEU H 117 -9.90 11.56 -34.96
N ASN H 118 -9.01 10.68 -35.36
CA ASN H 118 -7.57 10.93 -35.34
C ASN H 118 -7.11 11.00 -33.92
N LEU H 119 -7.51 10.01 -33.11
CA LEU H 119 -7.02 9.98 -31.73
C LEU H 119 -5.69 9.24 -31.63
N HIS H 120 -4.86 9.59 -30.63
CA HIS H 120 -3.56 8.92 -30.37
C HIS H 120 -3.71 7.65 -29.52
N LYS H 121 -4.56 7.72 -28.50
CA LYS H 121 -4.70 6.66 -27.47
C LYS H 121 -6.16 6.52 -27.16
N ILE H 122 -6.67 5.27 -27.19
CA ILE H 122 -7.93 4.90 -26.53
C ILE H 122 -7.58 4.15 -25.25
N TYR H 123 -8.26 4.48 -24.14
CA TYR H 123 -8.13 3.73 -22.84
C TYR H 123 -9.48 3.26 -22.26
N LEU H 124 -9.40 2.22 -21.42
CA LEU H 124 -10.56 1.68 -20.75
C LEU H 124 -10.24 1.22 -19.31
N HIS H 125 -11.32 1.08 -18.53
CA HIS H 125 -11.35 0.47 -17.21
C HIS H 125 -12.12 -0.81 -17.22
N VAL H 126 -11.59 -1.86 -16.59
CA VAL H 126 -12.34 -3.08 -16.39
C VAL H 126 -11.92 -3.79 -15.15
N ALA H 127 -12.92 -4.30 -14.43
CA ALA H 127 -12.68 -4.95 -13.18
C ALA H 127 -11.69 -6.13 -13.33
N VAL H 128 -10.78 -6.22 -12.36
CA VAL H 128 -9.91 -7.39 -12.14
C VAL H 128 -10.71 -8.68 -12.06
N GLU H 129 -11.95 -8.59 -11.61
CA GLU H 129 -12.88 -9.71 -11.63
C GLU H 129 -13.77 -9.80 -12.87
N ASN H 130 -13.32 -9.29 -14.01
CA ASN H 130 -14.04 -9.43 -15.27
C ASN H 130 -13.10 -10.03 -16.33
N PRO H 131 -12.71 -11.31 -16.15
CA PRO H 131 -11.74 -12.00 -17.03
C PRO H 131 -12.18 -12.19 -18.48
N LYS H 132 -13.48 -12.21 -18.73
CA LYS H 132 -14.01 -12.34 -20.09
C LYS H 132 -13.60 -11.10 -20.91
N ALA H 133 -14.03 -9.94 -20.43
CA ALA H 133 -13.64 -8.66 -21.00
C ALA H 133 -12.11 -8.50 -21.18
N VAL H 134 -11.34 -8.70 -20.12
CA VAL H 134 -9.86 -8.52 -20.18
C VAL H 134 -9.25 -9.36 -21.32
N HIS H 135 -9.69 -10.63 -21.43
CA HIS H 135 -9.20 -11.49 -22.48
C HIS H 135 -9.41 -10.88 -23.89
N LEU H 136 -10.62 -10.36 -24.11
CA LEU H 136 -11.07 -9.81 -25.41
C LEU H 136 -10.32 -8.58 -25.80
N TYR H 137 -10.13 -7.73 -24.80
CA TYR H 137 -9.27 -6.58 -24.90
C TYR H 137 -7.82 -6.92 -25.22
N GLU H 138 -7.25 -7.96 -24.62
CA GLU H 138 -5.86 -8.33 -24.93
C GLU H 138 -5.74 -8.91 -26.34
N GLU H 139 -6.81 -9.54 -26.84
CA GLU H 139 -6.84 -10.01 -28.21
C GLU H 139 -6.97 -8.86 -29.24
N CYS H 140 -7.53 -7.73 -28.81
CA CYS H 140 -7.74 -6.57 -29.71
C CYS H 140 -6.58 -5.57 -29.64
N GLY H 141 -5.53 -5.95 -28.90
CA GLY H 141 -4.31 -5.14 -28.75
C GLY H 141 -4.13 -4.40 -27.44
N PHE H 142 -5.13 -4.43 -26.57
CA PHE H 142 -5.05 -3.63 -25.34
C PHE H 142 -4.07 -4.27 -24.36
N VAL H 143 -3.41 -3.43 -23.60
CA VAL H 143 -2.32 -3.80 -22.72
C VAL H 143 -2.54 -3.02 -21.39
N GLU H 144 -2.34 -3.66 -20.24
CA GLU H 144 -2.49 -3.00 -18.94
C GLU H 144 -1.34 -1.98 -18.72
N GLU H 145 -1.76 -0.87 -18.15
CA GLU H 145 -0.91 0.22 -17.74
C GLU H 145 -1.27 0.55 -16.27
N GLY H 146 -2.31 -0.08 -15.71
CA GLY H 146 -2.67 0.16 -14.34
C GLY H 146 -3.50 -0.93 -13.66
N HIS H 147 -3.24 -1.12 -12.38
CA HIS H 147 -4.01 -2.01 -11.52
C HIS H 147 -4.55 -1.14 -10.40
N LEU H 148 -5.73 -0.56 -10.56
CA LEU H 148 -6.12 0.48 -9.60
C LEU H 148 -6.69 -0.17 -8.33
N VAL H 149 -6.14 0.13 -7.17
CA VAL H 149 -6.51 -0.65 -5.96
C VAL H 149 -7.76 0.01 -5.35
N GLU H 150 -8.77 -0.82 -5.09
CA GLU H 150 -10.08 -0.42 -4.52
C GLU H 150 -10.67 0.81 -5.15
N GLU H 151 -10.59 0.85 -6.48
CA GLU H 151 -11.16 1.93 -7.31
C GLU H 151 -12.70 2.10 -7.20
N PHE H 152 -13.50 1.03 -7.26
CA PHE H 152 -14.97 1.21 -7.26
C PHE H 152 -15.68 0.31 -6.25
N PHE H 153 -16.62 0.90 -5.53
CA PHE H 153 -17.57 0.16 -4.74
C PHE H 153 -18.68 -0.45 -5.62
N ILE H 154 -18.68 -1.78 -5.70
CA ILE H 154 -19.60 -2.55 -6.53
C ILE H 154 -20.07 -3.73 -5.72
N ASN H 155 -21.38 -3.80 -5.52
CA ASN H 155 -22.05 -4.97 -4.95
C ASN H 155 -21.55 -5.35 -3.60
N GLY H 156 -21.34 -4.30 -2.81
CA GLY H 156 -21.03 -4.46 -1.41
C GLY H 156 -19.59 -4.40 -1.02
N ARG H 157 -18.67 -4.23 -1.98
CA ARG H 157 -17.25 -4.06 -1.65
C ARG H 157 -16.43 -3.34 -2.72
N TYR H 158 -15.28 -2.83 -2.28
CA TYR H 158 -14.34 -2.24 -3.19
C TYR H 158 -13.69 -3.30 -4.06
N GLN H 159 -13.65 -3.04 -5.36
CA GLN H 159 -13.04 -3.91 -6.35
C GLN H 159 -11.96 -3.22 -7.15
N ASP H 160 -10.94 -4.00 -7.50
CA ASP H 160 -9.83 -3.50 -8.27
C ASP H 160 -10.15 -3.45 -9.72
N VAL H 161 -9.70 -2.40 -10.40
CA VAL H 161 -9.88 -2.36 -11.84
C VAL H 161 -8.57 -2.36 -12.58
N LYS H 162 -8.52 -2.94 -13.75
CA LYS H 162 -7.42 -2.71 -14.59
C LYS H 162 -7.63 -1.57 -15.63
N ARG H 163 -6.62 -0.73 -15.80
CA ARG H 163 -6.62 0.25 -16.87
C ARG H 163 -5.74 -0.23 -18.01
N MET H 164 -6.35 -0.35 -19.18
CA MET H 164 -5.68 -0.81 -20.40
C MET H 164 -5.73 0.16 -21.58
N TYR H 165 -4.78 0.06 -22.48
CA TYR H 165 -4.71 1.04 -23.58
C TYR H 165 -4.21 0.42 -24.87
N ILE H 166 -4.48 1.12 -25.98
CA ILE H 166 -3.84 0.85 -27.27
C ILE H 166 -3.60 2.16 -27.97
N LEU H 167 -2.46 2.27 -28.68
CA LEU H 167 -2.11 3.51 -29.39
C LEU H 167 -2.44 3.34 -30.84
N GLN H 168 -2.56 4.49 -31.53
CA GLN H 168 -3.06 4.62 -32.90
C GLN H 168 -2.15 3.89 -33.88
N SER H 169 -0.84 4.01 -33.65
CA SER H 169 0.18 3.34 -34.48
C SER H 169 -0.02 1.83 -34.51
N LYS H 170 -0.16 1.22 -33.33
CA LYS H 170 -0.45 -0.22 -33.20
C LYS H 170 -1.70 -0.70 -33.91
N TYR H 171 -2.85 -0.08 -33.66
CA TYR H 171 -3.99 -0.37 -34.49
C TYR H 171 -3.69 -0.24 -36.00
N LEU H 172 -3.33 0.94 -36.46
CA LEU H 172 -3.36 1.18 -37.92
C LEU H 172 -2.57 0.18 -38.73
N ASN H 173 -1.36 -0.13 -38.24
CA ASN H 173 -0.57 -1.27 -38.71
C ASN H 173 -0.42 -2.30 -37.60
N ASN I 5 37.31 18.46 -1.34
CA ASN I 5 37.52 19.74 -2.09
C ASN I 5 37.53 19.52 -3.59
N SER I 6 37.53 20.62 -4.35
CA SER I 6 37.56 20.57 -5.82
C SER I 6 38.97 20.84 -6.40
N GLN I 7 40.01 20.49 -5.63
CA GLN I 7 41.32 20.23 -6.22
C GLN I 7 41.38 18.76 -6.69
N LEU I 8 40.36 17.98 -6.34
CA LEU I 8 40.37 16.55 -6.63
C LEU I 8 39.88 16.30 -8.03
N THR I 9 40.75 15.72 -8.84
CA THR I 9 40.45 15.42 -10.21
C THR I 9 40.55 13.90 -10.41
N LEU I 10 39.82 13.41 -11.41
CA LEU I 10 39.99 12.03 -11.86
C LEU I 10 40.61 12.09 -13.22
N ARG I 11 41.31 11.04 -13.57
CA ARG I 11 41.86 10.87 -14.92
C ARG I 11 42.16 9.42 -15.13
N ALA I 12 42.08 9.01 -16.39
CA ALA I 12 42.42 7.66 -16.82
C ALA I 12 43.73 7.13 -16.18
N LEU I 13 43.68 5.90 -15.68
CA LEU I 13 44.86 5.24 -15.16
C LEU I 13 45.88 5.04 -16.28
N GLU I 14 47.16 5.34 -15.99
CA GLU I 14 48.27 5.34 -16.98
C GLU I 14 49.40 4.35 -16.56
N ARG I 15 50.19 3.92 -17.54
CA ARG I 15 51.33 3.04 -17.26
C ARG I 15 52.20 3.66 -16.19
N GLY I 16 52.41 4.98 -16.30
CA GLY I 16 53.15 5.73 -15.31
C GLY I 16 52.60 5.68 -13.89
N ASP I 17 51.33 5.27 -13.71
CA ASP I 17 50.75 5.14 -12.36
C ASP I 17 50.85 3.76 -11.70
N LEU I 18 51.34 2.77 -12.44
CA LEU I 18 51.31 1.36 -11.96
C LEU I 18 52.10 1.03 -10.70
N ARG I 19 53.06 1.87 -10.31
CA ARG I 19 53.82 1.59 -9.08
C ARG I 19 52.98 1.92 -7.86
N PHE I 20 52.20 2.98 -8.01
CA PHE I 20 51.19 3.32 -7.04
C PHE I 20 50.09 2.25 -6.97
N ILE I 21 49.70 1.72 -8.12
CA ILE I 21 48.65 0.71 -8.18
C ILE I 21 49.23 -0.62 -7.73
N HIS I 22 50.48 -0.88 -8.04
CA HIS I 22 51.18 -2.07 -7.51
C HIS I 22 51.15 -2.17 -5.99
N ASN I 23 51.39 -1.04 -5.32
CA ASN I 23 51.56 -0.96 -3.88
C ASN I 23 50.22 -1.13 -3.11
N LEU I 24 49.19 -0.48 -3.61
CA LEU I 24 47.81 -0.71 -3.15
C LEU I 24 47.46 -2.22 -3.26
N ASN I 25 47.89 -2.83 -4.37
CA ASN I 25 47.54 -4.21 -4.68
C ASN I 25 48.22 -5.30 -3.88
N ASN I 26 49.41 -5.01 -3.36
CA ASN I 26 50.10 -5.90 -2.42
C ASN I 26 49.91 -5.54 -0.94
N ASN I 27 49.23 -4.42 -0.67
CA ASN I 27 48.85 -4.08 0.70
C ASN I 27 47.58 -4.88 1.17
N ARG I 28 47.76 -5.85 2.07
CA ARG I 28 46.63 -6.71 2.48
C ARG I 28 45.47 -6.02 3.22
N ASN I 29 45.70 -4.87 3.85
CA ASN I 29 44.60 -4.12 4.51
C ASN I 29 43.61 -3.57 3.48
N ILE I 30 44.10 -2.69 2.62
CA ILE I 30 43.33 -2.06 1.54
C ILE I 30 42.53 -3.08 0.69
N MET I 31 43.19 -4.18 0.31
CA MET I 31 42.61 -5.16 -0.63
C MET I 31 41.51 -6.05 0.00
N SER I 32 41.63 -6.39 1.28
CA SER I 32 40.54 -7.10 1.98
C SER I 32 39.18 -6.44 1.71
N TYR I 33 39.15 -5.11 1.71
CA TYR I 33 37.92 -4.38 1.39
C TYR I 33 37.60 -4.38 -0.14
N TRP I 34 38.47 -4.97 -0.96
CA TRP I 34 38.17 -5.21 -2.38
C TRP I 34 37.99 -6.70 -2.68
N PHE I 35 37.92 -7.52 -1.64
CA PHE I 35 37.70 -8.96 -1.79
C PHE I 35 38.64 -9.65 -2.75
N GLU I 36 39.90 -9.21 -2.74
CA GLU I 36 40.90 -9.54 -3.76
C GLU I 36 42.23 -9.93 -3.10
N GLU I 37 42.85 -10.96 -3.66
CA GLU I 37 44.08 -11.53 -3.11
C GLU I 37 45.15 -10.47 -3.14
N PRO I 38 45.77 -10.18 -1.98
CA PRO I 38 46.73 -9.10 -1.84
C PRO I 38 48.14 -9.53 -2.28
N TYR I 39 48.29 -9.83 -3.56
CA TYR I 39 49.50 -10.45 -4.09
C TYR I 39 49.50 -10.12 -5.57
N GLU I 40 50.54 -9.43 -6.02
CA GLU I 40 50.68 -9.14 -7.44
C GLU I 40 52.11 -8.69 -7.73
N SER I 41 52.75 -9.43 -8.61
CA SER I 41 53.97 -9.01 -9.27
C SER I 41 53.71 -7.79 -10.19
N PHE I 42 54.77 -7.05 -10.49
CA PHE I 42 54.67 -5.91 -11.41
C PHE I 42 54.38 -6.47 -12.78
N ASP I 43 55.11 -7.53 -13.10
CA ASP I 43 54.93 -8.28 -14.34
C ASP I 43 53.47 -8.67 -14.58
N GLU I 44 52.79 -9.18 -13.55
CA GLU I 44 51.33 -9.43 -13.65
C GLU I 44 50.56 -8.13 -13.88
N LEU I 45 50.84 -7.12 -13.04
CA LEU I 45 50.20 -5.81 -13.15
C LEU I 45 50.36 -5.22 -14.55
N GLU I 46 51.58 -5.20 -15.07
CA GLU I 46 51.76 -4.63 -16.42
C GLU I 46 50.90 -5.36 -17.44
N GLU I 47 50.94 -6.70 -17.38
CA GLU I 47 50.23 -7.56 -18.34
C GLU I 47 48.72 -7.66 -18.12
N LEU I 48 48.20 -7.14 -17.02
CA LEU I 48 46.74 -6.97 -16.85
C LEU I 48 46.30 -5.54 -17.20
N TYR I 49 47.23 -4.59 -17.05
CA TYR I 49 47.00 -3.23 -17.48
C TYR I 49 46.89 -3.20 -19.01
N ASN I 50 47.99 -3.56 -19.67
CA ASN I 50 48.09 -3.70 -21.13
C ASN I 50 46.99 -4.51 -21.80
N LYS I 51 46.72 -5.67 -21.21
CA LYS I 51 45.85 -6.68 -21.80
C LYS I 51 44.39 -6.32 -21.62
N HIS I 52 44.15 -5.19 -20.94
CA HIS I 52 42.80 -4.70 -20.71
C HIS I 52 42.69 -3.19 -20.95
N ILE I 53 43.48 -2.69 -21.90
CA ILE I 53 43.42 -1.27 -22.30
C ILE I 53 42.42 -1.07 -23.44
N HIS I 54 42.19 -2.12 -24.24
CA HIS I 54 41.08 -2.12 -25.17
C HIS I 54 39.95 -3.02 -24.65
N ASP I 55 39.63 -2.90 -23.36
CA ASP I 55 38.38 -3.42 -22.86
C ASP I 55 37.43 -2.34 -22.40
N ASN I 56 36.42 -2.11 -23.22
CA ASN I 56 35.39 -1.12 -22.96
C ASN I 56 34.50 -1.45 -21.73
N ALA I 57 34.59 -2.67 -21.18
CA ALA I 57 33.84 -3.08 -19.97
C ALA I 57 34.35 -2.48 -18.66
N GLU I 58 35.47 -1.77 -18.71
CA GLU I 58 36.03 -1.22 -17.49
C GLU I 58 36.69 0.13 -17.69
N ARG I 59 36.78 0.89 -16.60
CA ARG I 59 37.30 2.25 -16.64
C ARG I 59 37.94 2.49 -15.31
N ARG I 60 39.27 2.41 -15.28
CA ARG I 60 40.07 2.71 -14.11
C ARG I 60 40.51 4.17 -14.13
N PHE I 61 40.31 4.82 -13.00
CA PHE I 61 40.80 6.16 -12.77
C PHE I 61 41.73 6.20 -11.56
N VAL I 62 42.74 7.04 -11.67
CA VAL I 62 43.59 7.45 -10.55
C VAL I 62 43.05 8.79 -10.08
N VAL I 63 43.09 9.04 -8.77
CA VAL I 63 42.60 10.32 -8.24
C VAL I 63 43.78 11.25 -8.02
N GLU I 64 43.65 12.52 -8.42
CA GLU I 64 44.73 13.47 -8.20
C GLU I 64 44.24 14.64 -7.36
N ASP I 65 45.19 15.29 -6.68
CA ASP I 65 44.95 16.51 -5.92
C ASP I 65 45.51 17.71 -6.70
N ALA I 66 45.61 18.86 -6.02
CA ALA I 66 46.09 20.11 -6.62
C ALA I 66 47.41 19.99 -7.42
N GLN I 67 48.47 19.43 -6.82
CA GLN I 67 49.72 19.22 -7.57
C GLN I 67 50.12 17.75 -7.67
N LYS I 68 49.43 17.04 -8.55
CA LYS I 68 49.90 15.76 -9.08
C LYS I 68 50.03 14.62 -8.07
N ASN I 69 49.48 14.76 -6.87
CA ASN I 69 49.62 13.69 -5.87
C ASN I 69 48.62 12.57 -6.14
N LEU I 70 49.02 11.34 -5.84
CA LEU I 70 48.19 10.16 -6.09
C LEU I 70 47.40 9.87 -4.83
N ILE I 71 46.09 10.10 -4.90
CA ILE I 71 45.21 10.07 -3.74
C ILE I 71 44.52 8.73 -3.55
N GLY I 72 44.36 7.98 -4.64
CA GLY I 72 43.61 6.76 -4.62
C GLY I 72 43.14 6.33 -6.00
N LEU I 73 42.05 5.59 -6.03
CA LEU I 73 41.65 4.89 -7.24
C LEU I 73 40.17 4.64 -7.19
N VAL I 74 39.50 4.90 -8.30
CA VAL I 74 38.10 4.65 -8.45
C VAL I 74 38.00 3.81 -9.68
N GLU I 75 37.10 2.83 -9.68
CA GLU I 75 36.88 1.94 -10.85
C GLU I 75 35.41 1.63 -11.17
N LEU I 76 35.12 1.49 -12.45
CA LEU I 76 33.82 1.02 -12.94
C LEU I 76 34.04 -0.24 -13.75
N ILE I 77 33.71 -1.40 -13.21
CA ILE I 77 33.96 -2.64 -13.95
C ILE I 77 32.69 -3.40 -14.20
N GLU I 78 32.82 -4.33 -15.12
CA GLU I 78 31.74 -5.14 -15.60
C GLU I 78 30.67 -4.24 -16.18
N ILE I 79 31.09 -3.21 -16.93
CA ILE I 79 30.10 -2.35 -17.58
C ILE I 79 29.37 -3.26 -18.58
N ASN I 80 28.05 -3.32 -18.46
CA ASN I 80 27.20 -4.07 -19.39
C ASN I 80 26.40 -3.04 -20.16
N TYR I 81 26.52 -3.08 -21.47
CA TYR I 81 25.86 -2.09 -22.31
C TYR I 81 24.44 -2.41 -22.70
N ILE I 82 23.99 -3.64 -22.44
CA ILE I 82 22.55 -3.98 -22.54
C ILE I 82 21.76 -3.62 -21.28
N HIS I 83 22.27 -4.00 -20.11
CA HIS I 83 21.59 -3.73 -18.84
C HIS I 83 22.00 -2.38 -18.24
N ARG I 84 23.07 -1.81 -18.81
CA ARG I 84 23.49 -0.46 -18.45
C ARG I 84 23.91 -0.35 -16.97
N SER I 85 24.50 -1.42 -16.45
CA SER I 85 25.05 -1.41 -15.09
C SER I 85 26.57 -1.57 -15.08
N ALA I 86 27.18 -1.04 -14.01
CA ALA I 86 28.63 -1.14 -13.73
C ALA I 86 28.78 -1.35 -12.20
N GLU I 87 29.81 -2.06 -11.77
CA GLU I 87 30.11 -2.23 -10.39
C GLU I 87 31.06 -1.08 -10.03
N PHE I 88 30.95 -0.54 -8.83
CA PHE I 88 31.80 0.59 -8.41
C PHE I 88 32.69 0.15 -7.25
N GLN I 89 33.96 0.57 -7.29
CA GLN I 89 34.98 0.26 -6.25
C GLN I 89 35.89 1.46 -6.05
N ILE I 90 36.36 1.68 -4.83
CA ILE I 90 37.15 2.86 -4.48
C ILE I 90 38.18 2.54 -3.42
N ILE I 91 39.38 3.02 -3.66
CA ILE I 91 40.39 3.06 -2.64
C ILE I 91 40.93 4.50 -2.60
N ILE I 92 41.19 4.94 -1.38
CA ILE I 92 41.93 6.14 -1.07
C ILE I 92 43.22 5.63 -0.37
N ALA I 93 44.36 6.09 -0.83
CA ALA I 93 45.64 5.65 -0.23
C ALA I 93 45.57 5.87 1.28
N PRO I 94 46.21 4.98 2.06
CA PRO I 94 46.18 5.12 3.51
C PRO I 94 46.51 6.55 3.98
N GLU I 95 47.57 7.15 3.44
CA GLU I 95 47.98 8.51 3.85
C GLU I 95 47.07 9.68 3.41
N HIS I 96 45.98 9.42 2.66
CA HIS I 96 44.98 10.45 2.37
C HIS I 96 43.62 10.18 2.95
N GLN I 97 43.52 9.10 3.73
CA GLN I 97 42.28 8.77 4.40
C GLN I 97 42.01 9.76 5.51
N GLY I 98 40.77 9.78 5.95
CA GLY I 98 40.38 10.54 7.14
C GLY I 98 40.26 12.03 6.86
N LYS I 99 40.27 12.41 5.59
CA LYS I 99 40.30 13.81 5.22
C LYS I 99 38.94 14.35 4.75
N GLY I 100 37.96 13.46 4.61
CA GLY I 100 36.66 13.88 4.06
C GLY I 100 36.69 13.94 2.52
N PHE I 101 37.45 13.04 1.92
CA PHE I 101 37.62 13.00 0.46
C PHE I 101 36.63 12.05 -0.21
N ALA I 102 36.18 11.03 0.53
CA ALA I 102 35.40 9.94 -0.07
C ALA I 102 34.13 10.43 -0.75
N ARG I 103 33.36 11.29 -0.10
CA ARG I 103 32.09 11.73 -0.68
C ARG I 103 32.30 12.37 -2.06
N THR I 104 33.22 13.33 -2.12
CA THR I 104 33.49 14.00 -3.39
C THR I 104 33.77 13.00 -4.46
N LEU I 105 34.63 12.04 -4.13
CA LEU I 105 35.16 11.13 -5.11
C LEU I 105 34.20 10.04 -5.51
N ILE I 106 33.33 9.62 -4.61
CA ILE I 106 32.20 8.80 -4.96
C ILE I 106 31.29 9.58 -5.96
N ASN I 107 31.06 10.88 -5.70
CA ASN I 107 30.22 11.72 -6.58
C ASN I 107 30.78 11.84 -8.00
N ARG I 108 32.09 12.07 -8.09
CA ARG I 108 32.82 12.08 -9.39
C ARG I 108 32.57 10.81 -10.17
N ALA I 109 32.63 9.71 -9.44
CA ALA I 109 32.38 8.37 -9.96
C ALA I 109 30.94 8.17 -10.48
N LEU I 110 29.98 8.69 -9.71
CA LEU I 110 28.59 8.62 -10.11
C LEU I 110 28.39 9.59 -11.31
N ASP I 111 29.15 10.69 -11.32
CA ASP I 111 28.94 11.70 -12.37
C ASP I 111 29.48 11.21 -13.71
N TYR I 112 30.56 10.43 -13.66
CA TYR I 112 31.11 9.83 -14.84
C TYR I 112 30.18 8.73 -15.42
N SER I 113 29.56 7.95 -14.55
CA SER I 113 28.74 6.79 -14.95
C SER I 113 27.44 7.24 -15.57
N PHE I 114 26.82 8.21 -14.90
CA PHE I 114 25.47 8.61 -15.25
C PHE I 114 25.43 9.75 -16.21
N THR I 115 26.41 10.66 -16.11
CA THR I 115 26.42 11.81 -17.03
C THR I 115 27.30 11.62 -18.27
N ILE I 116 28.21 10.66 -18.24
CA ILE I 116 29.08 10.45 -19.39
C ILE I 116 28.83 9.06 -20.01
N LEU I 117 28.85 7.98 -19.23
CA LEU I 117 28.67 6.64 -19.79
C LEU I 117 27.23 6.27 -20.04
N ASN I 118 26.30 7.04 -19.46
CA ASN I 118 24.87 6.89 -19.71
C ASN I 118 24.30 5.59 -19.10
N LEU I 119 24.96 5.14 -18.06
CA LEU I 119 24.59 3.88 -17.44
C LEU I 119 23.39 4.14 -16.59
N HIS I 120 22.74 3.08 -16.12
CA HIS I 120 21.43 3.11 -15.49
C HIS I 120 21.54 2.78 -13.99
N LYS I 121 22.41 1.84 -13.62
CA LYS I 121 22.47 1.44 -12.23
C LYS I 121 23.90 1.14 -11.84
N ILE I 122 24.41 1.85 -10.83
CA ILE I 122 25.69 1.50 -10.24
C ILE I 122 25.44 0.69 -8.98
N TYR I 123 26.19 -0.42 -8.84
CA TYR I 123 26.10 -1.26 -7.65
C TYR I 123 27.49 -1.44 -7.04
N LEU I 124 27.54 -1.59 -5.72
CA LEU I 124 28.80 -1.87 -5.01
C LEU I 124 28.63 -2.99 -3.97
N HIS I 125 29.75 -3.61 -3.62
CA HIS I 125 29.85 -4.52 -2.47
C HIS I 125 30.75 -3.93 -1.40
N VAL I 126 30.25 -3.96 -0.19
CA VAL I 126 30.94 -3.39 0.95
C VAL I 126 30.72 -4.38 2.07
N ALA I 127 31.80 -4.67 2.81
CA ALA I 127 31.78 -5.59 3.94
C ALA I 127 30.85 -5.11 5.06
N VAL I 128 30.02 -6.00 5.57
CA VAL I 128 29.08 -5.69 6.65
C VAL I 128 29.80 -5.26 7.95
N GLU I 129 31.07 -5.66 8.12
CA GLU I 129 31.90 -5.17 9.23
C GLU I 129 32.72 -3.93 8.84
N ASN I 130 32.44 -3.33 7.67
CA ASN I 130 33.02 -2.06 7.24
C ASN I 130 31.88 -1.00 7.31
N PRO I 131 31.37 -0.71 8.52
CA PRO I 131 30.28 0.30 8.67
C PRO I 131 30.64 1.76 8.32
N LYS I 132 31.93 2.10 8.31
CA LYS I 132 32.37 3.43 7.88
C LYS I 132 31.98 3.60 6.39
N ALA I 133 32.49 2.67 5.58
CA ALA I 133 32.19 2.60 4.16
C ALA I 133 30.68 2.63 3.88
N VAL I 134 29.91 1.86 4.65
CA VAL I 134 28.45 1.78 4.46
C VAL I 134 27.78 3.15 4.66
N HIS I 135 28.25 3.88 5.67
CA HIS I 135 27.68 5.19 5.94
C HIS I 135 28.07 6.24 4.89
N LEU I 136 29.23 6.13 4.27
CA LEU I 136 29.50 6.99 3.10
C LEU I 136 28.53 6.67 1.96
N TYR I 137 28.50 5.41 1.54
CA TYR I 137 27.68 5.06 0.40
C TYR I 137 26.26 5.56 0.58
N GLU I 138 25.63 5.29 1.72
CA GLU I 138 24.28 5.78 1.95
C GLU I 138 24.22 7.32 1.89
N GLU I 139 25.21 8.02 2.45
CA GLU I 139 25.19 9.48 2.39
C GLU I 139 25.19 10.03 0.95
N CYS I 140 25.73 9.22 0.02
CA CYS I 140 25.61 9.45 -1.41
C CYS I 140 24.40 8.74 -2.06
N GLY I 141 23.48 8.26 -1.23
CA GLY I 141 22.21 7.73 -1.71
C GLY I 141 22.20 6.28 -2.15
N PHE I 142 23.23 5.49 -1.85
CA PHE I 142 23.17 4.08 -2.25
C PHE I 142 22.21 3.47 -1.29
N VAL I 143 21.49 2.45 -1.73
CA VAL I 143 20.70 1.71 -0.75
C VAL I 143 20.96 0.23 -0.86
N GLU I 144 20.80 -0.47 0.27
CA GLU I 144 20.98 -1.87 0.32
C GLU I 144 19.91 -2.54 -0.55
N GLU I 145 20.34 -3.53 -1.32
CA GLU I 145 19.42 -4.42 -2.06
C GLU I 145 19.72 -5.90 -1.77
N GLY I 146 20.87 -6.16 -1.15
CA GLY I 146 21.15 -7.53 -0.72
C GLY I 146 22.05 -7.55 0.49
N HIS I 147 21.92 -8.60 1.25
CA HIS I 147 22.90 -8.93 2.27
C HIS I 147 23.40 -10.31 1.89
N LEU I 148 24.58 -10.29 1.27
CA LEU I 148 25.22 -11.49 0.78
C LEU I 148 25.95 -12.30 1.84
N VAL I 149 25.46 -13.53 2.02
CA VAL I 149 25.80 -14.44 3.10
C VAL I 149 27.14 -15.20 2.85
N GLU I 150 28.06 -15.11 3.80
CA GLU I 150 29.38 -15.73 3.65
C GLU I 150 29.96 -15.68 2.20
N GLU I 151 29.86 -14.53 1.54
CA GLU I 151 30.23 -14.43 0.10
C GLU I 151 31.74 -14.46 -0.07
N PHE I 152 32.53 -13.88 0.83
CA PHE I 152 33.97 -14.04 0.67
C PHE I 152 34.64 -14.59 1.97
N PHE I 153 35.59 -15.50 1.80
CA PHE I 153 36.60 -15.77 2.82
C PHE I 153 37.61 -14.61 2.91
N ILE I 154 37.59 -13.84 3.98
CA ILE I 154 38.56 -12.76 4.12
C ILE I 154 39.15 -12.82 5.51
N ASN I 155 40.47 -12.74 5.60
CA ASN I 155 41.26 -12.93 6.85
C ASN I 155 40.79 -13.99 7.85
N GLY I 156 40.79 -15.27 7.44
CA GLY I 156 40.50 -16.38 8.36
C GLY I 156 39.03 -16.73 8.60
N ARG I 157 38.11 -16.04 7.95
CA ARG I 157 36.70 -16.38 8.10
C ARG I 157 35.86 -15.82 6.99
N TYR I 158 34.73 -16.49 6.77
CA TYR I 158 33.82 -16.14 5.74
C TYR I 158 33.07 -14.94 6.21
N GLN I 159 32.87 -13.99 5.32
CA GLN I 159 32.24 -12.71 5.69
C GLN I 159 31.12 -12.35 4.77
N ASP I 160 30.26 -11.52 5.33
CA ASP I 160 29.05 -11.08 4.69
C ASP I 160 29.30 -9.70 4.13
N VAL I 161 28.64 -9.39 3.03
CA VAL I 161 28.79 -8.05 2.40
C VAL I 161 27.41 -7.46 2.07
N LYS I 162 27.33 -6.13 1.89
CA LYS I 162 26.09 -5.56 1.35
C LYS I 162 26.26 -5.35 -0.13
N ARG I 163 25.16 -5.52 -0.83
CA ARG I 163 25.12 -5.09 -2.18
C ARG I 163 24.23 -3.85 -2.06
N MET I 164 24.79 -2.74 -2.54
CA MET I 164 24.08 -1.48 -2.55
C MET I 164 24.05 -0.91 -3.95
N TYR I 165 23.08 -0.04 -4.26
CA TYR I 165 22.95 0.49 -5.62
C TYR I 165 22.38 1.89 -5.69
N ILE I 166 22.59 2.54 -6.84
CA ILE I 166 21.92 3.81 -7.08
C ILE I 166 21.68 3.91 -8.57
N LEU I 167 20.51 4.45 -8.92
CA LEU I 167 20.06 4.57 -10.30
C LEU I 167 20.27 6.01 -10.82
N GLN I 168 20.40 6.09 -12.14
CA GLN I 168 20.67 7.34 -12.88
C GLN I 168 19.70 8.48 -12.59
N SER I 169 18.41 8.16 -12.66
CA SER I 169 17.34 9.12 -12.35
C SER I 169 17.48 9.63 -10.90
N LYS I 170 17.65 8.72 -9.95
CA LYS I 170 17.86 9.11 -8.56
C LYS I 170 19.09 10.01 -8.41
N TYR I 171 20.14 9.76 -9.22
CA TYR I 171 21.36 10.56 -9.10
C TYR I 171 21.20 11.91 -9.79
N LEU I 172 20.67 11.89 -10.99
CA LEU I 172 20.56 13.08 -11.84
C LEU I 172 19.53 14.07 -11.29
N ASN I 173 18.60 13.56 -10.50
CA ASN I 173 17.49 14.33 -9.94
C ASN I 173 17.63 14.45 -8.42
N ASN J 5 14.01 -39.21 -14.06
CA ASN J 5 13.58 -40.05 -12.92
C ASN J 5 14.85 -40.37 -12.12
N SER J 6 15.03 -41.63 -11.73
CA SER J 6 16.36 -42.12 -11.36
C SER J 6 17.30 -42.15 -12.59
N GLN J 7 16.76 -41.99 -13.79
CA GLN J 7 17.52 -42.15 -15.04
C GLN J 7 18.00 -40.83 -15.68
N LEU J 8 17.97 -39.71 -14.95
CA LEU J 8 18.48 -38.43 -15.46
C LEU J 8 20.00 -38.36 -15.24
N THR J 9 20.74 -37.99 -16.29
CA THR J 9 22.19 -38.16 -16.35
C THR J 9 22.85 -36.82 -16.59
N LEU J 10 23.89 -36.52 -15.83
CA LEU J 10 24.69 -35.32 -16.06
C LEU J 10 26.06 -35.68 -16.64
N ARG J 11 26.37 -35.18 -17.83
CA ARG J 11 27.67 -35.38 -18.43
C ARG J 11 28.23 -34.08 -18.99
N ALA J 12 29.48 -34.15 -19.42
CA ALA J 12 30.18 -33.00 -19.97
C ALA J 12 29.56 -32.49 -21.29
N LEU J 13 29.42 -31.17 -21.37
CA LEU J 13 29.03 -30.55 -22.61
C LEU J 13 30.16 -30.72 -23.61
N GLU J 14 29.82 -31.14 -24.83
CA GLU J 14 30.82 -30.99 -25.88
C GLU J 14 30.28 -30.58 -27.27
N ARG J 15 31.20 -30.51 -28.22
CA ARG J 15 30.93 -29.88 -29.50
C ARG J 15 29.73 -30.50 -30.23
N GLY J 16 29.64 -31.83 -30.26
CA GLY J 16 28.45 -32.50 -30.84
C GLY J 16 27.12 -32.19 -30.13
N ASP J 17 27.18 -31.50 -29.01
CA ASP J 17 25.98 -31.00 -28.34
C ASP J 17 25.63 -29.56 -28.67
N LEU J 18 26.46 -28.85 -29.46
CA LEU J 18 26.26 -27.40 -29.67
C LEU J 18 25.03 -27.01 -30.56
N ARG J 19 24.48 -27.92 -31.34
CA ARG J 19 23.31 -27.58 -32.16
C ARG J 19 22.08 -27.41 -31.25
N PHE J 20 22.02 -28.24 -30.20
CA PHE J 20 21.02 -28.08 -29.14
C PHE J 20 21.25 -26.83 -28.28
N ILE J 21 22.50 -26.56 -27.91
CA ILE J 21 22.81 -25.33 -27.16
C ILE J 21 22.44 -24.09 -27.96
N HIS J 22 22.96 -24.02 -29.18
CA HIS J 22 22.61 -22.96 -30.14
C HIS J 22 21.10 -22.67 -30.19
N ASN J 23 20.34 -23.72 -30.41
CA ASN J 23 18.92 -23.57 -30.65
C ASN J 23 18.26 -23.01 -29.40
N LEU J 24 18.62 -23.58 -28.26
CA LEU J 24 18.28 -23.01 -26.96
C LEU J 24 18.75 -21.54 -26.88
N ASN J 25 20.02 -21.31 -27.21
CA ASN J 25 20.65 -19.97 -27.11
C ASN J 25 20.21 -18.92 -28.17
N ASN J 26 19.35 -19.30 -29.12
CA ASN J 26 18.73 -18.32 -30.05
C ASN J 26 17.20 -18.18 -29.86
N ASN J 27 16.72 -18.27 -28.62
CA ASN J 27 15.29 -18.13 -28.35
C ASN J 27 14.98 -17.19 -27.16
N ARG J 28 14.45 -16.00 -27.51
CA ARG J 28 14.02 -14.98 -26.55
C ARG J 28 13.50 -15.56 -25.23
N ASN J 29 12.63 -16.56 -25.32
CA ASN J 29 12.00 -17.09 -24.13
C ASN J 29 12.90 -17.89 -23.20
N ILE J 30 13.64 -18.87 -23.72
CA ILE J 30 14.56 -19.64 -22.86
C ILE J 30 15.63 -18.70 -22.25
N MET J 31 16.10 -17.76 -23.06
CA MET J 31 17.26 -16.94 -22.73
C MET J 31 17.00 -15.80 -21.74
N SER J 32 15.79 -15.21 -21.72
CA SER J 32 15.57 -14.04 -20.87
C SER J 32 15.62 -14.36 -19.38
N TYR J 33 15.24 -15.57 -19.02
CA TYR J 33 15.33 -16.01 -17.63
C TYR J 33 16.81 -16.13 -17.26
N TRP J 34 17.65 -16.41 -18.26
CA TRP J 34 19.10 -16.38 -18.11
C TRP J 34 19.71 -14.99 -18.24
N PHE J 35 18.89 -13.99 -18.56
CA PHE J 35 19.35 -12.60 -18.62
C PHE J 35 20.44 -12.41 -19.67
N GLU J 36 20.33 -13.14 -20.76
CA GLU J 36 21.33 -13.07 -21.82
C GLU J 36 20.67 -12.85 -23.17
N GLU J 37 21.47 -12.38 -24.13
CA GLU J 37 20.97 -11.93 -25.43
C GLU J 37 20.76 -13.15 -26.33
N PRO J 38 19.58 -13.26 -26.96
CA PRO J 38 19.26 -14.40 -27.82
C PRO J 38 19.72 -14.21 -29.27
N TYR J 39 21.05 -14.14 -29.44
CA TYR J 39 21.65 -13.91 -30.75
C TYR J 39 22.96 -14.66 -30.81
N GLU J 40 23.00 -15.72 -31.60
CA GLU J 40 24.23 -16.42 -31.67
C GLU J 40 24.31 -17.37 -32.82
N SER J 41 25.11 -16.99 -33.81
CA SER J 41 25.49 -17.92 -34.85
C SER J 41 26.29 -19.05 -34.20
N PHE J 42 26.27 -20.21 -34.86
CA PHE J 42 27.00 -21.39 -34.41
C PHE J 42 28.51 -21.17 -34.38
N ASP J 43 29.01 -20.16 -35.11
CA ASP J 43 30.44 -19.87 -35.12
C ASP J 43 30.90 -19.10 -33.89
N GLU J 44 30.12 -18.10 -33.48
CA GLU J 44 30.42 -17.34 -32.26
C GLU J 44 30.35 -18.30 -31.10
N LEU J 45 29.23 -19.01 -31.03
CA LEU J 45 28.98 -20.06 -30.05
C LEU J 45 30.10 -21.10 -30.03
N GLU J 46 30.52 -21.57 -31.20
CA GLU J 46 31.58 -22.58 -31.28
C GLU J 46 32.97 -21.99 -31.05
N GLU J 47 33.15 -20.70 -31.32
CA GLU J 47 34.40 -19.99 -30.99
C GLU J 47 34.59 -19.81 -29.48
N LEU J 48 33.50 -19.45 -28.79
CA LEU J 48 33.49 -19.27 -27.34
C LEU J 48 33.61 -20.58 -26.57
N TYR J 49 33.22 -21.69 -27.22
CA TYR J 49 33.33 -23.03 -26.63
C TYR J 49 34.79 -23.48 -26.67
N ASN J 50 35.59 -22.90 -27.58
CA ASN J 50 37.04 -23.14 -27.63
C ASN J 50 37.77 -22.39 -26.53
N LYS J 51 37.53 -21.10 -26.44
CA LYS J 51 38.26 -20.28 -25.47
C LYS J 51 38.01 -20.71 -24.02
N HIS J 52 36.98 -21.54 -23.79
CA HIS J 52 36.67 -22.05 -22.44
C HIS J 52 36.71 -23.59 -22.23
N ILE J 53 37.48 -24.32 -23.04
CA ILE J 53 37.63 -25.77 -22.78
C ILE J 53 38.63 -26.00 -21.64
N HIS J 54 39.59 -25.12 -21.50
CA HIS J 54 40.62 -25.28 -20.48
C HIS J 54 40.28 -24.50 -19.22
N ASP J 55 39.21 -23.70 -19.27
CA ASP J 55 38.94 -22.72 -18.23
C ASP J 55 38.35 -23.34 -16.97
N ASN J 56 39.07 -23.17 -15.87
CA ASN J 56 38.73 -23.76 -14.60
C ASN J 56 37.50 -23.07 -13.99
N ALA J 57 37.36 -21.78 -14.25
CA ALA J 57 36.24 -21.01 -13.70
C ALA J 57 34.83 -21.43 -14.23
N GLU J 58 34.73 -22.46 -15.11
CA GLU J 58 33.39 -22.95 -15.52
C GLU J 58 33.20 -24.46 -15.86
N ARG J 59 31.96 -24.92 -15.71
CA ARG J 59 31.61 -26.30 -15.96
C ARG J 59 30.21 -26.41 -16.54
N ARG J 60 30.12 -26.68 -17.82
CA ARG J 60 28.86 -26.82 -18.49
C ARG J 60 28.59 -28.30 -18.66
N PHE J 61 27.35 -28.68 -18.29
CA PHE J 61 26.95 -30.06 -18.35
C PHE J 61 25.62 -30.23 -19.06
N VAL J 62 25.51 -31.32 -19.80
CA VAL J 62 24.33 -31.61 -20.57
C VAL J 62 23.51 -32.67 -19.83
N VAL J 63 22.21 -32.45 -19.77
CA VAL J 63 21.31 -33.32 -19.05
C VAL J 63 20.67 -34.26 -20.05
N GLU J 64 20.73 -35.56 -19.78
CA GLU J 64 20.22 -36.55 -20.71
C GLU J 64 19.21 -37.48 -20.03
N ASP J 65 18.45 -38.24 -20.82
CA ASP J 65 17.63 -39.31 -20.24
C ASP J 65 18.22 -40.68 -20.60
N ALA J 66 17.45 -41.71 -20.26
CA ALA J 66 17.72 -43.07 -20.66
C ALA J 66 18.12 -43.19 -22.13
N GLN J 67 17.45 -42.46 -23.02
CA GLN J 67 17.69 -42.60 -24.47
C GLN J 67 18.65 -41.55 -25.05
N LYS J 68 19.52 -41.00 -24.20
CA LYS J 68 20.40 -39.86 -24.54
C LYS J 68 19.70 -38.76 -25.34
N ASN J 69 18.39 -38.58 -25.13
CA ASN J 69 17.71 -37.37 -25.57
C ASN J 69 18.24 -36.30 -24.65
N LEU J 70 18.55 -35.13 -25.21
CA LEU J 70 19.15 -34.04 -24.42
C LEU J 70 18.06 -33.24 -23.73
N ILE J 71 17.86 -33.47 -22.43
CA ILE J 71 16.73 -32.86 -21.71
C ILE J 71 16.95 -31.34 -21.51
N GLY J 72 18.19 -30.95 -21.17
CA GLY J 72 18.49 -29.62 -20.64
C GLY J 72 19.97 -29.31 -20.40
N LEU J 73 20.23 -28.11 -19.90
CA LEU J 73 21.59 -27.64 -19.69
C LEU J 73 21.72 -27.11 -18.27
N VAL J 74 22.89 -27.34 -17.68
CA VAL J 74 23.24 -26.83 -16.36
C VAL J 74 24.68 -26.34 -16.43
N GLU J 75 24.92 -25.23 -15.73
CA GLU J 75 26.24 -24.63 -15.74
C GLU J 75 26.55 -24.17 -14.33
N LEU J 76 27.81 -24.29 -13.94
CA LEU J 76 28.37 -23.56 -12.81
C LEU J 76 29.41 -22.58 -13.37
N ILE J 77 29.15 -21.26 -13.29
CA ILE J 77 30.14 -20.23 -13.70
C ILE J 77 30.68 -19.35 -12.56
N GLU J 78 31.65 -18.50 -12.91
CA GLU J 78 32.34 -17.62 -11.97
C GLU J 78 32.87 -18.43 -10.78
N ILE J 79 33.30 -19.66 -11.01
CA ILE J 79 33.90 -20.46 -9.95
C ILE J 79 35.17 -19.75 -9.38
N ASN J 80 35.10 -19.26 -8.12
N ASN J 80 35.05 -19.25 -8.14
CA ASN J 80 36.23 -18.62 -7.46
CA ASN J 80 36.12 -18.68 -7.33
C ASN J 80 36.89 -19.56 -6.45
C ASN J 80 36.81 -19.77 -6.54
N TYR J 81 38.12 -19.98 -6.75
CA TYR J 81 38.83 -21.00 -5.97
C TYR J 81 39.41 -20.52 -4.60
N ILE J 82 39.34 -19.22 -4.35
CA ILE J 82 39.51 -18.65 -2.98
C ILE J 82 38.24 -18.72 -2.14
N HIS J 83 37.20 -18.04 -2.60
CA HIS J 83 35.98 -17.98 -1.84
C HIS J 83 35.05 -19.23 -1.99
N ARG J 84 35.45 -20.15 -2.85
CA ARG J 84 34.70 -21.38 -3.12
C ARG J 84 33.20 -21.12 -3.38
N SER J 85 32.94 -20.16 -4.28
CA SER J 85 31.58 -19.75 -4.68
C SER J 85 31.43 -19.88 -6.18
N ALA J 86 30.21 -20.07 -6.65
CA ALA J 86 29.95 -20.08 -8.10
C ALA J 86 28.49 -19.88 -8.40
N GLU J 87 28.21 -19.34 -9.59
CA GLU J 87 26.83 -19.12 -10.06
C GLU J 87 26.27 -20.41 -10.69
N PHE J 88 25.02 -20.69 -10.36
CA PHE J 88 24.33 -21.81 -10.89
C PHE J 88 23.23 -21.35 -11.81
N GLN J 89 23.20 -21.91 -13.02
CA GLN J 89 22.06 -21.68 -13.93
C GLN J 89 21.64 -22.96 -14.63
N ILE J 90 20.38 -22.99 -15.04
CA ILE J 90 19.79 -24.20 -15.59
C ILE J 90 18.73 -23.89 -16.61
N ILE J 91 18.72 -24.68 -17.68
CA ILE J 91 17.62 -24.71 -18.66
C ILE J 91 17.15 -26.14 -18.88
N ILE J 92 15.82 -26.32 -18.86
CA ILE J 92 15.19 -27.48 -19.51
C ILE J 92 14.55 -26.99 -20.82
N ALA J 93 14.90 -27.61 -21.94
CA ALA J 93 14.26 -27.33 -23.21
C ALA J 93 12.75 -27.32 -23.10
N PRO J 94 12.07 -26.35 -23.76
CA PRO J 94 10.62 -26.26 -23.57
C PRO J 94 9.90 -27.60 -23.73
N GLU J 95 10.40 -28.50 -24.58
CA GLU J 95 9.74 -29.81 -24.78
C GLU J 95 9.93 -30.82 -23.64
N HIS J 96 10.78 -30.53 -22.67
CA HIS J 96 10.84 -31.40 -21.48
C HIS J 96 10.39 -30.71 -20.16
N GLN J 97 9.70 -29.60 -20.27
CA GLN J 97 9.21 -28.91 -19.07
C GLN J 97 7.92 -29.51 -18.55
N GLY J 98 7.65 -29.26 -17.27
CA GLY J 98 6.36 -29.58 -16.66
C GLY J 98 6.28 -31.05 -16.33
N LYS J 99 7.46 -31.66 -16.14
CA LYS J 99 7.60 -33.10 -16.08
C LYS J 99 8.24 -33.56 -14.76
N GLY J 100 8.42 -32.63 -13.84
CA GLY J 100 8.96 -32.92 -12.53
C GLY J 100 10.40 -33.34 -12.69
N PHE J 101 11.11 -32.64 -13.57
CA PHE J 101 12.53 -32.85 -13.79
C PHE J 101 13.40 -31.81 -13.02
N ALA J 102 12.95 -30.56 -12.94
CA ALA J 102 13.82 -29.53 -12.38
C ALA J 102 14.45 -29.89 -11.03
N ARG J 103 13.68 -30.43 -10.08
CA ARG J 103 14.27 -30.74 -8.77
C ARG J 103 15.56 -31.52 -9.01
N THR J 104 15.42 -32.63 -9.74
CA THR J 104 16.47 -33.59 -9.99
C THR J 104 17.71 -32.94 -10.55
N LEU J 105 17.52 -31.96 -11.42
CA LEU J 105 18.63 -31.39 -12.16
C LEU J 105 19.38 -30.39 -11.29
N ILE J 106 18.62 -29.63 -10.48
CA ILE J 106 19.19 -28.69 -9.54
C ILE J 106 19.99 -29.51 -8.53
N ASN J 107 19.46 -30.70 -8.20
CA ASN J 107 20.09 -31.65 -7.28
C ASN J 107 21.43 -32.14 -7.78
N ARG J 108 21.41 -32.79 -8.95
CA ARG J 108 22.66 -33.17 -9.60
C ARG J 108 23.66 -32.01 -9.66
N ALA J 109 23.22 -30.77 -9.85
CA ALA J 109 24.17 -29.62 -9.89
C ALA J 109 24.81 -29.30 -8.55
N LEU J 110 24.03 -29.48 -7.49
CA LEU J 110 24.54 -29.15 -6.18
C LEU J 110 25.45 -30.27 -5.77
N ASP J 111 25.08 -31.48 -6.14
CA ASP J 111 25.84 -32.67 -5.78
C ASP J 111 27.24 -32.64 -6.39
N TYR J 112 27.39 -32.05 -7.56
CA TYR J 112 28.68 -31.93 -8.19
C TYR J 112 29.46 -30.82 -7.52
N SER J 113 28.73 -29.74 -7.28
CA SER J 113 29.28 -28.53 -6.69
C SER J 113 29.84 -28.88 -5.31
N PHE J 114 29.14 -29.75 -4.57
CA PHE J 114 29.42 -29.92 -3.13
C PHE J 114 30.16 -31.17 -2.77
N THR J 115 30.04 -32.19 -3.63
CA THR J 115 30.61 -33.51 -3.35
C THR J 115 31.87 -33.72 -4.18
N ILE J 116 31.96 -33.17 -5.38
CA ILE J 116 33.20 -33.30 -6.16
C ILE J 116 34.12 -32.04 -6.13
N LEU J 117 33.56 -30.89 -6.48
CA LEU J 117 34.31 -29.65 -6.62
C LEU J 117 34.60 -28.98 -5.26
N ASN J 118 33.86 -29.37 -4.22
CA ASN J 118 34.14 -28.92 -2.86
C ASN J 118 33.91 -27.40 -2.64
N LEU J 119 32.80 -26.89 -3.15
CA LEU J 119 32.54 -25.46 -3.14
C LEU J 119 31.80 -25.20 -1.89
N HIS J 120 31.74 -23.93 -1.46
CA HIS J 120 31.11 -23.53 -0.19
C HIS J 120 29.76 -22.97 -0.37
N LYS J 121 29.60 -22.13 -1.38
CA LYS J 121 28.34 -21.48 -1.63
C LYS J 121 28.03 -21.70 -3.08
N ILE J 122 26.80 -22.06 -3.40
CA ILE J 122 26.33 -21.96 -4.79
C ILE J 122 25.25 -20.91 -4.73
N TYR J 123 25.13 -20.06 -5.76
CA TYR J 123 24.13 -18.94 -5.80
C TYR J 123 23.52 -18.80 -7.18
N LEU J 124 22.37 -18.14 -7.26
CA LEU J 124 21.69 -17.97 -8.55
C LEU J 124 20.90 -16.72 -8.53
N HIS J 125 20.58 -16.26 -9.74
CA HIS J 125 19.70 -15.15 -9.98
C HIS J 125 18.42 -15.73 -10.62
N VAL J 126 17.26 -15.27 -10.14
CA VAL J 126 15.98 -15.53 -10.78
C VAL J 126 15.06 -14.33 -10.80
N ALA J 127 14.35 -14.20 -11.92
CA ALA J 127 13.38 -13.13 -12.09
C ALA J 127 12.29 -13.14 -11.03
N VAL J 128 11.92 -11.94 -10.60
CA VAL J 128 10.81 -11.73 -9.66
C VAL J 128 9.44 -12.14 -10.27
N GLU J 129 9.24 -11.96 -11.57
CA GLU J 129 8.03 -12.45 -12.28
C GLU J 129 8.18 -13.94 -12.66
N ASN J 130 9.05 -14.68 -11.96
CA ASN J 130 9.14 -16.11 -12.14
C ASN J 130 9.10 -16.84 -10.81
N PRO J 131 7.98 -16.66 -10.05
CA PRO J 131 7.84 -17.12 -8.67
C PRO J 131 7.79 -18.65 -8.54
N LYS J 132 7.65 -19.33 -9.67
CA LYS J 132 7.59 -20.78 -9.72
C LYS J 132 8.97 -21.39 -9.54
N ALA J 133 9.94 -20.83 -10.27
CA ALA J 133 11.36 -21.21 -10.13
C ALA J 133 11.84 -20.94 -8.69
N VAL J 134 11.36 -19.83 -8.12
CA VAL J 134 11.71 -19.40 -6.76
C VAL J 134 11.27 -20.40 -5.71
N HIS J 135 10.01 -20.83 -5.80
CA HIS J 135 9.45 -21.84 -4.90
C HIS J 135 10.24 -23.16 -5.01
N LEU J 136 10.45 -23.60 -6.24
CA LEU J 136 11.31 -24.74 -6.53
C LEU J 136 12.74 -24.66 -5.97
N TYR J 137 13.40 -23.51 -6.19
CA TYR J 137 14.69 -23.29 -5.57
C TYR J 137 14.56 -23.33 -4.05
N GLU J 138 13.59 -22.63 -3.50
CA GLU J 138 13.36 -22.69 -2.04
C GLU J 138 13.18 -24.16 -1.62
N GLU J 139 12.42 -24.91 -2.41
CA GLU J 139 12.24 -26.34 -2.19
C GLU J 139 13.54 -27.17 -2.23
N CYS J 140 14.55 -26.68 -2.95
CA CYS J 140 15.86 -27.34 -3.04
C CYS J 140 16.93 -26.83 -2.05
N GLY J 141 16.53 -25.92 -1.15
CA GLY J 141 17.42 -25.39 -0.11
C GLY J 141 17.81 -23.94 -0.27
N PHE J 142 17.47 -23.36 -1.41
CA PHE J 142 17.88 -22.01 -1.73
C PHE J 142 17.09 -21.03 -0.87
N VAL J 143 17.75 -19.95 -0.48
CA VAL J 143 17.12 -18.93 0.37
C VAL J 143 17.45 -17.63 -0.31
N GLU J 144 16.52 -16.69 -0.29
CA GLU J 144 16.78 -15.36 -0.82
C GLU J 144 17.79 -14.63 0.07
N GLU J 145 18.74 -13.95 -0.57
CA GLU J 145 19.71 -13.08 0.15
C GLU J 145 19.80 -11.68 -0.47
N GLY J 146 18.96 -11.43 -1.48
CA GLY J 146 19.06 -10.22 -2.27
C GLY J 146 17.89 -10.02 -3.21
N HIS J 147 17.52 -8.76 -3.42
CA HIS J 147 16.41 -8.45 -4.28
C HIS J 147 16.88 -7.28 -5.12
N LEU J 148 17.45 -7.64 -6.27
CA LEU J 148 18.21 -6.73 -7.10
C LEU J 148 17.24 -5.97 -7.96
N VAL J 149 17.28 -4.65 -7.79
CA VAL J 149 16.24 -3.76 -8.26
C VAL J 149 16.61 -3.27 -9.62
N GLU J 150 15.72 -3.47 -10.60
CA GLU J 150 15.98 -3.13 -11.98
C GLU J 150 17.37 -3.59 -12.42
N GLU J 151 17.80 -4.80 -12.01
CA GLU J 151 19.10 -5.35 -12.42
C GLU J 151 19.31 -5.40 -13.97
N PHE J 152 18.31 -5.90 -14.70
CA PHE J 152 18.45 -6.25 -16.12
C PHE J 152 17.33 -5.73 -16.96
N PHE J 153 17.68 -5.33 -18.19
CA PHE J 153 16.69 -4.99 -19.17
C PHE J 153 16.18 -6.21 -20.01
N ILE J 154 14.90 -6.53 -19.82
CA ILE J 154 14.33 -7.82 -20.27
C ILE J 154 12.93 -7.58 -20.82
N ASN J 155 12.77 -7.90 -22.11
CA ASN J 155 11.49 -7.75 -22.81
C ASN J 155 10.90 -6.35 -22.72
N GLY J 156 11.74 -5.39 -23.07
CA GLY J 156 11.32 -4.00 -23.04
C GLY J 156 11.26 -3.30 -21.69
N ARG J 157 11.61 -3.95 -20.60
CA ARG J 157 11.79 -3.19 -19.34
C ARG J 157 12.74 -3.78 -18.34
N TYR J 158 13.11 -2.93 -17.39
CA TYR J 158 13.96 -3.30 -16.27
C TYR J 158 13.21 -4.17 -15.22
N GLN J 159 13.68 -5.39 -15.00
CA GLN J 159 13.05 -6.36 -14.09
C GLN J 159 13.98 -6.60 -12.92
N ASP J 160 13.39 -6.84 -11.74
CA ASP J 160 14.14 -7.22 -10.53
C ASP J 160 14.40 -8.70 -10.50
N VAL J 161 15.50 -9.11 -9.92
CA VAL J 161 15.75 -10.53 -9.68
C VAL J 161 15.96 -10.81 -8.19
N LYS J 162 15.76 -12.06 -7.78
CA LYS J 162 16.19 -12.48 -6.48
C LYS J 162 17.57 -13.20 -6.64
N ARG J 163 18.51 -12.87 -5.77
CA ARG J 163 19.71 -13.67 -5.60
C ARG J 163 19.40 -14.69 -4.49
N MET J 164 19.58 -15.96 -4.79
CA MET J 164 19.28 -17.00 -3.81
C MET J 164 20.46 -17.89 -3.69
N TYR J 165 20.69 -18.46 -2.52
CA TYR J 165 21.95 -19.19 -2.31
C TYR J 165 21.80 -20.42 -1.46
N ILE J 166 22.74 -21.33 -1.58
CA ILE J 166 22.82 -22.45 -0.63
C ILE J 166 24.27 -22.70 -0.27
N LEU J 167 24.50 -23.15 0.98
CA LEU J 167 25.85 -23.48 1.45
C LEU J 167 26.06 -24.99 1.49
N GLN J 168 27.32 -25.35 1.27
CA GLN J 168 27.78 -26.75 1.26
C GLN J 168 27.30 -27.54 2.46
N SER J 169 27.33 -26.90 3.64
CA SER J 169 26.80 -27.53 4.87
C SER J 169 25.30 -27.85 4.74
N LYS J 170 24.48 -26.88 4.34
CA LYS J 170 23.04 -27.17 4.27
C LYS J 170 22.85 -28.45 3.46
N TYR J 171 23.35 -28.43 2.22
CA TYR J 171 23.17 -29.50 1.25
C TYR J 171 23.74 -30.86 1.65
N LEU J 172 24.99 -30.87 2.10
CA LEU J 172 25.59 -32.08 2.72
C LEU J 172 25.08 -32.33 4.16
N ASN J 173 25.50 -31.48 5.11
CA ASN J 173 25.22 -31.73 6.55
C ASN J 173 23.88 -32.38 6.85
N ASN K 5 46.41 33.93 -39.00
CA ASN K 5 46.70 34.48 -40.35
C ASN K 5 47.33 33.39 -41.26
N SER K 6 48.29 33.81 -42.10
CA SER K 6 48.91 32.94 -43.10
C SER K 6 50.02 32.06 -42.55
N GLN K 7 50.44 32.31 -41.31
CA GLN K 7 51.48 31.48 -40.66
C GLN K 7 50.94 30.14 -40.15
N LEU K 8 49.65 29.93 -40.13
CA LEU K 8 49.13 28.66 -39.60
C LEU K 8 49.10 27.58 -40.67
N THR K 9 49.81 26.48 -40.40
CA THR K 9 49.89 25.38 -41.35
C THR K 9 49.45 24.06 -40.73
N LEU K 10 48.77 23.26 -41.56
CA LEU K 10 48.43 21.91 -41.20
C LEU K 10 49.54 21.02 -41.66
N ARG K 11 49.96 20.11 -40.79
CA ARG K 11 50.80 19.02 -41.21
C ARG K 11 50.27 17.71 -40.64
N ALA K 12 50.89 16.62 -41.04
CA ALA K 12 50.47 15.28 -40.66
C ALA K 12 50.76 14.96 -39.18
N LEU K 13 49.75 14.39 -38.52
CA LEU K 13 49.86 13.85 -37.17
C LEU K 13 51.07 12.90 -37.02
N GLU K 14 52.08 13.29 -36.21
CA GLU K 14 53.29 12.46 -35.96
C GLU K 14 53.34 11.94 -34.53
N ARG K 15 54.28 11.03 -34.25
CA ARG K 15 54.30 10.34 -32.97
C ARG K 15 54.62 11.28 -31.79
N GLY K 16 55.35 12.37 -32.04
CA GLY K 16 55.70 13.34 -30.99
C GLY K 16 54.63 14.38 -30.69
N ASP K 17 53.46 14.23 -31.30
CA ASP K 17 52.29 15.08 -31.02
C ASP K 17 51.31 14.39 -30.08
N LEU K 18 51.62 13.18 -29.63
CA LEU K 18 50.63 12.37 -28.90
C LEU K 18 50.54 12.71 -27.42
N ARG K 19 51.49 13.44 -26.84
CA ARG K 19 51.26 14.03 -25.52
C ARG K 19 50.15 15.09 -25.63
N PHE K 20 50.31 16.00 -26.60
CA PHE K 20 49.29 17.04 -26.95
C PHE K 20 47.90 16.46 -27.26
N ILE K 21 47.85 15.40 -28.04
CA ILE K 21 46.56 14.83 -28.37
C ILE K 21 45.93 14.21 -27.13
N HIS K 22 46.72 13.38 -26.45
CA HIS K 22 46.32 12.73 -25.20
C HIS K 22 45.65 13.75 -24.27
N ASN K 23 46.38 14.84 -24.00
CA ASN K 23 45.91 16.03 -23.26
C ASN K 23 44.50 16.57 -23.67
N LEU K 24 44.27 16.78 -24.97
CA LEU K 24 42.96 17.18 -25.51
C LEU K 24 41.96 16.02 -25.41
N ASN K 25 42.40 14.83 -25.76
CA ASN K 25 41.56 13.62 -25.70
C ASN K 25 41.10 13.22 -24.31
N ASN K 26 41.78 13.72 -23.30
CA ASN K 26 41.36 13.46 -21.93
C ASN K 26 40.62 14.63 -21.28
N ASN K 27 40.20 15.58 -22.12
CA ASN K 27 39.55 16.81 -21.72
C ASN K 27 38.03 16.71 -21.97
N ARG K 28 37.22 16.72 -20.89
CA ARG K 28 35.75 16.64 -20.99
C ARG K 28 35.07 17.84 -21.59
N ASN K 29 35.63 19.03 -21.38
CA ASN K 29 35.04 20.25 -21.97
C ASN K 29 35.30 20.32 -23.48
N ILE K 30 36.48 19.85 -23.88
CA ILE K 30 36.85 19.79 -25.28
C ILE K 30 36.19 18.63 -26.02
N MET K 31 36.38 17.40 -25.57
CA MET K 31 35.86 16.25 -26.33
C MET K 31 34.32 16.14 -26.32
N SER K 32 33.62 16.77 -25.37
CA SER K 32 32.16 16.78 -25.45
C SER K 32 31.70 17.22 -26.87
N TYR K 33 32.35 18.23 -27.45
CA TYR K 33 31.93 18.76 -28.75
C TYR K 33 32.31 17.89 -29.95
N TRP K 34 33.14 16.88 -29.70
CA TRP K 34 33.32 15.77 -30.63
C TRP K 34 32.42 14.58 -30.27
N PHE K 35 31.71 14.71 -29.15
CA PHE K 35 30.81 13.67 -28.66
C PHE K 35 31.60 12.42 -28.29
N GLU K 36 32.88 12.63 -27.98
CA GLU K 36 33.81 11.56 -27.61
C GLU K 36 33.90 11.50 -26.10
N GLU K 37 33.76 10.29 -25.53
CA GLU K 37 34.05 10.06 -24.12
C GLU K 37 35.45 10.60 -23.79
N PRO K 38 35.57 11.48 -22.74
CA PRO K 38 36.89 11.96 -22.32
C PRO K 38 37.68 10.96 -21.43
N TYR K 39 37.96 9.78 -22.00
CA TYR K 39 38.79 8.77 -21.32
C TYR K 39 39.70 8.11 -22.32
N GLU K 40 41.01 8.35 -22.22
CA GLU K 40 41.95 7.66 -23.09
C GLU K 40 43.35 7.64 -22.48
N SER K 41 43.80 6.42 -22.18
CA SER K 41 45.19 6.16 -21.88
C SER K 41 46.11 6.47 -23.07
N PHE K 42 47.34 6.89 -22.78
CA PHE K 42 48.34 7.12 -23.80
C PHE K 42 48.63 5.80 -24.49
N ASP K 43 48.55 4.70 -23.75
CA ASP K 43 48.69 3.39 -24.34
C ASP K 43 47.66 3.20 -25.45
N GLU K 44 46.37 3.30 -25.09
CA GLU K 44 45.27 3.20 -26.07
C GLU K 44 45.56 4.11 -27.28
N LEU K 45 45.94 5.36 -26.98
CA LEU K 45 46.28 6.37 -28.00
C LEU K 45 47.28 5.83 -29.00
N GLU K 46 48.38 5.28 -28.49
CA GLU K 46 49.44 4.74 -29.34
C GLU K 46 48.99 3.51 -30.15
N GLU K 47 48.10 2.71 -29.63
CA GLU K 47 47.56 1.56 -30.39
C GLU K 47 46.63 2.04 -31.53
N LEU K 48 45.78 3.03 -31.24
CA LEU K 48 44.96 3.69 -32.26
C LEU K 48 45.82 4.40 -33.31
N TYR K 49 46.79 5.19 -32.86
CA TYR K 49 47.71 5.81 -33.79
C TYR K 49 48.38 4.76 -34.66
N ASN K 50 48.97 3.75 -34.02
CA ASN K 50 49.75 2.72 -34.71
C ASN K 50 48.87 1.72 -35.47
N LYS K 51 47.55 1.91 -35.41
CA LYS K 51 46.59 1.29 -36.33
C LYS K 51 46.29 2.18 -37.52
N HIS K 52 46.13 3.47 -37.26
CA HIS K 52 45.67 4.39 -38.29
C HIS K 52 46.79 5.05 -39.13
N ILE K 53 47.96 4.42 -39.17
CA ILE K 53 49.03 4.83 -40.08
C ILE K 53 48.68 4.36 -41.49
N HIS K 54 48.04 3.20 -41.56
CA HIS K 54 47.63 2.57 -42.80
C HIS K 54 46.11 2.58 -42.97
N ASP K 55 45.45 3.63 -42.48
CA ASP K 55 44.03 3.79 -42.75
C ASP K 55 43.85 4.90 -43.77
N ASN K 56 43.58 4.50 -45.00
CA ASN K 56 43.41 5.45 -46.09
C ASN K 56 42.07 6.19 -45.98
N ALA K 57 41.21 5.75 -45.07
CA ALA K 57 39.94 6.40 -44.90
C ALA K 57 40.00 7.53 -43.86
N GLU K 58 41.20 7.93 -43.44
CA GLU K 58 41.27 9.07 -42.52
C GLU K 58 42.58 9.89 -42.50
N ARG K 59 42.41 11.21 -42.39
CA ARG K 59 43.54 12.15 -42.36
C ARG K 59 43.47 13.00 -41.09
N ARG K 60 44.59 13.06 -40.38
CA ARG K 60 44.60 13.77 -39.11
C ARG K 60 45.70 14.81 -39.15
N PHE K 61 45.40 16.03 -38.72
CA PHE K 61 46.33 17.12 -38.88
C PHE K 61 46.63 17.89 -37.61
N VAL K 62 47.89 18.25 -37.41
CA VAL K 62 48.20 19.16 -36.33
C VAL K 62 48.30 20.53 -36.94
N VAL K 63 47.96 21.55 -36.14
CA VAL K 63 48.09 22.93 -36.55
C VAL K 63 49.28 23.54 -35.82
N GLU K 64 50.29 23.96 -36.57
CA GLU K 64 51.44 24.64 -36.03
C GLU K 64 51.40 26.08 -36.50
N ASP K 65 52.09 26.96 -35.80
CA ASP K 65 52.29 28.33 -36.29
C ASP K 65 53.74 28.52 -36.68
N ALA K 66 54.16 29.77 -36.90
CA ALA K 66 55.50 30.08 -37.43
C ALA K 66 56.61 29.66 -36.49
N GLN K 67 56.37 29.84 -35.19
CA GLN K 67 57.28 29.38 -34.15
C GLN K 67 56.90 27.99 -33.62
N LYS K 68 56.16 27.23 -34.41
CA LYS K 68 55.83 25.79 -34.12
C LYS K 68 55.06 25.49 -32.82
N ASN K 69 54.28 26.45 -32.33
CA ASN K 69 53.41 26.20 -31.17
C ASN K 69 52.18 25.41 -31.58
N LEU K 70 51.97 24.23 -31.03
CA LEU K 70 50.79 23.44 -31.44
C LEU K 70 49.50 24.17 -31.06
N ILE K 71 48.70 24.49 -32.09
CA ILE K 71 47.49 25.34 -31.98
C ILE K 71 46.21 24.52 -31.86
N GLY K 72 46.14 23.45 -32.63
CA GLY K 72 45.02 22.56 -32.66
C GLY K 72 45.17 21.36 -33.56
N LEU K 73 44.05 20.72 -33.80
CA LEU K 73 43.97 19.47 -34.48
C LEU K 73 42.87 19.59 -35.49
N VAL K 74 43.08 18.92 -36.62
CA VAL K 74 42.11 18.99 -37.67
C VAL K 74 41.99 17.61 -38.26
N GLU K 75 40.77 17.08 -38.33
CA GLU K 75 40.53 15.74 -38.82
C GLU K 75 39.57 15.68 -39.99
N LEU K 76 39.88 14.73 -40.88
CA LEU K 76 39.05 14.35 -42.00
C LEU K 76 38.87 12.83 -41.99
N ILE K 77 37.77 12.36 -41.39
CA ILE K 77 37.48 10.92 -41.24
C ILE K 77 36.21 10.46 -42.02
N GLU K 78 35.88 9.18 -41.83
CA GLU K 78 34.93 8.43 -42.66
C GLU K 78 35.09 8.72 -44.14
N ILE K 79 36.34 8.78 -44.60
CA ILE K 79 36.56 9.08 -46.02
C ILE K 79 36.11 7.94 -46.94
N ASN K 80 35.09 8.24 -47.76
CA ASN K 80 34.57 7.33 -48.74
C ASN K 80 34.95 7.82 -50.14
N TYR K 81 35.68 6.99 -50.89
CA TYR K 81 36.17 7.31 -52.23
C TYR K 81 35.28 6.83 -53.37
N ILE K 82 34.10 6.31 -53.01
CA ILE K 82 33.08 5.97 -54.01
C ILE K 82 32.06 7.13 -54.07
N HIS K 83 31.54 7.51 -52.90
CA HIS K 83 30.59 8.62 -52.84
C HIS K 83 31.32 9.96 -52.68
N ARG K 84 32.62 9.89 -52.45
CA ARG K 84 33.53 11.07 -52.37
C ARG K 84 33.29 12.04 -51.21
N SER K 85 33.09 11.49 -50.03
CA SER K 85 32.71 12.33 -48.89
C SER K 85 33.53 11.95 -47.67
N ALA K 86 33.69 12.91 -46.74
CA ALA K 86 34.31 12.66 -45.43
C ALA K 86 33.70 13.54 -44.30
N GLU K 87 33.94 13.18 -43.04
CA GLU K 87 33.56 14.01 -41.93
C GLU K 87 34.74 14.91 -41.51
N PHE K 88 34.44 16.20 -41.43
CA PHE K 88 35.37 17.20 -40.90
C PHE K 88 35.24 17.42 -39.41
N GLN K 89 36.38 17.42 -38.70
CA GLN K 89 36.37 17.75 -37.28
C GLN K 89 37.48 18.66 -36.84
N ILE K 90 37.18 19.49 -35.82
CA ILE K 90 38.12 20.51 -35.35
C ILE K 90 38.10 20.89 -33.85
N ILE K 91 39.33 20.99 -33.33
CA ILE K 91 39.68 21.49 -32.03
C ILE K 91 40.80 22.52 -32.15
N ILE K 92 40.61 23.61 -31.45
CA ILE K 92 41.64 24.57 -31.15
C ILE K 92 41.98 24.36 -29.68
N ALA K 93 43.27 24.28 -29.36
CA ALA K 93 43.64 24.15 -27.93
C ALA K 93 43.06 25.34 -27.22
N PRO K 94 42.47 25.11 -26.03
CA PRO K 94 41.84 26.22 -25.26
C PRO K 94 42.65 27.53 -25.20
N GLU K 95 43.97 27.37 -25.08
CA GLU K 95 44.96 28.47 -24.95
C GLU K 95 45.24 29.28 -26.23
N HIS K 96 44.81 28.75 -27.38
CA HIS K 96 44.83 29.51 -28.66
C HIS K 96 43.42 29.88 -29.15
N GLN K 97 42.41 29.54 -28.38
CA GLN K 97 41.05 29.96 -28.67
C GLN K 97 40.85 31.45 -28.43
N GLY K 98 40.16 32.09 -29.38
CA GLY K 98 39.76 33.46 -29.24
C GLY K 98 40.60 34.41 -30.04
N LYS K 99 41.59 33.89 -30.80
CA LYS K 99 42.44 34.76 -31.65
C LYS K 99 42.07 34.83 -33.15
N GLY K 100 40.86 34.43 -33.52
CA GLY K 100 40.42 34.48 -34.93
C GLY K 100 41.09 33.48 -35.87
N PHE K 101 41.37 32.27 -35.37
CA PHE K 101 42.05 31.23 -36.15
C PHE K 101 41.09 30.22 -36.79
N ALA K 102 39.92 30.03 -36.20
CA ALA K 102 39.01 28.98 -36.70
C ALA K 102 38.84 29.04 -38.21
N ARG K 103 38.45 30.19 -38.76
CA ARG K 103 38.24 30.30 -40.20
C ARG K 103 39.38 29.67 -40.99
N THR K 104 40.61 30.12 -40.73
CA THR K 104 41.80 29.59 -41.43
C THR K 104 41.86 28.05 -41.36
N LEU K 105 41.71 27.48 -40.18
CA LEU K 105 41.86 26.02 -40.03
C LEU K 105 40.75 25.20 -40.71
N ILE K 106 39.52 25.70 -40.68
CA ILE K 106 38.40 25.10 -41.38
C ILE K 106 38.61 25.27 -42.89
N ASN K 107 39.11 26.45 -43.26
CA ASN K 107 39.41 26.84 -44.65
C ASN K 107 40.63 26.09 -45.20
N ARG K 108 41.61 25.78 -44.34
CA ARG K 108 42.79 24.96 -44.75
C ARG K 108 42.38 23.52 -44.97
N ALA K 109 41.51 23.03 -44.08
CA ALA K 109 40.92 21.70 -44.21
C ALA K 109 40.07 21.54 -45.48
N LEU K 110 39.20 22.51 -45.77
CA LEU K 110 38.46 22.50 -47.01
C LEU K 110 39.44 22.51 -48.20
N ASP K 111 40.54 23.28 -48.10
CA ASP K 111 41.59 23.33 -49.16
C ASP K 111 42.08 21.92 -49.50
N TYR K 112 42.43 21.18 -48.46
CA TYR K 112 42.91 19.82 -48.59
C TYR K 112 41.89 18.88 -49.23
N SER K 113 40.70 18.84 -48.67
CA SER K 113 39.71 17.87 -49.12
C SER K 113 39.42 18.10 -50.63
N PHE K 114 39.37 19.35 -51.03
CA PHE K 114 38.88 19.72 -52.34
C PHE K 114 40.00 19.90 -53.36
N THR K 115 41.20 20.24 -52.95
CA THR K 115 42.28 20.40 -53.93
C THR K 115 43.28 19.25 -54.01
N ILE K 116 43.39 18.48 -52.93
CA ILE K 116 44.38 17.41 -52.90
C ILE K 116 43.72 16.06 -52.83
N LEU K 117 42.75 15.88 -51.94
CA LEU K 117 42.06 14.60 -51.83
C LEU K 117 40.99 14.48 -52.90
N ASN K 118 40.50 15.63 -53.38
CA ASN K 118 39.59 15.64 -54.53
C ASN K 118 38.28 14.97 -54.13
N LEU K 119 37.76 15.43 -53.01
CA LEU K 119 36.49 14.96 -52.50
C LEU K 119 35.37 15.83 -53.02
N HIS K 120 34.14 15.32 -53.03
CA HIS K 120 32.98 16.07 -53.51
C HIS K 120 32.17 16.71 -52.36
N LYS K 121 32.08 16.06 -51.21
CA LYS K 121 31.30 16.65 -50.12
C LYS K 121 32.06 16.53 -48.81
N ILE K 122 32.12 17.63 -48.05
CA ILE K 122 32.48 17.61 -46.63
C ILE K 122 31.27 17.96 -45.78
N TYR K 123 31.08 17.14 -44.74
CA TYR K 123 30.06 17.34 -43.71
C TYR K 123 30.63 17.25 -42.28
N LEU K 124 29.89 17.82 -41.33
CA LEU K 124 30.23 17.80 -39.90
C LEU K 124 28.96 17.70 -39.08
N HIS K 125 29.12 17.40 -37.79
CA HIS K 125 28.04 17.55 -36.82
C HIS K 125 28.45 18.59 -35.78
N VAL K 126 27.48 19.38 -35.31
CA VAL K 126 27.74 20.45 -34.33
C VAL K 126 26.48 20.57 -33.51
N ALA K 127 26.65 20.63 -32.19
CA ALA K 127 25.51 20.60 -31.27
C ALA K 127 24.84 21.93 -31.42
N VAL K 128 23.52 21.90 -31.45
CA VAL K 128 22.76 23.11 -31.66
C VAL K 128 23.10 24.11 -30.56
N GLU K 129 23.28 23.61 -29.34
CA GLU K 129 23.55 24.49 -28.21
C GLU K 129 24.88 25.22 -28.37
N ASN K 130 25.62 24.99 -29.46
CA ASN K 130 26.90 25.64 -29.70
C ASN K 130 26.82 26.61 -30.89
N PRO K 131 26.08 27.74 -30.74
CA PRO K 131 25.74 28.65 -31.84
C PRO K 131 26.91 29.39 -32.49
N LYS K 132 27.96 29.66 -31.73
CA LYS K 132 29.12 30.40 -32.24
C LYS K 132 30.12 29.49 -32.99
N ALA K 133 30.08 28.19 -32.72
CA ALA K 133 30.80 27.26 -33.57
C ALA K 133 29.98 27.01 -34.85
N VAL K 134 28.65 26.94 -34.70
CA VAL K 134 27.70 26.86 -35.81
C VAL K 134 27.82 28.05 -36.78
N HIS K 135 27.89 29.26 -36.22
CA HIS K 135 27.97 30.44 -37.04
C HIS K 135 29.23 30.47 -37.92
N LEU K 136 30.36 30.08 -37.36
CA LEU K 136 31.59 30.05 -38.13
C LEU K 136 31.50 29.13 -39.33
N TYR K 137 30.99 27.91 -39.15
CA TYR K 137 30.76 27.04 -40.30
C TYR K 137 29.92 27.72 -41.42
N GLU K 138 28.85 28.40 -41.03
CA GLU K 138 28.04 29.20 -41.95
C GLU K 138 28.88 30.25 -42.63
N GLU K 139 29.77 30.92 -41.87
CA GLU K 139 30.69 31.91 -42.46
C GLU K 139 31.68 31.32 -43.44
N CYS K 140 31.93 30.01 -43.34
CA CYS K 140 32.92 29.34 -44.18
C CYS K 140 32.28 28.45 -45.23
N GLY K 141 31.00 28.71 -45.50
CA GLY K 141 30.28 28.05 -46.57
C GLY K 141 29.36 26.89 -46.21
N PHE K 142 29.27 26.50 -44.93
CA PHE K 142 28.57 25.26 -44.58
C PHE K 142 27.09 25.52 -44.53
N VAL K 143 26.32 24.54 -44.99
CA VAL K 143 24.89 24.61 -45.02
C VAL K 143 24.34 23.56 -44.09
N GLU K 144 23.45 23.92 -43.17
CA GLU K 144 22.73 22.89 -42.44
C GLU K 144 21.91 22.01 -43.40
N GLU K 145 22.00 20.68 -43.27
CA GLU K 145 21.13 19.76 -44.02
C GLU K 145 20.27 18.84 -43.13
N GLY K 146 20.30 19.08 -41.82
CA GLY K 146 19.60 18.24 -40.86
C GLY K 146 19.78 18.61 -39.39
N HIS K 147 18.91 18.04 -38.58
CA HIS K 147 18.79 18.43 -37.20
C HIS K 147 18.51 17.18 -36.52
N LEU K 148 19.56 16.56 -36.04
CA LEU K 148 19.38 15.24 -35.54
C LEU K 148 18.91 15.35 -34.06
N VAL K 149 17.73 14.77 -33.82
CA VAL K 149 17.08 14.69 -32.51
C VAL K 149 17.68 13.65 -31.58
N GLU K 150 18.16 14.12 -30.45
CA GLU K 150 18.65 13.23 -29.41
C GLU K 150 19.71 12.24 -29.95
N GLU K 151 20.68 12.76 -30.73
CA GLU K 151 21.75 11.95 -31.37
C GLU K 151 22.78 11.46 -30.36
N PHE K 152 23.16 12.32 -29.43
CA PHE K 152 24.23 12.06 -28.50
C PHE K 152 23.78 12.28 -27.05
N PHE K 153 24.10 11.34 -26.18
CA PHE K 153 24.09 11.60 -24.76
C PHE K 153 25.33 12.41 -24.45
N ILE K 154 25.16 13.64 -24.01
CA ILE K 154 26.30 14.49 -23.68
C ILE K 154 25.94 15.19 -22.40
N ASN K 155 26.82 15.02 -21.40
CA ASN K 155 26.64 15.63 -20.06
C ASN K 155 25.27 15.42 -19.47
N GLY K 156 24.83 14.15 -19.47
CA GLY K 156 23.62 13.74 -18.77
C GLY K 156 22.29 13.99 -19.42
N ARG K 157 22.27 14.36 -20.69
CA ARG K 157 21.03 14.74 -21.38
C ARG K 157 21.22 14.18 -22.76
N TYR K 158 20.15 13.88 -23.51
CA TYR K 158 20.32 13.62 -24.93
C TYR K 158 20.40 14.98 -25.53
N GLN K 159 21.09 15.13 -26.66
CA GLN K 159 21.11 16.45 -27.33
C GLN K 159 20.99 16.35 -28.86
N ASP K 160 20.46 17.43 -29.41
CA ASP K 160 20.35 17.67 -30.84
C ASP K 160 21.64 18.19 -31.47
N VAL K 161 21.90 17.77 -32.71
CA VAL K 161 22.99 18.32 -33.54
C VAL K 161 22.54 18.74 -34.95
N LYS K 162 23.08 19.86 -35.46
CA LYS K 162 23.00 20.21 -36.91
C LYS K 162 23.98 19.42 -37.73
N ARG K 163 23.53 18.93 -38.88
CA ARG K 163 24.40 18.26 -39.81
C ARG K 163 24.61 19.33 -40.87
N MET K 164 25.86 19.77 -41.06
CA MET K 164 26.13 20.80 -42.07
C MET K 164 27.10 20.32 -43.17
N TYR K 165 26.96 20.83 -44.38
CA TYR K 165 27.87 20.40 -45.46
C TYR K 165 28.32 21.55 -46.35
N ILE K 166 29.43 21.35 -47.05
CA ILE K 166 29.80 22.17 -48.20
C ILE K 166 30.24 21.24 -49.38
N LEU K 167 30.05 21.63 -50.64
CA LEU K 167 30.52 20.82 -51.79
C LEU K 167 31.76 21.40 -52.56
N GLN K 168 32.43 20.54 -53.31
CA GLN K 168 33.65 20.92 -54.02
C GLN K 168 33.48 22.14 -54.91
N SER K 169 32.42 22.10 -55.72
CA SER K 169 32.19 23.07 -56.79
C SER K 169 31.64 24.44 -56.31
N LYS K 170 31.20 24.49 -55.07
CA LYS K 170 30.85 25.72 -54.41
C LYS K 170 32.17 26.32 -53.92
N TYR K 171 33.01 25.48 -53.30
CA TYR K 171 34.29 25.93 -52.74
C TYR K 171 35.32 26.35 -53.79
N LEU K 172 35.61 25.49 -54.77
CA LEU K 172 36.62 25.84 -55.79
C LEU K 172 36.17 27.02 -56.69
N ASN K 173 35.09 27.71 -56.36
CA ASN K 173 34.57 28.76 -57.23
C ASN K 173 34.00 29.94 -56.44
N ARG K 174 34.71 30.35 -55.38
CA ARG K 174 34.33 31.55 -54.63
C ARG K 174 34.87 32.78 -55.32
N ASN L 5 2.83 -12.31 -42.70
CA ASN L 5 2.05 -12.19 -41.44
C ASN L 5 2.99 -12.26 -40.23
N SER L 6 2.47 -12.77 -39.11
CA SER L 6 3.26 -13.14 -37.94
C SER L 6 3.90 -14.53 -38.07
N GLN L 7 3.82 -15.14 -39.25
CA GLN L 7 4.57 -16.36 -39.59
C GLN L 7 6.06 -16.05 -39.78
N LEU L 8 6.39 -14.77 -39.93
CA LEU L 8 7.74 -14.35 -40.29
C LEU L 8 8.65 -14.27 -39.07
N THR L 9 9.79 -14.93 -39.16
CA THR L 9 10.66 -15.17 -38.02
C THR L 9 12.08 -14.62 -38.30
N LEU L 10 12.60 -13.86 -37.34
CA LEU L 10 13.90 -13.18 -37.45
C LEU L 10 15.00 -13.90 -36.67
N ARG L 11 16.18 -14.12 -37.29
CA ARG L 11 17.31 -14.83 -36.60
C ARG L 11 18.73 -14.45 -37.10
N ALA L 12 19.75 -14.87 -36.35
CA ALA L 12 21.16 -14.46 -36.59
C ALA L 12 21.78 -15.07 -37.85
N LEU L 13 22.20 -14.20 -38.78
CA LEU L 13 22.99 -14.62 -39.93
C LEU L 13 23.90 -15.79 -39.57
N GLU L 14 23.75 -16.88 -40.32
CA GLU L 14 24.61 -18.07 -40.22
C GLU L 14 25.40 -18.24 -41.49
N ARG L 15 26.36 -19.17 -41.42
CA ARG L 15 27.15 -19.59 -42.60
C ARG L 15 26.33 -20.35 -43.65
N GLY L 16 25.33 -21.09 -43.20
CA GLY L 16 24.37 -21.71 -44.11
C GLY L 16 23.67 -20.68 -44.98
N ASP L 17 23.59 -19.44 -44.52
CA ASP L 17 22.89 -18.40 -45.25
C ASP L 17 23.79 -17.55 -46.17
N LEU L 18 25.09 -17.81 -46.25
CA LEU L 18 25.99 -16.84 -46.91
C LEU L 18 25.84 -16.77 -48.42
N ARG L 19 25.33 -17.83 -49.06
CA ARG L 19 25.03 -17.78 -50.50
C ARG L 19 23.86 -16.81 -50.80
N PHE L 20 22.77 -17.01 -50.09
CA PHE L 20 21.64 -16.07 -50.15
C PHE L 20 22.09 -14.59 -50.13
N ILE L 21 22.94 -14.21 -49.19
CA ILE L 21 23.39 -12.79 -49.04
C ILE L 21 24.34 -12.40 -50.18
N HIS L 22 25.12 -13.38 -50.66
CA HIS L 22 25.92 -13.24 -51.86
C HIS L 22 25.10 -12.73 -53.07
N ASN L 23 24.06 -13.48 -53.41
CA ASN L 23 23.14 -13.11 -54.46
C ASN L 23 22.65 -11.68 -54.33
N LEU L 24 22.21 -11.34 -53.13
CA LEU L 24 21.79 -9.99 -52.77
C LEU L 24 22.93 -9.00 -52.90
N ASN L 25 24.02 -9.25 -52.18
CA ASN L 25 25.16 -8.30 -52.15
C ASN L 25 25.76 -8.01 -53.51
N ASN L 26 25.45 -8.86 -54.49
CA ASN L 26 25.86 -8.72 -55.88
C ASN L 26 24.69 -8.28 -56.78
N ASN L 27 23.52 -8.05 -56.21
CA ASN L 27 22.40 -7.55 -56.98
C ASN L 27 22.51 -6.03 -57.01
N ARG L 28 22.69 -5.50 -58.22
CA ARG L 28 22.84 -4.08 -58.41
C ARG L 28 21.59 -3.31 -57.99
N ASN L 29 20.45 -3.71 -58.56
CA ASN L 29 19.20 -2.98 -58.37
C ASN L 29 18.75 -2.96 -56.90
N ILE L 30 19.03 -4.03 -56.17
CA ILE L 30 18.79 -4.04 -54.73
C ILE L 30 19.88 -3.31 -53.94
N MET L 31 21.15 -3.54 -54.26
CA MET L 31 22.23 -3.05 -53.37
C MET L 31 22.49 -1.53 -53.43
N SER L 32 22.01 -0.92 -54.52
CA SER L 32 21.94 0.53 -54.68
C SER L 32 21.05 1.21 -53.62
N TYR L 33 20.00 0.51 -53.22
CA TYR L 33 19.18 0.97 -52.10
C TYR L 33 19.95 0.95 -50.75
N TRP L 34 21.07 0.24 -50.71
CA TRP L 34 21.96 0.27 -49.54
C TRP L 34 23.15 1.21 -49.69
N PHE L 35 23.35 1.77 -50.88
CA PHE L 35 24.45 2.66 -51.17
C PHE L 35 25.76 1.88 -51.08
N GLU L 36 25.68 0.59 -51.45
CA GLU L 36 26.82 -0.33 -51.52
C GLU L 36 27.17 -0.50 -53.00
N GLU L 37 28.41 -0.87 -53.26
CA GLU L 37 28.88 -1.28 -54.58
C GLU L 37 28.54 -2.76 -54.80
N PRO L 38 27.79 -3.10 -55.87
CA PRO L 38 27.35 -4.48 -56.10
C PRO L 38 28.45 -5.42 -56.55
N TYR L 39 29.32 -5.76 -55.61
CA TYR L 39 30.51 -6.53 -55.91
C TYR L 39 31.02 -7.21 -54.67
N GLU L 40 30.79 -8.51 -54.56
CA GLU L 40 31.30 -9.20 -53.42
C GLU L 40 31.49 -10.66 -53.76
N SER L 41 32.76 -11.01 -53.98
CA SER L 41 33.16 -12.38 -54.07
C SER L 41 32.75 -13.09 -52.77
N PHE L 42 32.18 -14.29 -52.92
CA PHE L 42 31.71 -15.08 -51.79
C PHE L 42 32.78 -15.13 -50.70
N ASP L 43 34.04 -15.15 -51.11
CA ASP L 43 35.15 -15.31 -50.18
C ASP L 43 35.49 -14.05 -49.42
N GLU L 44 35.26 -12.90 -50.03
CA GLU L 44 35.25 -11.62 -49.32
C GLU L 44 34.18 -11.63 -48.24
N LEU L 45 33.02 -12.18 -48.59
CA LEU L 45 31.85 -12.29 -47.70
C LEU L 45 32.09 -13.23 -46.48
N GLU L 46 32.72 -14.38 -46.70
CA GLU L 46 33.13 -15.25 -45.57
C GLU L 46 34.02 -14.46 -44.59
N GLU L 47 34.99 -13.71 -45.11
CA GLU L 47 35.95 -12.92 -44.29
C GLU L 47 35.31 -11.74 -43.54
N LEU L 48 34.28 -11.14 -44.12
CA LEU L 48 33.55 -10.05 -43.46
C LEU L 48 32.51 -10.63 -42.45
N TYR L 49 32.12 -11.88 -42.66
CA TYR L 49 31.40 -12.64 -41.65
C TYR L 49 32.35 -13.10 -40.54
N ASN L 50 33.42 -13.83 -40.89
CA ASN L 50 34.45 -14.25 -39.90
C ASN L 50 34.93 -13.07 -39.07
N LYS L 51 35.24 -11.97 -39.74
CA LYS L 51 35.83 -10.80 -39.08
C LYS L 51 34.89 -10.28 -38.01
N HIS L 52 33.71 -9.89 -38.44
CA HIS L 52 32.81 -9.14 -37.56
C HIS L 52 31.83 -10.03 -36.75
N ILE L 53 32.10 -11.33 -36.67
CA ILE L 53 31.38 -12.20 -35.73
C ILE L 53 31.72 -11.77 -34.30
N HIS L 54 32.85 -11.07 -34.17
CA HIS L 54 33.31 -10.57 -32.89
C HIS L 54 32.98 -9.10 -32.74
N ASP L 55 32.09 -8.59 -33.59
CA ASP L 55 31.86 -7.16 -33.64
C ASP L 55 30.54 -6.86 -32.97
N ASN L 56 30.65 -6.50 -31.70
CA ASN L 56 29.50 -6.19 -30.85
C ASN L 56 28.72 -4.90 -31.23
N ALA L 57 29.18 -4.17 -32.25
CA ALA L 57 28.48 -2.99 -32.76
C ALA L 57 27.55 -3.28 -33.97
N GLU L 58 27.51 -4.54 -34.42
CA GLU L 58 26.57 -5.00 -35.42
C GLU L 58 25.74 -6.14 -34.87
N ARG L 59 24.58 -6.29 -35.49
CA ARG L 59 23.85 -7.53 -35.57
C ARG L 59 23.23 -7.59 -36.98
N ARG L 60 23.46 -8.70 -37.68
CA ARG L 60 22.82 -8.99 -38.95
C ARG L 60 21.85 -10.17 -38.77
N PHE L 61 20.70 -10.08 -39.43
CA PHE L 61 19.62 -11.06 -39.30
C PHE L 61 19.04 -11.58 -40.61
N VAL L 62 18.38 -12.73 -40.53
CA VAL L 62 17.71 -13.33 -41.68
C VAL L 62 16.22 -13.35 -41.40
N VAL L 63 15.43 -13.33 -42.47
CA VAL L 63 13.99 -13.55 -42.39
C VAL L 63 13.61 -14.83 -43.09
N GLU L 64 13.03 -15.74 -42.32
CA GLU L 64 12.61 -17.05 -42.78
C GLU L 64 11.11 -17.15 -42.58
N ASP L 65 10.38 -17.69 -43.56
CA ASP L 65 8.95 -18.01 -43.34
C ASP L 65 8.84 -19.36 -42.62
N ALA L 66 7.62 -19.84 -42.35
CA ALA L 66 7.44 -21.13 -41.70
C ALA L 66 7.85 -22.27 -42.63
N GLN L 67 7.53 -22.12 -43.91
CA GLN L 67 8.03 -23.04 -44.97
C GLN L 67 9.57 -23.02 -45.06
N LYS L 68 10.16 -21.96 -44.53
CA LYS L 68 11.61 -21.78 -44.25
C LYS L 68 12.34 -20.97 -45.31
N ASN L 69 11.67 -20.66 -46.42
CA ASN L 69 12.23 -19.75 -47.45
C ASN L 69 12.96 -18.52 -46.88
N LEU L 70 14.01 -18.10 -47.58
CA LEU L 70 14.85 -16.97 -47.17
C LEU L 70 14.26 -15.71 -47.73
N ILE L 71 13.65 -14.91 -46.85
CA ILE L 71 12.84 -13.78 -47.25
C ILE L 71 13.68 -12.50 -47.39
N GLY L 72 14.76 -12.39 -46.61
CA GLY L 72 15.58 -11.18 -46.63
C GLY L 72 16.46 -10.96 -45.42
N LEU L 73 16.96 -9.75 -45.29
CA LEU L 73 17.99 -9.43 -44.30
C LEU L 73 17.68 -8.11 -43.57
N VAL L 74 18.00 -8.10 -42.29
CA VAL L 74 17.77 -7.00 -41.37
C VAL L 74 19.13 -6.72 -40.72
N GLU L 75 19.46 -5.44 -40.55
CA GLU L 75 20.72 -5.04 -39.94
C GLU L 75 20.62 -3.85 -39.01
N LEU L 76 21.22 -4.00 -37.83
CA LEU L 76 21.55 -2.89 -36.92
C LEU L 76 23.05 -2.82 -36.89
N ILE L 77 23.61 -1.79 -37.55
CA ILE L 77 25.07 -1.60 -37.74
C ILE L 77 25.46 -0.31 -37.03
N GLU L 78 26.74 -0.08 -36.86
CA GLU L 78 27.30 1.06 -36.12
C GLU L 78 26.68 1.17 -34.74
N ILE L 79 26.62 0.09 -33.96
CA ILE L 79 25.97 0.28 -32.68
C ILE L 79 26.93 1.00 -31.74
N ASN L 80 26.40 2.01 -31.03
CA ASN L 80 27.13 2.83 -30.08
C ASN L 80 26.40 2.80 -28.74
N TYR L 81 27.12 2.34 -27.73
CA TYR L 81 26.52 1.94 -26.45
C TYR L 81 26.68 2.98 -25.33
N ILE L 82 27.22 4.14 -25.71
CA ILE L 82 27.18 5.34 -24.90
C ILE L 82 25.91 6.11 -25.30
N HIS L 83 25.81 6.41 -26.59
CA HIS L 83 24.72 7.22 -27.10
C HIS L 83 23.44 6.34 -27.28
N ARG L 84 23.62 5.03 -27.33
CA ARG L 84 22.50 4.04 -27.51
C ARG L 84 21.75 4.23 -28.86
N SER L 85 22.53 4.35 -29.92
CA SER L 85 22.05 4.67 -31.24
C SER L 85 22.56 3.62 -32.24
N ALA L 86 21.88 3.53 -33.35
CA ALA L 86 22.24 2.59 -34.39
C ALA L 86 21.54 2.86 -35.69
N GLU L 87 22.09 2.25 -36.73
CA GLU L 87 21.60 2.39 -38.07
C GLU L 87 20.90 1.10 -38.45
N PHE L 88 19.82 1.24 -39.19
CA PHE L 88 19.00 0.09 -39.58
C PHE L 88 19.02 -0.01 -41.07
N GLN L 89 19.10 -1.22 -41.60
CA GLN L 89 18.83 -1.45 -43.02
C GLN L 89 18.13 -2.79 -43.24
N ILE L 90 17.29 -2.79 -44.24
CA ILE L 90 16.52 -3.96 -44.57
C ILE L 90 16.59 -4.17 -46.05
N ILE L 91 16.64 -5.45 -46.40
CA ILE L 91 16.47 -5.90 -47.78
C ILE L 91 15.44 -7.02 -47.73
N ILE L 92 14.70 -7.13 -48.82
CA ILE L 92 13.73 -8.17 -49.04
C ILE L 92 14.08 -8.79 -50.39
N ALA L 93 14.42 -10.08 -50.37
CA ALA L 93 14.61 -10.85 -51.59
C ALA L 93 13.65 -10.42 -52.70
N PRO L 94 14.19 -10.12 -53.90
CA PRO L 94 13.31 -9.71 -54.98
C PRO L 94 12.04 -10.58 -55.10
N GLU L 95 12.17 -11.90 -54.97
CA GLU L 95 11.01 -12.79 -55.14
C GLU L 95 9.95 -12.62 -54.05
N HIS L 96 10.31 -12.01 -52.93
CA HIS L 96 9.35 -11.84 -51.83
C HIS L 96 8.84 -10.42 -51.65
N GLN L 97 9.37 -9.49 -52.45
CA GLN L 97 8.89 -8.11 -52.47
C GLN L 97 7.52 -8.00 -53.13
N GLY L 98 6.59 -7.33 -52.44
CA GLY L 98 5.24 -7.09 -52.93
C GLY L 98 4.16 -7.90 -52.24
N LYS L 99 4.38 -8.22 -50.97
CA LYS L 99 3.41 -9.01 -50.22
C LYS L 99 3.19 -8.50 -48.79
N GLY L 100 3.34 -7.19 -48.59
CA GLY L 100 3.05 -6.56 -47.29
C GLY L 100 3.92 -7.01 -46.12
N PHE L 101 4.89 -7.89 -46.40
CA PHE L 101 5.77 -8.41 -45.38
C PHE L 101 6.62 -7.33 -44.70
N ALA L 102 7.05 -6.31 -45.43
CA ALA L 102 8.09 -5.41 -44.93
C ALA L 102 7.77 -4.77 -43.58
N ARG L 103 6.59 -4.17 -43.45
CA ARG L 103 6.17 -3.56 -42.16
C ARG L 103 6.33 -4.51 -40.97
N THR L 104 5.95 -5.77 -41.18
CA THR L 104 6.20 -6.80 -40.17
C THR L 104 7.68 -6.72 -39.80
N LEU L 105 8.54 -6.87 -40.81
CA LEU L 105 9.98 -6.99 -40.60
C LEU L 105 10.62 -5.72 -40.04
N ILE L 106 10.03 -4.57 -40.30
CA ILE L 106 10.64 -3.34 -39.76
C ILE L 106 10.36 -3.27 -38.28
N ASN L 107 9.28 -3.93 -37.86
CA ASN L 107 8.84 -3.85 -36.47
C ASN L 107 9.49 -4.95 -35.65
N ARG L 108 10.11 -5.93 -36.32
CA ARG L 108 10.90 -6.96 -35.68
C ARG L 108 12.35 -6.49 -35.44
N ALA L 109 12.87 -5.65 -36.33
CA ALA L 109 14.19 -5.07 -36.07
C ALA L 109 14.09 -4.08 -34.93
N LEU L 110 12.98 -3.35 -34.91
CA LEU L 110 12.72 -2.41 -33.87
C LEU L 110 12.43 -3.26 -32.60
N ASP L 111 11.59 -4.29 -32.71
CA ASP L 111 11.37 -5.14 -31.50
C ASP L 111 12.74 -5.49 -30.91
N TYR L 112 13.61 -6.05 -31.75
CA TYR L 112 14.93 -6.40 -31.34
C TYR L 112 15.70 -5.22 -30.76
N SER L 113 15.70 -4.09 -31.47
CA SER L 113 16.51 -2.92 -31.07
C SER L 113 16.10 -2.36 -29.71
N PHE L 114 14.79 -2.28 -29.49
CA PHE L 114 14.24 -1.57 -28.32
C PHE L 114 13.90 -2.48 -27.15
N THR L 115 13.67 -3.76 -27.44
CA THR L 115 13.25 -4.75 -26.43
C THR L 115 14.41 -5.56 -25.93
N ILE L 116 15.44 -5.76 -26.76
CA ILE L 116 16.53 -6.66 -26.38
C ILE L 116 17.84 -5.90 -26.17
N LEU L 117 18.27 -5.22 -27.21
CA LEU L 117 19.55 -4.50 -27.22
C LEU L 117 19.47 -3.24 -26.34
N ASN L 118 18.25 -2.86 -25.96
CA ASN L 118 18.01 -1.73 -25.06
C ASN L 118 18.47 -0.37 -25.62
N LEU L 119 18.17 -0.14 -26.91
CA LEU L 119 18.56 1.08 -27.62
C LEU L 119 17.59 2.24 -27.51
N HIS L 120 18.14 3.43 -27.68
CA HIS L 120 17.37 4.62 -27.62
C HIS L 120 16.87 5.01 -29.01
N LYS L 121 17.77 5.11 -29.97
CA LYS L 121 17.44 5.71 -31.27
C LYS L 121 17.90 4.89 -32.43
N ILE L 122 16.96 4.62 -33.34
CA ILE L 122 17.27 3.97 -34.60
C ILE L 122 17.06 4.91 -35.73
N TYR L 123 18.08 5.04 -36.56
CA TYR L 123 18.01 5.88 -37.75
C TYR L 123 18.32 5.08 -39.00
N LEU L 124 17.97 5.64 -40.16
CA LEU L 124 18.22 5.00 -41.46
C LEU L 124 18.42 6.06 -42.50
N HIS L 125 18.95 5.66 -43.64
CA HIS L 125 18.92 6.51 -44.85
C HIS L 125 18.10 5.89 -45.95
N VAL L 126 17.35 6.76 -46.63
CA VAL L 126 16.57 6.36 -47.79
C VAL L 126 16.59 7.44 -48.86
N ALA L 127 16.71 7.02 -50.12
CA ALA L 127 16.81 7.96 -51.25
C ALA L 127 15.53 8.72 -51.42
N VAL L 128 15.63 10.02 -51.59
CA VAL L 128 14.38 10.78 -51.82
C VAL L 128 13.60 10.19 -53.02
N GLU L 129 14.31 9.53 -53.94
CA GLU L 129 13.66 8.90 -55.10
C GLU L 129 13.16 7.47 -54.81
N ASN L 130 13.08 7.10 -53.53
CA ASN L 130 12.40 5.87 -53.09
C ASN L 130 11.17 6.21 -52.24
N PRO L 131 10.28 7.06 -52.76
CA PRO L 131 9.20 7.63 -51.95
C PRO L 131 8.26 6.57 -51.33
N LYS L 132 8.14 5.43 -52.00
N LYS L 132 8.15 5.43 -51.99
CA LYS L 132 7.40 4.29 -51.44
CA LYS L 132 7.42 4.28 -51.45
C LYS L 132 8.07 3.74 -50.18
C LYS L 132 8.07 3.76 -50.19
N ALA L 133 9.40 3.56 -50.23
CA ALA L 133 10.15 3.12 -49.06
C ALA L 133 10.01 4.14 -47.95
N VAL L 134 10.04 5.43 -48.31
CA VAL L 134 9.84 6.51 -47.30
C VAL L 134 8.47 6.39 -46.57
N HIS L 135 7.38 6.38 -47.34
CA HIS L 135 6.04 6.27 -46.76
C HIS L 135 5.92 5.07 -45.80
N LEU L 136 6.48 3.93 -46.21
CA LEU L 136 6.52 2.75 -45.36
C LEU L 136 7.21 3.04 -44.03
N TYR L 137 8.35 3.71 -44.12
CA TYR L 137 9.09 4.08 -42.93
C TYR L 137 8.25 4.89 -42.03
N GLU L 138 7.60 5.89 -42.60
CA GLU L 138 6.62 6.71 -41.86
C GLU L 138 5.54 5.82 -41.25
N GLU L 139 4.95 4.95 -42.06
CA GLU L 139 3.95 4.03 -41.54
C GLU L 139 4.48 3.13 -40.40
N CYS L 140 5.75 3.29 -40.00
CA CYS L 140 6.31 2.60 -38.84
C CYS L 140 6.81 3.53 -37.74
N GLY L 141 6.62 4.83 -37.90
CA GLY L 141 6.88 5.78 -36.82
C GLY L 141 8.16 6.57 -37.02
N PHE L 142 8.93 6.22 -38.03
CA PHE L 142 10.11 7.00 -38.39
C PHE L 142 9.67 8.35 -38.95
N VAL L 143 10.46 9.36 -38.60
CA VAL L 143 10.27 10.73 -39.03
C VAL L 143 11.57 11.24 -39.68
N GLU L 144 11.42 12.15 -40.66
CA GLU L 144 12.56 12.70 -41.37
C GLU L 144 13.28 13.57 -40.36
N GLU L 145 14.60 13.40 -40.20
CA GLU L 145 15.42 14.37 -39.43
C GLU L 145 16.48 15.13 -40.28
N GLY L 146 16.72 14.68 -41.51
CA GLY L 146 17.58 15.38 -42.46
C GLY L 146 17.32 15.01 -43.90
N HIS L 147 17.56 15.99 -44.78
CA HIS L 147 17.66 15.83 -46.26
C HIS L 147 19.13 15.98 -46.63
N LEU L 148 19.82 14.86 -46.84
CA LEU L 148 21.26 14.93 -47.14
C LEU L 148 21.54 15.12 -48.67
N VAL L 149 22.24 16.22 -48.98
CA VAL L 149 22.42 16.68 -50.34
C VAL L 149 23.63 16.04 -51.01
N GLU L 150 23.33 15.34 -52.09
CA GLU L 150 24.33 14.67 -52.91
C GLU L 150 25.22 13.83 -52.03
N GLU L 151 24.59 13.11 -51.10
CA GLU L 151 25.31 12.27 -50.14
C GLU L 151 26.05 11.09 -50.81
N PHE L 152 25.34 10.35 -51.67
CA PHE L 152 25.85 9.13 -52.31
C PHE L 152 25.86 9.20 -53.86
N PHE L 153 26.93 8.69 -54.49
CA PHE L 153 26.95 8.48 -55.94
C PHE L 153 26.32 7.16 -56.30
N ILE L 154 25.13 7.24 -56.93
CA ILE L 154 24.42 6.01 -57.36
C ILE L 154 23.83 6.10 -58.76
N ASN L 155 24.21 5.12 -59.58
CA ASN L 155 23.67 4.94 -60.93
C ASN L 155 23.94 6.16 -61.76
N GLY L 156 25.18 6.66 -61.70
CA GLY L 156 25.63 7.74 -62.56
C GLY L 156 25.48 9.18 -62.06
N ARG L 157 24.88 9.39 -60.90
CA ARG L 157 24.66 10.76 -60.47
C ARG L 157 24.71 10.84 -58.95
N TYR L 158 24.95 12.04 -58.44
CA TYR L 158 24.78 12.32 -57.03
C TYR L 158 23.29 12.42 -56.64
N GLN L 159 22.94 11.80 -55.52
CA GLN L 159 21.55 11.77 -55.04
C GLN L 159 21.41 12.07 -53.54
N ASP L 160 20.18 12.43 -53.24
CA ASP L 160 19.77 12.90 -51.94
C ASP L 160 19.11 11.76 -51.16
N VAL L 161 19.25 11.79 -49.86
CA VAL L 161 18.63 10.76 -49.06
C VAL L 161 17.99 11.42 -47.86
N LYS L 162 16.98 10.76 -47.27
CA LYS L 162 16.38 11.28 -46.07
C LYS L 162 17.03 10.47 -44.99
N ARG L 163 17.56 11.15 -43.99
CA ARG L 163 17.83 10.47 -42.76
C ARG L 163 16.55 10.52 -41.96
N MET L 164 16.18 9.38 -41.37
CA MET L 164 14.97 9.27 -40.61
C MET L 164 15.24 8.50 -39.34
N TYR L 165 14.40 8.66 -38.33
CA TYR L 165 14.62 7.97 -37.04
C TYR L 165 13.38 7.73 -36.24
N ILE L 166 13.53 6.83 -35.28
CA ILE L 166 12.56 6.63 -34.24
C ILE L 166 13.26 6.33 -32.89
N LEU L 167 12.59 6.71 -31.80
CA LEU L 167 13.06 6.48 -30.41
C LEU L 167 12.37 5.30 -29.67
N GLN L 168 13.07 4.81 -28.67
CA GLN L 168 12.68 3.58 -27.96
C GLN L 168 11.21 3.56 -27.53
N SER L 169 10.82 4.59 -26.79
CA SER L 169 9.50 4.59 -26.22
C SER L 169 8.46 4.59 -27.34
N LYS L 170 8.67 5.37 -28.40
CA LYS L 170 7.72 5.39 -29.50
C LYS L 170 7.37 3.99 -30.06
N TYR L 171 8.33 3.07 -30.06
CA TYR L 171 8.09 1.68 -30.52
C TYR L 171 7.58 0.74 -29.43
N LEU L 172 8.22 0.80 -28.27
CA LEU L 172 7.77 0.02 -27.11
C LEU L 172 6.29 0.27 -26.86
N ASN L 173 5.94 1.55 -26.76
CA ASN L 173 4.61 1.99 -26.45
C ASN L 173 3.72 1.92 -27.71
N1A ACO M . -8.02 -34.14 -4.05
C2A ACO M . -7.99 -32.92 -3.48
N3A ACO M . -6.92 -32.11 -3.54
C4A ACO M . -5.78 -32.48 -4.20
C5A ACO M . -5.74 -33.80 -4.86
C6A ACO M . -6.96 -34.65 -4.75
N6A ACO M . -7.02 -35.87 -5.32
N7A ACO M . -4.53 -33.92 -5.42
C8A ACO M . -3.84 -32.78 -5.16
N9A ACO M . -4.59 -31.92 -4.42
C1B ACO M . -4.13 -30.57 -3.98
C2B ACO M . -5.14 -29.51 -4.43
O2B ACO M . -4.42 -28.47 -5.10
C3B ACO M . -5.80 -29.00 -3.16
O3B ACO M . -6.00 -27.58 -3.25
P3B ACO M . -7.02 -26.92 -4.30
O7A ACO M . -8.27 -27.78 -4.25
O8A ACO M . -6.30 -26.96 -5.63
O9A ACO M . -7.19 -25.51 -3.80
C4B ACO M . -4.84 -29.38 -2.03
O4B ACO M . -3.99 -30.42 -2.55
C5B ACO M . -5.44 -29.88 -0.71
O5B ACO M . -6.86 -29.64 -0.49
P1A ACO M . -7.59 -30.34 0.78
O1A ACO M . -8.01 -31.77 0.41
O2A ACO M . -8.66 -29.44 1.36
O3A ACO M . -6.40 -30.36 1.85
P2A ACO M . -5.99 -31.65 2.67
O4A ACO M . -7.20 -32.45 3.04
O5A ACO M . -4.81 -32.30 2.01
O6A ACO M . -5.47 -31.03 4.07
CBP ACO M . -3.61 -30.24 5.27
CCP ACO M . -4.43 -30.09 4.02
CDP ACO M . -4.40 -29.56 6.38
CEP ACO M . -2.29 -29.49 5.06
CAP ACO M . -3.48 -31.77 5.54
OAP ACO M . -2.70 -32.45 4.54
C9P ACO M . -2.93 -31.95 6.92
O9P ACO M . -3.64 -32.41 7.77
N8P ACO M . -1.75 -31.44 7.22
C7P ACO M . -1.57 -31.07 8.62
C6P ACO M . -0.20 -30.62 9.05
C5P ACO M . 0.45 -29.64 8.09
O5P ACO M . 0.87 -30.06 7.01
N4P ACO M . 0.58 -28.40 8.53
C3P ACO M . 1.27 -27.36 7.78
C2P ACO M . 1.75 -26.24 8.70
S1P ACO M . 0.44 -25.13 9.09
C ACO M . -0.14 -25.78 10.50
O ACO M . -1.27 -26.20 10.51
CH3 ACO M . 0.76 -25.82 11.68
N1A ACO N . 28.61 6.70 20.67
C2A ACO N . 28.88 5.53 20.05
N3A ACO N . 27.94 4.83 19.38
C4A ACO N . 26.64 5.22 19.30
C5A ACO N . 26.28 6.50 19.96
C6A ACO N . 27.37 7.23 20.68
N6A ACO N . 27.11 8.41 21.30
N7A ACO N . 24.97 6.69 19.73
C8A ACO N . 24.52 5.63 18.99
N9A ACO N . 25.52 4.77 18.72
C1B ACO N . 25.32 3.51 17.93
C2B ACO N . 26.32 3.37 16.81
O2B ACO N . 25.70 2.72 15.68
C3B ACO N . 27.43 2.51 17.40
O3B ACO N . 28.02 1.64 16.45
P3B ACO N . 29.37 2.13 15.69
O7A ACO N . 30.45 1.87 16.72
O8A ACO N . 29.10 3.59 15.40
O9A ACO N . 29.44 1.27 14.44
C4B ACO N . 26.76 1.74 18.54
O4B ACO N . 25.47 2.34 18.73
C5B ACO N . 27.55 1.79 19.84
O5B ACO N . 27.36 0.58 20.60
P1A ACO N . 26.90 0.66 22.14
O1A ACO N . 27.45 1.92 22.79
O2A ACO N . 27.17 -0.67 22.83
O3A ACO N . 25.31 0.84 22.00
P2A ACO N . 24.45 0.74 23.35
O4A ACO N . 25.33 0.88 24.57
O5A ACO N . 23.23 1.64 23.24
O6A ACO N . 23.89 -0.78 23.35
CBP ACO N . 21.61 -1.60 23.07
CCP ACO N . 22.92 -1.23 22.39
CDP ACO N . 21.76 -2.84 23.96
CEP ACO N . 20.59 -1.97 22.00
CAP ACO N . 21.20 -0.40 23.93
OAP ACO N . 20.89 0.80 23.17
C9P ACO N . 20.06 -0.77 24.83
O9P ACO N . 20.29 -1.35 25.86
N8P ACO N . 18.80 -0.45 24.46
C7P ACO N . 17.70 -0.88 25.31
C6P ACO N . 17.37 -2.38 25.10
C5P ACO N . 17.09 -2.73 23.65
O5P ACO N . 16.85 -1.84 22.83
N4P ACO N . 17.05 -4.04 23.34
C3P ACO N . 16.47 -4.50 22.09
C2P ACO N . 17.38 -5.20 21.10
S1P ACO N . 16.48 -6.48 20.29
C ACO N . 16.92 -7.78 21.27
O ACO N . 17.26 -7.63 22.43
CH3 ACO N . 16.88 -9.15 20.71
O2 PG4 O . 16.92 -26.56 35.71
C3 PG4 O . 18.09 -25.91 36.21
C4 PG4 O . 18.48 -24.67 35.40
O3 PG4 O . 19.55 -24.97 34.51
C5 PG4 O . 20.83 -24.45 34.86
C6 PG4 O . 21.89 -25.20 34.06
O4 PG4 O . 23.08 -25.53 34.78
C7 PG4 O . 22.82 -26.26 35.98
C8 PG4 O . 23.87 -27.36 36.11
O5 PG4 O . 23.14 -28.57 35.92
N1A ACO P . -43.76 -17.57 19.58
C2A ACO P . -44.14 -16.77 20.61
N3A ACO P . -43.67 -15.53 20.77
C4A ACO P . -42.77 -14.97 19.92
C5A ACO P . -42.31 -15.78 18.76
C6A ACO P . -42.87 -17.16 18.64
N6A ACO P . -42.50 -17.98 17.63
N7A ACO P . -41.44 -15.02 18.08
C8A ACO P . -41.35 -13.81 18.72
N9A ACO P . -42.14 -13.79 19.82
C1B ACO P . -42.26 -12.59 20.72
C2B ACO P . -43.71 -12.26 21.08
O2B ACO P . -44.11 -11.06 20.42
C3B ACO P . -43.75 -12.12 22.59
O3B ACO P . -43.85 -10.73 23.00
P3B ACO P . -45.27 -9.94 22.93
O7A ACO P . -46.06 -10.43 24.14
O8A ACO P . -45.84 -10.42 21.60
O9A ACO P . -44.96 -8.45 22.95
C4B ACO P . -42.44 -12.77 23.07
O4B ACO P . -41.54 -12.68 21.96
C5B ACO P . -42.58 -14.25 23.43
O5B ACO P . -42.04 -14.55 24.73
P1A ACO P . -41.30 -15.95 25.07
O1A ACO P . -41.71 -16.96 24.01
O2A ACO P . -41.47 -16.26 26.54
O3A ACO P . -39.75 -15.59 24.84
P2A ACO P . -38.83 -16.69 24.11
O4A ACO P . -39.23 -18.04 24.64
O5A ACO P . -38.92 -16.35 22.63
O6A ACO P . -37.32 -16.42 24.61
CBP ACO P . -35.46 -15.41 25.83
CCP ACO P . -36.91 -15.28 25.36
CDP ACO P . -35.41 -15.89 27.27
CEP ACO P . -34.87 -13.99 25.78
CAP ACO P . -34.77 -16.42 24.86
OAP ACO P . -34.49 -15.75 23.61
C9P ACO P . -33.49 -17.11 25.32
O9P ACO P . -33.48 -17.92 26.24
N8P ACO P . -32.40 -16.85 24.61
C7P ACO P . -31.12 -17.47 24.91
C6P ACO P . -30.07 -16.44 25.26
C5P ACO P . -30.71 -15.13 25.65
O5P ACO P . -31.49 -14.53 24.91
N4P ACO P . -30.42 -14.67 26.86
C3P ACO P . -30.98 -13.44 27.36
C2P ACO P . -29.89 -12.38 27.32
S1P ACO P . -30.44 -11.03 28.30
C ACO P . -30.04 -11.49 29.87
O ACO P . -29.63 -12.62 30.14
CH3 ACO P . -30.21 -10.47 30.96
C1 PEG Q . -12.63 -19.61 27.82
O1 PEG Q . -11.44 -20.40 28.09
C2 PEG Q . -13.64 -19.87 28.92
O2 PEG Q . -14.93 -19.31 28.62
C3 PEG Q . -15.89 -19.74 29.57
C4 PEG Q . -15.64 -19.17 30.96
O4 PEG Q . -16.05 -20.13 31.95
N1A ACO R . -7.80 25.78 41.75
C2A ACO R . -8.46 25.23 40.70
N3A ACO R . -9.33 24.21 40.83
C4A ACO R . -9.61 23.63 42.03
C5A ACO R . -8.93 24.18 43.23
C6A ACO R . -7.97 25.32 43.02
N6A ACO R . -7.31 25.87 44.06
N7A ACO R . -9.36 23.47 44.28
C8A ACO R . -10.24 22.55 43.82
N9A ACO R . -10.40 22.63 42.49
C1B ACO R . -11.32 21.73 41.72
C2B ACO R . -11.84 22.35 40.43
O2B ACO R . -13.21 21.99 40.32
C3B ACO R . -10.98 21.71 39.34
O3B ACO R . -11.60 21.86 38.06
P3B ACO R . -11.44 23.23 37.19
O7A ACO R . -10.01 23.66 37.41
O8A ACO R . -12.46 24.19 37.75
O9A ACO R . -11.74 22.81 35.77
C4B ACO R . -10.83 20.29 39.88
O4B ACO R . -10.73 20.48 41.31
C5B ACO R . -9.62 19.48 39.38
O5B ACO R . -8.46 19.83 40.14
P1A ACO R . -7.59 18.83 41.09
O1A ACO R . -7.05 19.64 42.26
O2A ACO R . -6.63 18.07 40.22
O3A ACO R . -8.57 17.75 41.73
P2A ACO R . -8.32 17.06 43.17
O4A ACO R . -6.83 16.99 43.53
O5A ACO R . -9.24 17.77 44.13
O6A ACO R . -8.82 15.54 42.94
CBP ACO R . -10.47 13.83 43.43
CCP ACO R . -10.19 15.17 42.79
CDP ACO R . -9.57 12.78 42.77
CEP ACO R . -11.92 13.45 43.19
CAP ACO R . -10.21 13.97 44.95
OAP ACO R . -11.17 14.81 45.56
C9P ACO R . -10.23 12.67 45.69
O9P ACO R . -9.22 11.95 45.75
N8P ACO R . -11.39 12.37 46.27
C7P ACO R . -11.57 11.15 47.03
C6P ACO R . -11.59 9.97 46.07
C5P ACO R . -12.41 10.35 44.87
O5P ACO R . -13.45 10.97 45.03
N4P ACO R . -11.97 9.95 43.68
C3P ACO R . -12.83 10.02 42.51
C2P ACO R . -13.80 8.84 42.51
S1P ACO R . -14.32 8.37 40.87
C ACO R . -13.38 7.03 40.45
O ACO R . -12.41 6.64 41.11
CH3 ACO R . -13.74 6.28 39.19
N1A ACO S . -18.45 32.39 33.12
C2A ACO S . -19.65 31.84 32.89
N3A ACO S . -19.80 30.59 32.41
C4A ACO S . -18.72 29.79 32.13
C5A ACO S . -17.38 30.34 32.36
C6A ACO S . -17.28 31.72 32.90
N6A ACO S . -16.08 32.29 33.12
N7A ACO S . -16.51 29.37 32.02
C8A ACO S . -17.22 28.30 31.60
N9A ACO S . -18.54 28.55 31.65
C1B ACO S . -19.61 27.56 31.30
C2B ACO S . -20.55 27.40 32.49
O2B ACO S . -20.59 26.03 32.92
C3B ACO S . -21.91 27.84 32.01
O3B ACO S . -22.99 27.18 32.68
P3B ACO S . -23.27 27.34 34.27
O7A ACO S . -23.90 28.71 34.48
O8A ACO S . -21.90 27.20 34.92
O9A ACO S . -24.20 26.19 34.57
C4B ACO S . -21.79 27.51 30.53
O4B ACO S . -20.44 27.91 30.18
C5B ACO S . -22.86 28.18 29.68
O5B ACO S . -22.53 29.53 29.44
P1A ACO S . -21.64 30.06 28.23
O1A ACO S . -20.32 30.55 28.79
O2A ACO S . -22.56 30.96 27.46
O3A ACO S . -21.20 28.86 27.26
P2A ACO S . -20.54 29.34 25.90
O4A ACO S . -20.27 30.83 25.91
O5A ACO S . -19.42 28.43 25.42
O6A ACO S . -21.77 29.12 24.88
CBP ACO S . -22.10 27.51 23.11
CCP ACO S . -22.22 27.81 24.60
CDP ACO S . -23.13 28.32 22.33
CEP ACO S . -22.43 26.03 23.01
CAP ACO S . -20.69 27.92 22.61
OAP ACO S . -19.68 27.09 23.17
C9P ACO S . -20.44 27.82 21.13
O9P ACO S . -20.79 28.70 20.38
N8P ACO S . -19.79 26.72 20.73
C7P ACO S . -19.54 26.44 19.34
C6P ACO S . -20.86 26.09 18.67
C5P ACO S . -21.66 25.18 19.58
O5P ACO S . -21.16 24.66 20.57
N4P ACO S . -22.92 24.95 19.22
C3P ACO S . -23.76 24.02 19.94
C2P ACO S . -24.07 22.82 19.06
S1P ACO S . -25.75 22.30 19.20
C ACO S . -26.64 23.57 18.50
O ACO S . -26.17 24.36 17.68
CH3 ACO S . -28.07 23.71 18.92
N1A ACO T . -50.98 -11.94 6.41
C2A ACO T . -49.77 -12.01 7.00
N3A ACO T . -49.43 -11.22 8.05
C4A ACO T . -50.26 -10.30 8.59
C5A ACO T . -51.61 -10.18 7.99
C6A ACO T . -51.93 -11.07 6.84
N6A ACO T . -53.13 -11.03 6.23
N7A ACO T . -52.25 -9.22 8.68
C8A ACO T . -51.39 -8.77 9.65
N9A ACO T . -50.20 -9.40 9.60
C1B ACO T . -49.08 -9.11 10.55
C2B ACO T . -48.14 -10.29 10.68
O2B ACO T . -47.73 -10.40 12.06
C3B ACO T . -46.99 -10.00 9.73
O3B ACO T . -45.74 -10.32 10.37
P3B ACO T . -45.22 -11.85 10.49
O7A ACO T . -44.76 -12.22 9.10
O8A ACO T . -46.39 -12.67 10.97
O9A ACO T . -44.09 -11.74 11.48
C4B ACO T . -47.12 -8.51 9.37
O4B ACO T . -48.20 -8.02 10.15
C5B ACO T . -47.50 -8.18 7.92
O5B ACO T . -46.50 -8.36 6.94
P1A ACO T . -46.83 -7.90 5.42
O1A ACO T . -48.09 -8.56 4.95
O2A ACO T . -45.65 -7.97 4.47
O3A ACO T . -47.00 -6.36 5.77
P2A ACO T . -48.05 -5.37 5.09
O4A ACO T . -48.37 -5.83 3.70
O5A ACO T . -49.02 -5.20 6.24
O6A ACO T . -47.14 -4.06 4.86
CBP ACO T . -46.57 -1.88 5.44
CCP ACO T . -46.46 -3.32 5.85
CDP ACO T . -45.55 -1.55 4.34
CEP ACO T . -46.26 -1.01 6.66
CAP ACO T . -48.02 -1.72 4.95
OAP ACO T . -48.95 -2.10 5.99
C9P ACO T . -48.27 -0.30 4.49
O9P ACO T . -47.71 0.09 3.46
N8P ACO T . -49.11 0.42 5.24
C7P ACO T . -49.43 1.82 4.96
C6P ACO T . -48.18 2.72 4.99
C5P ACO T . -47.35 2.44 6.24
O5P ACO T . -47.92 2.18 7.29
N4P ACO T . -46.02 2.57 6.14
C3P ACO T . -45.13 2.53 7.31
C2P ACO T . -44.61 3.92 7.67
S1P ACO T . -42.98 3.90 8.34
C ACO T . -41.97 3.99 6.97
O ACO T . -42.35 4.31 5.85
CH3 ACO T . -40.52 3.67 7.17
N1A ACO U . 14.49 14.93 -7.59
C2A ACO U . 14.16 14.31 -6.43
N3A ACO U . 13.91 15.00 -5.29
C4A ACO U . 13.98 16.36 -5.25
C5A ACO U . 14.34 17.09 -6.48
C6A ACO U . 14.60 16.28 -7.69
N6A ACO U . 14.92 16.89 -8.86
N7A ACO U . 14.34 18.39 -6.17
C8A ACO U . 14.00 18.50 -4.85
N9A ACO U . 13.82 17.29 -4.30
C1B ACO U . 13.41 16.97 -2.93
C2B ACO U . 13.92 17.85 -1.80
O2B ACO U . 15.17 17.37 -1.26
C3B ACO U . 12.76 17.73 -0.83
O3B ACO U . 12.77 16.52 -0.10
P3B ACO U . 13.28 16.39 1.43
O7A ACO U . 12.45 17.39 2.20
O8A ACO U . 14.75 16.72 1.30
O9A ACO U . 12.97 14.95 1.74
C4B ACO U . 11.53 17.67 -1.68
O4B ACO U . 11.99 17.17 -2.94
C5B ACO U . 10.86 19.03 -1.88
O5B ACO U . 10.41 19.51 -0.60
P1A ACO U . 9.59 20.89 -0.55
O1A ACO U . 10.59 22.04 -0.45
O2A ACO U . 8.51 20.70 0.48
O3A ACO U . 8.86 20.93 -1.98
P2A ACO U . 8.37 22.19 -2.85
O4A ACO U . 8.38 23.51 -2.14
O5A ACO U . 9.13 22.02 -4.17
O6A ACO U . 6.80 21.90 -3.27
CBP ACO U . 5.56 21.07 -5.29
CCP ACO U . 6.50 20.78 -4.10
CDP ACO U . 4.11 21.21 -4.79
CEP ACO U . 5.60 19.87 -6.22
CAP ACO U . 6.00 22.36 -6.04
OAP ACO U . 7.37 22.31 -6.50
C9P ACO U . 5.23 22.63 -7.28
O9P ACO U . 4.09 23.05 -7.24
N8P ACO U . 5.86 22.42 -8.45
C7P ACO U . 5.21 22.79 -9.69
C6P ACO U . 3.79 22.27 -9.80
C5P ACO U . 3.84 20.79 -9.43
O5P ACO U . 4.72 20.07 -9.92
N4P ACO U . 2.88 20.33 -8.66
C3P ACO U . 2.69 18.91 -8.46
C2P ACO U . 2.08 18.23 -9.69
S1P ACO U . 1.72 16.54 -9.29
C ACO U . 0.19 16.72 -8.59
O ACO U . -0.33 17.82 -8.40
CH3 ACO U . -0.53 15.45 -8.25
C1 PEG V . -9.50 27.54 -23.09
O1 PEG V . -10.05 27.68 -24.39
C2 PEG V . -8.09 26.98 -23.13
O2 PEG V . -7.61 26.43 -21.89
C3 PEG V . -8.54 26.22 -20.83
C4 PEG V . -7.82 26.17 -19.49
O4 PEG V . -8.76 25.79 -18.49
N1A ACO W . -12.34 -15.78 -18.66
C2A ACO W . -11.72 -15.53 -19.83
N3A ACO W . -12.36 -15.57 -21.02
C4A ACO W . -13.68 -15.87 -21.09
C5A ACO W . -14.43 -16.15 -19.85
C6A ACO W . -13.66 -16.08 -18.58
N6A ACO W . -14.29 -16.34 -17.41
N7A ACO W . -15.70 -16.40 -20.22
C8A ACO W . -15.78 -16.28 -21.56
N9A ACO W . -14.58 -15.98 -22.06
C1B ACO W . -14.25 -15.75 -23.47
C2B ACO W . -14.89 -16.68 -24.50
O2B ACO W . -14.15 -17.89 -24.76
C3B ACO W . -14.79 -15.74 -25.68
O3B ACO W . -13.41 -15.65 -26.12
P3B ACO W . -12.66 -16.64 -27.18
O7A ACO W . -13.19 -16.14 -28.50
O8A ACO W . -13.10 -18.03 -26.78
O9A ACO W . -11.19 -16.38 -26.94
C4B ACO W . -15.16 -14.37 -25.11
O4B ACO W . -14.78 -14.47 -23.74
C5B ACO W . -16.63 -13.99 -25.26
O5B ACO W . -16.76 -13.61 -26.63
P1A ACO W . -17.93 -12.70 -27.24
O1A ACO W . -19.09 -13.61 -27.61
O2A ACO W . -17.36 -11.89 -28.40
O3A ACO W . -18.15 -11.76 -25.98
P2A ACO W . -19.54 -11.10 -25.52
O4A ACO W . -20.60 -11.25 -26.61
O5A ACO W . -19.67 -11.52 -24.06
O6A ACO W . -19.20 -9.55 -25.38
CBP ACO W . -18.91 -8.05 -23.48
CCP ACO W . -18.29 -9.10 -24.37
CDP ACO W . -19.06 -6.75 -24.28
CEP ACO W . -17.96 -7.77 -22.33
CAP ACO W . -20.24 -8.58 -22.93
OAP ACO W . -19.97 -9.73 -22.10
C9P ACO W . -20.95 -7.50 -22.15
O9P ACO W . -21.54 -6.62 -22.76
N8P ACO W . -20.79 -7.45 -20.83
C7P ACO W . -21.11 -6.22 -20.14
C6P ACO W . -20.16 -5.11 -20.64
C5P ACO W . -18.82 -5.13 -19.94
O5P ACO W . -18.46 -6.13 -19.27
N4P ACO W . -18.16 -3.96 -19.96
C3P ACO W . -17.35 -3.53 -18.82
C2P ACO W . -15.83 -3.46 -18.85
S1P ACO W . -15.24 -3.29 -20.47
C ACO W . -15.49 -1.67 -20.80
O ACO W . -16.60 -1.16 -20.77
CH3 ACO W . -14.27 -0.89 -21.13
C1 PEG X . -28.29 7.99 -11.26
O1 PEG X . -27.37 8.55 -12.18
C2 PEG X . -28.60 8.97 -10.15
O2 PEG X . -29.81 9.69 -10.44
C3 PEG X . -29.97 11.01 -9.86
C4 PEG X . -28.76 11.87 -10.13
O4 PEG X . -29.12 13.21 -10.46
N1A ACO Y . 38.03 12.78 10.03
C2A ACO Y . 36.69 12.87 9.99
N3A ACO Y . 35.89 11.78 9.94
C4A ACO Y . 36.36 10.49 9.93
C5A ACO Y . 37.83 10.33 9.97
C6A ACO Y . 38.66 11.56 10.03
N6A ACO Y . 40.00 11.49 10.07
N7A ACO Y . 38.04 8.99 9.95
C8A ACO Y . 36.85 8.36 9.89
N9A ACO Y . 35.82 9.24 9.88
C1B ACO Y . 34.37 8.82 9.83
C2B ACO Y . 33.43 10.00 9.65
O2B ACO Y . 32.10 9.68 10.07
C3B ACO Y . 33.48 10.21 8.15
O3B ACO Y . 32.28 10.77 7.65
P3B ACO Y . 31.98 12.36 7.65
O7A ACO Y . 33.30 13.10 7.52
O8A ACO Y . 31.21 12.56 8.92
O9A ACO Y . 31.18 12.52 6.38
C4B ACO Y . 33.74 8.81 7.57
O4B ACO Y . 34.11 7.97 8.68
C5B ACO Y . 34.86 8.78 6.52
O5B ACO Y . 35.09 10.04 5.86
P1A ACO Y . 36.25 10.23 4.74
O1A ACO Y . 37.51 10.70 5.46
O2A ACO Y . 35.73 11.04 3.58
O3A ACO Y . 36.46 8.73 4.20
P2A ACO Y . 37.94 8.12 3.96
O4A ACO Y . 38.87 9.28 3.69
O5A ACO Y . 38.20 7.19 5.11
O6A ACO Y . 37.71 7.25 2.61
CBP ACO Y . 37.39 4.92 1.86
CCP ACO Y . 36.81 6.13 2.59
CDP ACO Y . 37.49 5.18 0.37
CEP ACO Y . 36.41 3.76 2.05
CAP ACO Y . 38.80 4.68 2.45
OAP ACO Y . 38.65 4.72 3.86
C9P ACO Y . 39.45 3.39 1.97
O9P ACO Y . 40.00 3.30 0.88
N8P ACO Y . 39.44 2.32 2.77
C7P ACO Y . 40.13 1.11 2.40
C6P ACO Y . 39.60 0.47 1.12
C5P ACO Y . 38.07 0.45 1.21
O5P ACO Y . 37.55 0.11 2.26
N4P ACO Y . 37.37 0.76 0.10
C3P ACO Y . 35.93 0.52 0.02
C2P ACO Y . 35.68 -0.92 -0.44
S1P ACO Y . 33.99 -1.27 -0.85
C ACO Y . 33.96 -0.61 -2.40
O ACO Y . 34.98 -0.42 -3.06
CH3 ACO Y . 32.63 -0.27 -2.98
N1A ACO Z . 3.14 -21.11 -11.27
C2A ACO Z . 3.42 -21.70 -10.10
N3A ACO Z . 4.06 -22.88 -10.01
C4A ACO Z . 4.46 -23.56 -11.12
C5A ACO Z . 4.18 -22.98 -12.44
C6A ACO Z . 3.47 -21.68 -12.46
N6A ACO Z . 3.17 -21.07 -13.62
N7A ACO Z . 4.70 -23.84 -13.36
C8A ACO Z . 5.25 -24.88 -12.68
N9A ACO Z . 5.11 -24.70 -11.34
C1B ACO Z . 5.58 -25.61 -10.29
C2B ACO Z . 4.78 -26.90 -10.37
O2B ACO Z . 3.48 -26.79 -9.78
C3B ACO Z . 5.68 -27.87 -9.63
O3B ACO Z . 5.20 -27.94 -8.29
P3B ACO Z . 5.60 -29.10 -7.26
O7A ACO Z . 6.56 -29.98 -8.03
O8A ACO Z . 4.27 -29.73 -6.95
O9A ACO Z . 6.23 -28.31 -6.13
C4B ACO Z . 7.09 -27.28 -9.71
O4B ACO Z . 6.97 -26.00 -10.38
C5B ACO Z . 8.06 -28.22 -10.43
O5B ACO Z . 7.93 -28.20 -11.86
P1A ACO Z . 8.98 -29.04 -12.74
O1A ACO Z . 8.36 -29.70 -13.96
O2A ACO Z . 9.80 -29.90 -11.79
O3A ACO Z . 9.99 -27.90 -13.21
P2A ACO Z . 10.19 -27.56 -14.75
O4A ACO Z . 10.67 -28.78 -15.52
O5A ACO Z . 8.98 -26.76 -15.15
O6A ACO Z . 11.45 -26.55 -14.66
CBP ACO Z . 12.39 -24.41 -15.30
CCP ACO Z . 11.27 -25.15 -14.59
CDP ACO Z . 13.70 -25.16 -15.13
CEP ACO Z . 12.53 -23.07 -14.57
CAP ACO Z . 12.06 -24.32 -16.82
OAP ACO Z . 10.77 -23.74 -17.10
C9P ACO Z . 13.11 -23.59 -17.65
O9P ACO Z . 13.70 -24.16 -18.55
N8P ACO Z . 13.47 -22.36 -17.30
C7P ACO Z . 14.77 -21.81 -17.63
C6P ACO Z . 15.59 -21.60 -16.36
C5P ACO Z . 15.13 -20.40 -15.53
O5P ACO Z . 13.96 -20.18 -15.30
N4P ACO Z . 16.06 -19.59 -15.08
C3P ACO Z . 15.67 -18.38 -14.37
C2P ACO Z . 16.78 -17.72 -13.58
S1P ACO Z . 17.68 -18.92 -12.66
C ACO Z . 19.02 -19.05 -13.68
O ACO Z . 19.30 -20.16 -14.05
CH3 ACO Z . 19.81 -17.84 -14.11
N1A ACO AA . 38.04 36.75 -31.02
C2A ACO AA . 37.55 36.35 -32.21
N3A ACO AA . 36.37 35.70 -32.34
C4A ACO AA . 35.59 35.41 -31.26
C5A ACO AA . 36.08 35.83 -29.92
C6A ACO AA . 37.38 36.54 -29.85
N6A ACO AA . 37.89 36.95 -28.66
N7A ACO AA . 35.14 35.44 -29.03
C8A ACO AA . 34.15 34.83 -29.72
N9A ACO AA . 34.41 34.81 -31.05
C1B ACO AA . 33.47 34.21 -32.06
C2B ACO AA . 33.27 35.17 -33.22
O2B ACO AA . 31.91 35.64 -33.19
C3B ACO AA . 33.64 34.40 -34.48
O3B ACO AA . 32.60 34.42 -35.48
P3B ACO AA . 32.23 35.72 -36.40
O7A ACO AA . 33.55 36.37 -36.77
O8A ACO AA . 31.38 36.58 -35.50
O9A ACO AA . 31.49 35.13 -37.57
C4B ACO AA . 33.97 32.97 -34.00
O4B ACO AA . 33.86 32.95 -32.58
C5B ACO AA . 35.38 32.46 -34.39
O5B ACO AA . 36.38 32.86 -33.43
P1A ACO AA . 37.80 32.09 -33.30
O1A ACO AA . 38.60 32.72 -32.20
O2A ACO AA . 38.34 31.98 -34.72
O3A ACO AA . 37.29 30.65 -32.79
P2A ACO AA . 37.96 29.65 -31.70
O4A ACO AA . 39.46 29.70 -31.71
O5A ACO AA . 37.17 29.73 -30.44
O6A ACO AA . 37.50 28.25 -32.38
CBP ACO AA . 36.23 26.23 -31.92
CCP ACO AA . 36.17 27.72 -32.26
CDP ACO AA . 36.92 25.48 -33.04
CEP ACO AA . 34.79 25.74 -31.80
CAP ACO AA . 36.99 26.07 -30.58
OAP ACO AA . 36.26 26.72 -29.53
C9P ACO AA . 37.19 24.64 -30.14
O9P ACO AA . 38.23 24.03 -30.40
N8P ACO AA . 36.21 24.13 -29.40
C7P ACO AA . 36.31 22.83 -28.77
C6P ACO AA . 35.74 21.68 -29.61
C5P ACO AA . 34.67 22.18 -30.56
O5P ACO AA . 33.76 22.94 -30.18
N4P ACO AA . 34.75 21.72 -31.80
C3P ACO AA . 33.75 22.01 -32.81
C2P ACO AA . 32.63 20.99 -32.70
S1P ACO AA . 31.84 20.78 -34.26
C ACO AA . 32.87 19.61 -34.89
O ACO AA . 33.78 19.94 -35.64
CH3 ACO AA . 32.66 18.17 -34.51
N1A ACO BA . 0.74 -4.96 -52.92
C2A ACO BA . 0.63 -3.99 -51.99
N3A ACO BA . 1.44 -2.91 -51.95
C4A ACO BA . 2.45 -2.70 -52.86
C5A ACO BA . 2.63 -3.73 -53.91
C6A ACO BA . 1.70 -4.90 -53.89
N6A ACO BA . 1.80 -5.89 -54.82
N7A ACO BA . 3.67 -3.31 -54.66
C8A ACO BA . 4.11 -2.14 -54.15
N9A ACO BA . 3.39 -1.76 -53.07
C1B ACO BA . 3.66 -0.48 -52.31
C2B ACO BA . 2.45 -0.01 -51.52
O2B ACO BA . 2.45 1.41 -51.44
C3B ACO BA . 2.63 -0.67 -50.15
O3B ACO BA . 2.22 0.18 -49.08
P3B ACO BA . 0.75 -0.05 -48.46
O7A ACO BA . 0.82 -1.42 -47.81
O8A ACO BA . -0.19 -0.02 -49.66
O9A ACO BA . 0.61 1.11 -47.49
C4B ACO BA . 4.10 -1.06 -50.08
O4B ACO BA . 4.69 -0.62 -51.31
C5B ACO BA . 4.28 -2.58 -50.00
O5B ACO BA . 5.00 -3.04 -48.86
P1A ACO BA . 5.73 -4.45 -49.09
O1A ACO BA . 4.79 -5.32 -49.93
O2A ACO BA . 6.25 -5.03 -47.79
O3A ACO BA . 6.93 -3.86 -50.00
P2A ACO BA . 8.25 -4.66 -50.41
O4A ACO BA . 7.91 -6.12 -50.28
O5A ACO BA . 8.79 -4.10 -51.72
O6A ACO BA . 9.26 -4.18 -49.23
CBP ACO BA . 11.25 -2.66 -49.38
CCP ACO BA . 9.73 -2.82 -49.16
CDP ACO BA . 12.00 -3.01 -48.09
CEP ACO BA . 11.55 -1.20 -49.73
CAP ACO BA . 11.65 -3.57 -50.56
OAP ACO BA . 11.21 -2.94 -51.76
C9P ACO BA . 13.13 -3.84 -50.68
O9P ACO BA . 13.71 -4.71 -50.02
N8P ACO BA . 13.76 -3.09 -51.57
C7P ACO BA . 15.18 -3.23 -51.81
C6P ACO BA . 15.98 -2.58 -50.69
C5P ACO BA . 15.37 -1.25 -50.29
O5P ACO BA . 14.90 -0.51 -51.15
N4P ACO BA . 15.43 -0.89 -49.00
C3P ACO BA . 15.17 0.46 -48.57
C2P ACO BA . 16.51 1.19 -48.49
S1P ACO BA . 16.68 2.09 -46.99
C ACO BA . 17.08 0.97 -45.77
O ACO BA . 17.52 -0.14 -46.00
CH3 ACO BA . 16.90 1.40 -44.36
#